data_4CW9
# 
_entry.id   4CW9 
# 
_audit_conform.dict_name       mmcif_pdbx.dic 
_audit_conform.dict_version    5.398 
_audit_conform.dict_location   http://mmcif.pdb.org/dictionaries/ascii/mmcif_pdbx.dic 
# 
loop_
_database_2.database_id 
_database_2.database_code 
_database_2.pdbx_database_accession 
_database_2.pdbx_DOI 
PDB   4CW9         pdb_00004cw9 10.2210/pdb4cw9/pdb 
PDBE  EBI-60185    ?            ?                   
WWPDB D_1290060185 ?            ?                   
# 
loop_
_pdbx_audit_revision_history.ordinal 
_pdbx_audit_revision_history.data_content_type 
_pdbx_audit_revision_history.major_revision 
_pdbx_audit_revision_history.minor_revision 
_pdbx_audit_revision_history.revision_date 
1 'Structure model' 1 0 2015-05-13 
2 'Structure model' 1 1 2016-03-02 
3 'Structure model' 1 2 2016-04-06 
4 'Structure model' 1 3 2023-12-20 
5 'Structure model' 1 4 2024-11-06 
# 
_pdbx_audit_revision_details.ordinal             1 
_pdbx_audit_revision_details.revision_ordinal    1 
_pdbx_audit_revision_details.data_content_type   'Structure model' 
_pdbx_audit_revision_details.provider            repository 
_pdbx_audit_revision_details.type                'Initial release' 
_pdbx_audit_revision_details.description         ? 
_pdbx_audit_revision_details.details             ? 
# 
loop_
_pdbx_audit_revision_group.ordinal 
_pdbx_audit_revision_group.revision_ordinal 
_pdbx_audit_revision_group.data_content_type 
_pdbx_audit_revision_group.group 
1 2 'Structure model' 'Database references'    
2 3 'Structure model' 'Database references'    
3 4 'Structure model' 'Data collection'        
4 4 'Structure model' 'Database references'    
5 4 'Structure model' Other                    
6 4 'Structure model' 'Refinement description' 
7 5 'Structure model' 'Structure summary'      
# 
loop_
_pdbx_audit_revision_category.ordinal 
_pdbx_audit_revision_category.revision_ordinal 
_pdbx_audit_revision_category.data_content_type 
_pdbx_audit_revision_category.category 
1 4 'Structure model' chem_comp_atom                
2 4 'Structure model' chem_comp_bond                
3 4 'Structure model' database_2                    
4 4 'Structure model' pdbx_database_status          
5 4 'Structure model' pdbx_initial_refinement_model 
6 5 'Structure model' pdbx_entry_details            
7 5 'Structure model' pdbx_modification_feature     
# 
loop_
_pdbx_audit_revision_item.ordinal 
_pdbx_audit_revision_item.revision_ordinal 
_pdbx_audit_revision_item.data_content_type 
_pdbx_audit_revision_item.item 
1 4 'Structure model' '_database_2.pdbx_DOI'                         
2 4 'Structure model' '_database_2.pdbx_database_accession'          
3 4 'Structure model' '_pdbx_database_status.status_code_sf'         
4 5 'Structure model' '_pdbx_entry_details.has_protein_modification' 
# 
_pdbx_database_status.status_code                     REL 
_pdbx_database_status.entry_id                        4CW9 
_pdbx_database_status.deposit_site                    PDBE 
_pdbx_database_status.process_site                    PDBE 
_pdbx_database_status.SG_entry                        . 
_pdbx_database_status.recvd_initial_deposition_date   2014-04-01 
_pdbx_database_status.pdb_format_compatible           Y 
_pdbx_database_status.status_code_sf                  REL 
_pdbx_database_status.status_code_mr                  ? 
_pdbx_database_status.status_code_cs                  ? 
_pdbx_database_status.methods_development_category    ? 
_pdbx_database_status.status_code_nmr_data            ? 
# 
loop_
_audit_author.name 
_audit_author.pdbx_ordinal 
'Parsonage, D.'  1 
'Kells, P.M.'    2 
'Vieira, D.F.'   3 
'Hirata, K.'     4 
'Debnath, A.'    5 
'Poole, L.B.'    6 
'McKerrow, J.H.' 7 
'Reed, S.L.'     8 
'Podust, L.M.'   9 
# 
_citation.id                        primary 
_citation.title                     
;X-Ray Structures of Thioredoxin and Thioredoxin Reductase from Entamoeba Histolytica and Prevailing Hypothesis of the Mechanism of Auranofin Action.
;
_citation.journal_abbrev            J.Struct.Biol. 
_citation.journal_volume            194 
_citation.page_first                180 
_citation.page_last                 ? 
_citation.year                      2016 
_citation.journal_id_ASTM           JSBIEM 
_citation.country                   US 
_citation.journal_id_ISSN           1047-8477 
_citation.journal_id_CSD            0803 
_citation.book_publisher            ? 
_citation.pdbx_database_id_PubMed   26876147 
_citation.pdbx_database_id_DOI      10.1016/J.JSB.2016.02.015 
# 
loop_
_citation_author.citation_id 
_citation_author.name 
_citation_author.ordinal 
_citation_author.identifier_ORCID 
primary 'Parsonage, D.'  1 ? 
primary 'Sheng, F.'      2 ? 
primary 'Hirata, K.'     3 ? 
primary 'Debnath, A.'    4 ? 
primary 'Mckerrow, J.H.' 5 ? 
primary 'Reed, S.L.'     6 ? 
primary 'Abagyan, R.'    7 ? 
primary 'Poole, L.B.'    8 ? 
primary 'Podust, L.M.'   9 ? 
# 
loop_
_entity.id 
_entity.type 
_entity.src_method 
_entity.pdbx_description 
_entity.formula_weight 
_entity.pdbx_number_of_molecules 
_entity.pdbx_ec 
_entity.pdbx_mutation 
_entity.pdbx_fragment 
_entity.details 
1 polymer man THIOREDOXIN 12457.250 2  ? YES ? 'DISULFIDE BOND BETWEEN CYS31 A AND CYS31 B' 
2 water   nat water       18.015    99 ? ?   ? ?                                            
# 
_entity_poly.entity_id                      1 
_entity_poly.type                           'polypeptide(L)' 
_entity_poly.nstd_linkage                   no 
_entity_poly.nstd_monomer                   no 
_entity_poly.pdbx_seq_one_letter_code       
;MAVLHINALDQLTALLSTEKVIVIDFFATWCGPSRSISPYFEELAGQYNNIKFVKVDVDQAEEICVNYKVRSMPTFVLVK
DGIEQKRFSGADRNALKQMVETAHHHHHH
;
_entity_poly.pdbx_seq_one_letter_code_can   
;MAVLHINALDQLTALLSTEKVIVIDFFATWCGPSRSISPYFEELAGQYNNIKFVKVDVDQAEEICVNYKVRSMPTFVLVK
DGIEQKRFSGADRNALKQMVETAHHHHHH
;
_entity_poly.pdbx_strand_id                 A,B 
_entity_poly.pdbx_target_identifier         ? 
# 
_pdbx_entity_nonpoly.entity_id   2 
_pdbx_entity_nonpoly.name        water 
_pdbx_entity_nonpoly.comp_id     HOH 
# 
loop_
_entity_poly_seq.entity_id 
_entity_poly_seq.num 
_entity_poly_seq.mon_id 
_entity_poly_seq.hetero 
1 1   MET n 
1 2   ALA n 
1 3   VAL n 
1 4   LEU n 
1 5   HIS n 
1 6   ILE n 
1 7   ASN n 
1 8   ALA n 
1 9   LEU n 
1 10  ASP n 
1 11  GLN n 
1 12  LEU n 
1 13  THR n 
1 14  ALA n 
1 15  LEU n 
1 16  LEU n 
1 17  SER n 
1 18  THR n 
1 19  GLU n 
1 20  LYS n 
1 21  VAL n 
1 22  ILE n 
1 23  VAL n 
1 24  ILE n 
1 25  ASP n 
1 26  PHE n 
1 27  PHE n 
1 28  ALA n 
1 29  THR n 
1 30  TRP n 
1 31  CYS n 
1 32  GLY n 
1 33  PRO n 
1 34  SER n 
1 35  ARG n 
1 36  SER n 
1 37  ILE n 
1 38  SER n 
1 39  PRO n 
1 40  TYR n 
1 41  PHE n 
1 42  GLU n 
1 43  GLU n 
1 44  LEU n 
1 45  ALA n 
1 46  GLY n 
1 47  GLN n 
1 48  TYR n 
1 49  ASN n 
1 50  ASN n 
1 51  ILE n 
1 52  LYS n 
1 53  PHE n 
1 54  VAL n 
1 55  LYS n 
1 56  VAL n 
1 57  ASP n 
1 58  VAL n 
1 59  ASP n 
1 60  GLN n 
1 61  ALA n 
1 62  GLU n 
1 63  GLU n 
1 64  ILE n 
1 65  CYS n 
1 66  VAL n 
1 67  ASN n 
1 68  TYR n 
1 69  LYS n 
1 70  VAL n 
1 71  ARG n 
1 72  SER n 
1 73  MET n 
1 74  PRO n 
1 75  THR n 
1 76  PHE n 
1 77  VAL n 
1 78  LEU n 
1 79  VAL n 
1 80  LYS n 
1 81  ASP n 
1 82  GLY n 
1 83  ILE n 
1 84  GLU n 
1 85  GLN n 
1 86  LYS n 
1 87  ARG n 
1 88  PHE n 
1 89  SER n 
1 90  GLY n 
1 91  ALA n 
1 92  ASP n 
1 93  ARG n 
1 94  ASN n 
1 95  ALA n 
1 96  LEU n 
1 97  LYS n 
1 98  GLN n 
1 99  MET n 
1 100 VAL n 
1 101 GLU n 
1 102 THR n 
1 103 ALA n 
1 104 HIS n 
1 105 HIS n 
1 106 HIS n 
1 107 HIS n 
1 108 HIS n 
1 109 HIS n 
# 
_entity_src_gen.entity_id                          1 
_entity_src_gen.pdbx_src_id                        1 
_entity_src_gen.pdbx_alt_source_flag               sample 
_entity_src_gen.pdbx_seq_type                      ? 
_entity_src_gen.pdbx_beg_seq_num                   ? 
_entity_src_gen.pdbx_end_seq_num                   ? 
_entity_src_gen.gene_src_common_name               ? 
_entity_src_gen.gene_src_genus                     ? 
_entity_src_gen.pdbx_gene_src_gene                 ? 
_entity_src_gen.gene_src_species                   ? 
_entity_src_gen.gene_src_strain                    ? 
_entity_src_gen.gene_src_tissue                    ? 
_entity_src_gen.gene_src_tissue_fraction           ? 
_entity_src_gen.gene_src_details                   ? 
_entity_src_gen.pdbx_gene_src_fragment             ? 
_entity_src_gen.pdbx_gene_src_scientific_name      'ENTAMOEBA HISTOLYTICA HM-3\:IMSS' 
_entity_src_gen.pdbx_gene_src_ncbi_taxonomy_id     885315 
_entity_src_gen.pdbx_gene_src_variant              ? 
_entity_src_gen.pdbx_gene_src_cell_line            ? 
_entity_src_gen.pdbx_gene_src_atcc                 ? 
_entity_src_gen.pdbx_gene_src_organ                ? 
_entity_src_gen.pdbx_gene_src_organelle            ? 
_entity_src_gen.pdbx_gene_src_cell                 ? 
_entity_src_gen.pdbx_gene_src_cellular_location    ? 
_entity_src_gen.host_org_common_name               ? 
_entity_src_gen.pdbx_host_org_scientific_name      'ESCHERICHIA COLI' 
_entity_src_gen.pdbx_host_org_ncbi_taxonomy_id     469008 
_entity_src_gen.host_org_genus                     ? 
_entity_src_gen.pdbx_host_org_gene                 ? 
_entity_src_gen.pdbx_host_org_organ                ? 
_entity_src_gen.host_org_species                   ? 
_entity_src_gen.pdbx_host_org_tissue               ? 
_entity_src_gen.pdbx_host_org_tissue_fraction      ? 
_entity_src_gen.pdbx_host_org_strain               'BL21(DE3)' 
_entity_src_gen.pdbx_host_org_variant              ? 
_entity_src_gen.pdbx_host_org_cell_line            ? 
_entity_src_gen.pdbx_host_org_atcc                 ? 
_entity_src_gen.pdbx_host_org_culture_collection   ? 
_entity_src_gen.pdbx_host_org_cell                 ? 
_entity_src_gen.pdbx_host_org_organelle            ? 
_entity_src_gen.pdbx_host_org_cellular_location    ? 
_entity_src_gen.pdbx_host_org_vector_type          PLASMID 
_entity_src_gen.pdbx_host_org_vector               PET 
_entity_src_gen.host_org_details                   ? 
_entity_src_gen.expression_system_id               ? 
_entity_src_gen.plasmid_name                       PET17B 
_entity_src_gen.plasmid_details                    ? 
_entity_src_gen.pdbx_description                   ? 
# 
loop_
_chem_comp.id 
_chem_comp.type 
_chem_comp.mon_nstd_flag 
_chem_comp.name 
_chem_comp.pdbx_synonyms 
_chem_comp.formula 
_chem_comp.formula_weight 
ALA 'L-peptide linking' y ALANINE         ? 'C3 H7 N O2'     89.093  
ARG 'L-peptide linking' y ARGININE        ? 'C6 H15 N4 O2 1' 175.209 
ASN 'L-peptide linking' y ASPARAGINE      ? 'C4 H8 N2 O3'    132.118 
ASP 'L-peptide linking' y 'ASPARTIC ACID' ? 'C4 H7 N O4'     133.103 
CYS 'L-peptide linking' y CYSTEINE        ? 'C3 H7 N O2 S'   121.158 
GLN 'L-peptide linking' y GLUTAMINE       ? 'C5 H10 N2 O3'   146.144 
GLU 'L-peptide linking' y 'GLUTAMIC ACID' ? 'C5 H9 N O4'     147.129 
GLY 'peptide linking'   y GLYCINE         ? 'C2 H5 N O2'     75.067  
HIS 'L-peptide linking' y HISTIDINE       ? 'C6 H10 N3 O2 1' 156.162 
HOH non-polymer         . WATER           ? 'H2 O'           18.015  
ILE 'L-peptide linking' y ISOLEUCINE      ? 'C6 H13 N O2'    131.173 
LEU 'L-peptide linking' y LEUCINE         ? 'C6 H13 N O2'    131.173 
LYS 'L-peptide linking' y LYSINE          ? 'C6 H15 N2 O2 1' 147.195 
MET 'L-peptide linking' y METHIONINE      ? 'C5 H11 N O2 S'  149.211 
PHE 'L-peptide linking' y PHENYLALANINE   ? 'C9 H11 N O2'    165.189 
PRO 'L-peptide linking' y PROLINE         ? 'C5 H9 N O2'     115.130 
SER 'L-peptide linking' y SERINE          ? 'C3 H7 N O3'     105.093 
THR 'L-peptide linking' y THREONINE       ? 'C4 H9 N O3'     119.119 
TRP 'L-peptide linking' y TRYPTOPHAN      ? 'C11 H12 N2 O2'  204.225 
TYR 'L-peptide linking' y TYROSINE        ? 'C9 H11 N O3'    181.189 
VAL 'L-peptide linking' y VALINE          ? 'C5 H11 N O2'    117.146 
# 
loop_
_pdbx_poly_seq_scheme.asym_id 
_pdbx_poly_seq_scheme.entity_id 
_pdbx_poly_seq_scheme.seq_id 
_pdbx_poly_seq_scheme.mon_id 
_pdbx_poly_seq_scheme.ndb_seq_num 
_pdbx_poly_seq_scheme.pdb_seq_num 
_pdbx_poly_seq_scheme.auth_seq_num 
_pdbx_poly_seq_scheme.pdb_mon_id 
_pdbx_poly_seq_scheme.auth_mon_id 
_pdbx_poly_seq_scheme.pdb_strand_id 
_pdbx_poly_seq_scheme.pdb_ins_code 
_pdbx_poly_seq_scheme.hetero 
A 1 1   MET 1   1   ?   ?   ?   A . n 
A 1 2   ALA 2   2   2   ALA ALA A . n 
A 1 3   VAL 3   3   3   VAL VAL A . n 
A 1 4   LEU 4   4   4   LEU LEU A . n 
A 1 5   HIS 5   5   5   HIS HIS A . n 
A 1 6   ILE 6   6   6   ILE ILE A . n 
A 1 7   ASN 7   7   7   ASN ASN A . n 
A 1 8   ALA 8   8   8   ALA ALA A . n 
A 1 9   LEU 9   9   9   LEU LEU A . n 
A 1 10  ASP 10  10  10  ASP ASP A . n 
A 1 11  GLN 11  11  11  GLN GLN A . n 
A 1 12  LEU 12  12  12  LEU LEU A . n 
A 1 13  THR 13  13  13  THR THR A . n 
A 1 14  ALA 14  14  14  ALA ALA A . n 
A 1 15  LEU 15  15  15  LEU LEU A . n 
A 1 16  LEU 16  16  16  LEU LEU A . n 
A 1 17  SER 17  17  17  SER SER A . n 
A 1 18  THR 18  18  18  THR THR A . n 
A 1 19  GLU 19  19  19  GLU GLU A . n 
A 1 20  LYS 20  20  20  LYS LYS A . n 
A 1 21  VAL 21  21  21  VAL VAL A . n 
A 1 22  ILE 22  22  22  ILE ILE A . n 
A 1 23  VAL 23  23  23  VAL VAL A . n 
A 1 24  ILE 24  24  24  ILE ILE A . n 
A 1 25  ASP 25  25  25  ASP ASP A . n 
A 1 26  PHE 26  26  26  PHE PHE A . n 
A 1 27  PHE 27  27  27  PHE PHE A . n 
A 1 28  ALA 28  28  28  ALA ALA A . n 
A 1 29  THR 29  29  29  THR THR A . n 
A 1 30  TRP 30  30  30  TRP TRP A . n 
A 1 31  CYS 31  31  31  CYS CYS A . n 
A 1 32  GLY 32  32  32  GLY GLY A . n 
A 1 33  PRO 33  33  33  PRO PRO A . n 
A 1 34  SER 34  34  34  SER SER A . n 
A 1 35  ARG 35  35  35  ARG ARG A . n 
A 1 36  SER 36  36  36  SER SER A . n 
A 1 37  ILE 37  37  37  ILE ILE A . n 
A 1 38  SER 38  38  38  SER SER A . n 
A 1 39  PRO 39  39  39  PRO PRO A . n 
A 1 40  TYR 40  40  40  TYR TYR A . n 
A 1 41  PHE 41  41  41  PHE PHE A . n 
A 1 42  GLU 42  42  42  GLU GLU A . n 
A 1 43  GLU 43  43  43  GLU GLU A . n 
A 1 44  LEU 44  44  44  LEU LEU A . n 
A 1 45  ALA 45  45  45  ALA ALA A . n 
A 1 46  GLY 46  46  46  GLY GLY A . n 
A 1 47  GLN 47  47  47  GLN GLN A . n 
A 1 48  TYR 48  48  48  TYR TYR A . n 
A 1 49  ASN 49  49  49  ASN ASN A . n 
A 1 50  ASN 50  50  50  ASN ASN A . n 
A 1 51  ILE 51  51  51  ILE ILE A . n 
A 1 52  LYS 52  52  52  LYS LYS A . n 
A 1 53  PHE 53  53  53  PHE PHE A . n 
A 1 54  VAL 54  54  54  VAL VAL A . n 
A 1 55  LYS 55  55  55  LYS LYS A . n 
A 1 56  VAL 56  56  56  VAL VAL A . n 
A 1 57  ASP 57  57  57  ASP ASP A . n 
A 1 58  VAL 58  58  58  VAL VAL A . n 
A 1 59  ASP 59  59  59  ASP ASP A . n 
A 1 60  GLN 60  60  60  GLN GLN A . n 
A 1 61  ALA 61  61  61  ALA ALA A . n 
A 1 62  GLU 62  62  62  GLU GLU A . n 
A 1 63  GLU 63  63  63  GLU GLU A . n 
A 1 64  ILE 64  64  64  ILE ILE A . n 
A 1 65  CYS 65  65  65  CYS CYS A . n 
A 1 66  VAL 66  66  66  VAL VAL A . n 
A 1 67  ASN 67  67  67  ASN ASN A . n 
A 1 68  TYR 68  68  68  TYR TYR A . n 
A 1 69  LYS 69  69  69  LYS LYS A . n 
A 1 70  VAL 70  70  70  VAL VAL A . n 
A 1 71  ARG 71  71  71  ARG ARG A . n 
A 1 72  SER 72  72  72  SER SER A . n 
A 1 73  MET 73  73  73  MET MET A . n 
A 1 74  PRO 74  74  74  PRO PRO A . n 
A 1 75  THR 75  75  75  THR THR A . n 
A 1 76  PHE 76  76  76  PHE PHE A . n 
A 1 77  VAL 77  77  77  VAL VAL A . n 
A 1 78  LEU 78  78  78  LEU LEU A . n 
A 1 79  VAL 79  79  79  VAL VAL A . n 
A 1 80  LYS 80  80  80  LYS LYS A . n 
A 1 81  ASP 81  81  81  ASP ASP A . n 
A 1 82  GLY 82  82  82  GLY GLY A . n 
A 1 83  ILE 83  83  83  ILE ILE A . n 
A 1 84  GLU 84  84  84  GLU GLU A . n 
A 1 85  GLN 85  85  85  GLN GLN A . n 
A 1 86  LYS 86  86  86  LYS LYS A . n 
A 1 87  ARG 87  87  87  ARG ARG A . n 
A 1 88  PHE 88  88  88  PHE PHE A . n 
A 1 89  SER 89  89  89  SER SER A . n 
A 1 90  GLY 90  90  90  GLY GLY A . n 
A 1 91  ALA 91  91  91  ALA ALA A . n 
A 1 92  ASP 92  92  92  ASP ASP A . n 
A 1 93  ARG 93  93  93  ARG ARG A . n 
A 1 94  ASN 94  94  94  ASN ASN A . n 
A 1 95  ALA 95  95  95  ALA ALA A . n 
A 1 96  LEU 96  96  96  LEU LEU A . n 
A 1 97  LYS 97  97  97  LYS LYS A . n 
A 1 98  GLN 98  98  98  GLN GLN A . n 
A 1 99  MET 99  99  99  MET MET A . n 
A 1 100 VAL 100 100 100 VAL VAL A . n 
A 1 101 GLU 101 101 101 GLU GLU A . n 
A 1 102 THR 102 102 102 THR THR A . n 
A 1 103 ALA 103 103 103 ALA ALA A . n 
A 1 104 HIS 104 104 ?   ?   ?   A . n 
A 1 105 HIS 105 105 ?   ?   ?   A . n 
A 1 106 HIS 106 106 ?   ?   ?   A . n 
A 1 107 HIS 107 107 ?   ?   ?   A . n 
A 1 108 HIS 108 108 ?   ?   ?   A . n 
A 1 109 HIS 109 109 ?   ?   ?   A . n 
B 1 1   MET 1   1   ?   ?   ?   B . n 
B 1 2   ALA 2   2   2   ALA ALA B . n 
B 1 3   VAL 3   3   3   VAL VAL B . n 
B 1 4   LEU 4   4   4   LEU LEU B . n 
B 1 5   HIS 5   5   5   HIS HIS B . n 
B 1 6   ILE 6   6   6   ILE ILE B . n 
B 1 7   ASN 7   7   7   ASN ASN B . n 
B 1 8   ALA 8   8   8   ALA ALA B . n 
B 1 9   LEU 9   9   9   LEU LEU B . n 
B 1 10  ASP 10  10  10  ASP ASP B . n 
B 1 11  GLN 11  11  11  GLN GLN B . n 
B 1 12  LEU 12  12  12  LEU LEU B . n 
B 1 13  THR 13  13  13  THR THR B . n 
B 1 14  ALA 14  14  14  ALA ALA B . n 
B 1 15  LEU 15  15  15  LEU LEU B . n 
B 1 16  LEU 16  16  16  LEU LEU B . n 
B 1 17  SER 17  17  17  SER SER B . n 
B 1 18  THR 18  18  18  THR THR B . n 
B 1 19  GLU 19  19  19  GLU GLU B . n 
B 1 20  LYS 20  20  20  LYS LYS B . n 
B 1 21  VAL 21  21  21  VAL VAL B . n 
B 1 22  ILE 22  22  22  ILE ILE B . n 
B 1 23  VAL 23  23  23  VAL VAL B . n 
B 1 24  ILE 24  24  24  ILE ILE B . n 
B 1 25  ASP 25  25  25  ASP ASP B . n 
B 1 26  PHE 26  26  26  PHE PHE B . n 
B 1 27  PHE 27  27  27  PHE PHE B . n 
B 1 28  ALA 28  28  28  ALA ALA B . n 
B 1 29  THR 29  29  29  THR THR B . n 
B 1 30  TRP 30  30  30  TRP TRP B . n 
B 1 31  CYS 31  31  31  CYS CYS B . n 
B 1 32  GLY 32  32  32  GLY GLY B . n 
B 1 33  PRO 33  33  33  PRO PRO B . n 
B 1 34  SER 34  34  34  SER SER B . n 
B 1 35  ARG 35  35  35  ARG ARG B . n 
B 1 36  SER 36  36  36  SER SER B . n 
B 1 37  ILE 37  37  37  ILE ILE B . n 
B 1 38  SER 38  38  38  SER SER B . n 
B 1 39  PRO 39  39  39  PRO PRO B . n 
B 1 40  TYR 40  40  40  TYR TYR B . n 
B 1 41  PHE 41  41  41  PHE PHE B . n 
B 1 42  GLU 42  42  42  GLU GLU B . n 
B 1 43  GLU 43  43  43  GLU GLU B . n 
B 1 44  LEU 44  44  44  LEU LEU B . n 
B 1 45  ALA 45  45  45  ALA ALA B . n 
B 1 46  GLY 46  46  46  GLY GLY B . n 
B 1 47  GLN 47  47  47  GLN GLN B . n 
B 1 48  TYR 48  48  48  TYR TYR B . n 
B 1 49  ASN 49  49  49  ASN ASN B . n 
B 1 50  ASN 50  50  50  ASN ASN B . n 
B 1 51  ILE 51  51  51  ILE ILE B . n 
B 1 52  LYS 52  52  52  LYS LYS B . n 
B 1 53  PHE 53  53  53  PHE PHE B . n 
B 1 54  VAL 54  54  54  VAL VAL B . n 
B 1 55  LYS 55  55  55  LYS LYS B . n 
B 1 56  VAL 56  56  56  VAL VAL B . n 
B 1 57  ASP 57  57  57  ASP ASP B . n 
B 1 58  VAL 58  58  58  VAL VAL B . n 
B 1 59  ASP 59  59  59  ASP ASP B . n 
B 1 60  GLN 60  60  60  GLN GLN B . n 
B 1 61  ALA 61  61  61  ALA ALA B . n 
B 1 62  GLU 62  62  62  GLU GLU B . n 
B 1 63  GLU 63  63  63  GLU GLU B . n 
B 1 64  ILE 64  64  64  ILE ILE B . n 
B 1 65  CYS 65  65  65  CYS CYS B . n 
B 1 66  VAL 66  66  66  VAL VAL B . n 
B 1 67  ASN 67  67  67  ASN ASN B . n 
B 1 68  TYR 68  68  68  TYR TYR B . n 
B 1 69  LYS 69  69  69  LYS LYS B . n 
B 1 70  VAL 70  70  70  VAL VAL B . n 
B 1 71  ARG 71  71  71  ARG ARG B . n 
B 1 72  SER 72  72  72  SER SER B . n 
B 1 73  MET 73  73  73  MET MET B . n 
B 1 74  PRO 74  74  74  PRO PRO B . n 
B 1 75  THR 75  75  75  THR THR B . n 
B 1 76  PHE 76  76  76  PHE PHE B . n 
B 1 77  VAL 77  77  77  VAL VAL B . n 
B 1 78  LEU 78  78  78  LEU LEU B . n 
B 1 79  VAL 79  79  79  VAL VAL B . n 
B 1 80  LYS 80  80  80  LYS LYS B . n 
B 1 81  ASP 81  81  81  ASP ASP B . n 
B 1 82  GLY 82  82  82  GLY GLY B . n 
B 1 83  ILE 83  83  83  ILE ILE B . n 
B 1 84  GLU 84  84  84  GLU GLU B . n 
B 1 85  GLN 85  85  85  GLN GLN B . n 
B 1 86  LYS 86  86  86  LYS LYS B . n 
B 1 87  ARG 87  87  87  ARG ARG B . n 
B 1 88  PHE 88  88  88  PHE PHE B . n 
B 1 89  SER 89  89  89  SER SER B . n 
B 1 90  GLY 90  90  90  GLY GLY B . n 
B 1 91  ALA 91  91  91  ALA ALA B . n 
B 1 92  ASP 92  92  92  ASP ASP B . n 
B 1 93  ARG 93  93  93  ARG ARG B . n 
B 1 94  ASN 94  94  94  ASN ASN B . n 
B 1 95  ALA 95  95  95  ALA ALA B . n 
B 1 96  LEU 96  96  96  LEU LEU B . n 
B 1 97  LYS 97  97  97  LYS LYS B . n 
B 1 98  GLN 98  98  98  GLN GLN B . n 
B 1 99  MET 99  99  99  MET MET B . n 
B 1 100 VAL 100 100 100 VAL VAL B . n 
B 1 101 GLU 101 101 101 GLU GLU B . n 
B 1 102 THR 102 102 102 THR THR B . n 
B 1 103 ALA 103 103 103 ALA ALA B . n 
B 1 104 HIS 104 104 104 HIS HIS B . n 
B 1 105 HIS 105 105 105 HIS HIS B . n 
B 1 106 HIS 106 106 ?   ?   ?   B . n 
B 1 107 HIS 107 107 ?   ?   ?   B . n 
B 1 108 HIS 108 108 ?   ?   ?   B . n 
B 1 109 HIS 109 109 ?   ?   ?   B . n 
# 
loop_
_pdbx_nonpoly_scheme.asym_id 
_pdbx_nonpoly_scheme.entity_id 
_pdbx_nonpoly_scheme.mon_id 
_pdbx_nonpoly_scheme.ndb_seq_num 
_pdbx_nonpoly_scheme.pdb_seq_num 
_pdbx_nonpoly_scheme.auth_seq_num 
_pdbx_nonpoly_scheme.pdb_mon_id 
_pdbx_nonpoly_scheme.auth_mon_id 
_pdbx_nonpoly_scheme.pdb_strand_id 
_pdbx_nonpoly_scheme.pdb_ins_code 
C 2 HOH 1  2001 2001 HOH HOH A . 
C 2 HOH 2  2002 2002 HOH HOH A . 
C 2 HOH 3  2003 2003 HOH HOH A . 
C 2 HOH 4  2004 2004 HOH HOH A . 
C 2 HOH 5  2005 2005 HOH HOH A . 
C 2 HOH 6  2006 2006 HOH HOH A . 
C 2 HOH 7  2007 2007 HOH HOH A . 
C 2 HOH 8  2008 2008 HOH HOH A . 
C 2 HOH 9  2009 2009 HOH HOH A . 
C 2 HOH 10 2010 2010 HOH HOH A . 
C 2 HOH 11 2011 2011 HOH HOH A . 
C 2 HOH 12 2012 2012 HOH HOH A . 
C 2 HOH 13 2013 2013 HOH HOH A . 
C 2 HOH 14 2014 2014 HOH HOH A . 
C 2 HOH 15 2015 2015 HOH HOH A . 
C 2 HOH 16 2016 2016 HOH HOH A . 
C 2 HOH 17 2017 2017 HOH HOH A . 
C 2 HOH 18 2018 2018 HOH HOH A . 
C 2 HOH 19 2019 2019 HOH HOH A . 
C 2 HOH 20 2020 2020 HOH HOH A . 
C 2 HOH 21 2021 2021 HOH HOH A . 
C 2 HOH 22 2022 2022 HOH HOH A . 
C 2 HOH 23 2023 2023 HOH HOH A . 
C 2 HOH 24 2024 2024 HOH HOH A . 
C 2 HOH 25 2025 2025 HOH HOH A . 
C 2 HOH 26 2026 2026 HOH HOH A . 
C 2 HOH 27 2027 2027 HOH HOH A . 
C 2 HOH 28 2028 2028 HOH HOH A . 
C 2 HOH 29 2029 2029 HOH HOH A . 
C 2 HOH 30 2030 2030 HOH HOH A . 
C 2 HOH 31 2031 2031 HOH HOH A . 
C 2 HOH 32 2032 2032 HOH HOH A . 
C 2 HOH 33 2033 2033 HOH HOH A . 
C 2 HOH 34 2034 2034 HOH HOH A . 
C 2 HOH 35 2035 2035 HOH HOH A . 
C 2 HOH 36 2036 2036 HOH HOH A . 
C 2 HOH 37 2037 2037 HOH HOH A . 
C 2 HOH 38 2038 2038 HOH HOH A . 
C 2 HOH 39 2039 2039 HOH HOH A . 
C 2 HOH 40 2040 2040 HOH HOH A . 
C 2 HOH 41 2041 2041 HOH HOH A . 
C 2 HOH 42 2042 2042 HOH HOH A . 
C 2 HOH 43 2043 2043 HOH HOH A . 
C 2 HOH 44 2044 2044 HOH HOH A . 
C 2 HOH 45 2045 2045 HOH HOH A . 
C 2 HOH 46 2046 2046 HOH HOH A . 
C 2 HOH 47 2047 2047 HOH HOH A . 
C 2 HOH 48 2048 2048 HOH HOH A . 
C 2 HOH 49 2049 2049 HOH HOH A . 
C 2 HOH 50 2050 2050 HOH HOH A . 
C 2 HOH 51 2051 2051 HOH HOH A . 
C 2 HOH 52 2052 2052 HOH HOH A . 
C 2 HOH 53 2053 2053 HOH HOH A . 
C 2 HOH 54 2054 2054 HOH HOH A . 
D 2 HOH 1  2001 2001 HOH HOH B . 
D 2 HOH 2  2002 2002 HOH HOH B . 
D 2 HOH 3  2003 2003 HOH HOH B . 
D 2 HOH 4  2004 2004 HOH HOH B . 
D 2 HOH 5  2005 2005 HOH HOH B . 
D 2 HOH 6  2006 2006 HOH HOH B . 
D 2 HOH 7  2007 2007 HOH HOH B . 
D 2 HOH 8  2008 2008 HOH HOH B . 
D 2 HOH 9  2009 2009 HOH HOH B . 
D 2 HOH 10 2010 2010 HOH HOH B . 
D 2 HOH 11 2011 2011 HOH HOH B . 
D 2 HOH 12 2012 2012 HOH HOH B . 
D 2 HOH 13 2013 2013 HOH HOH B . 
D 2 HOH 14 2014 2014 HOH HOH B . 
D 2 HOH 15 2015 2015 HOH HOH B . 
D 2 HOH 16 2016 2016 HOH HOH B . 
D 2 HOH 17 2017 2017 HOH HOH B . 
D 2 HOH 18 2018 2018 HOH HOH B . 
D 2 HOH 19 2019 2019 HOH HOH B . 
D 2 HOH 20 2020 2020 HOH HOH B . 
D 2 HOH 21 2021 2021 HOH HOH B . 
D 2 HOH 22 2022 2022 HOH HOH B . 
D 2 HOH 23 2023 2023 HOH HOH B . 
D 2 HOH 24 2024 2024 HOH HOH B . 
D 2 HOH 25 2025 2025 HOH HOH B . 
D 2 HOH 26 2026 2026 HOH HOH B . 
D 2 HOH 27 2027 2027 HOH HOH B . 
D 2 HOH 28 2028 2028 HOH HOH B . 
D 2 HOH 29 2029 2029 HOH HOH B . 
D 2 HOH 30 2030 2030 HOH HOH B . 
D 2 HOH 31 2031 2031 HOH HOH B . 
D 2 HOH 32 2032 2032 HOH HOH B . 
D 2 HOH 33 2033 2033 HOH HOH B . 
D 2 HOH 34 2034 2034 HOH HOH B . 
D 2 HOH 35 2035 2035 HOH HOH B . 
D 2 HOH 36 2036 2036 HOH HOH B . 
D 2 HOH 37 2037 2037 HOH HOH B . 
D 2 HOH 38 2038 2038 HOH HOH B . 
D 2 HOH 39 2039 2039 HOH HOH B . 
D 2 HOH 40 2040 2040 HOH HOH B . 
D 2 HOH 41 2041 2041 HOH HOH B . 
D 2 HOH 42 2042 2042 HOH HOH B . 
D 2 HOH 43 2043 2043 HOH HOH B . 
D 2 HOH 44 2044 2044 HOH HOH B . 
D 2 HOH 45 2045 2045 HOH HOH B . 
# 
loop_
_pdbx_unobs_or_zero_occ_atoms.id 
_pdbx_unobs_or_zero_occ_atoms.PDB_model_num 
_pdbx_unobs_or_zero_occ_atoms.polymer_flag 
_pdbx_unobs_or_zero_occ_atoms.occupancy_flag 
_pdbx_unobs_or_zero_occ_atoms.auth_asym_id 
_pdbx_unobs_or_zero_occ_atoms.auth_comp_id 
_pdbx_unobs_or_zero_occ_atoms.auth_seq_id 
_pdbx_unobs_or_zero_occ_atoms.PDB_ins_code 
_pdbx_unobs_or_zero_occ_atoms.auth_atom_id 
_pdbx_unobs_or_zero_occ_atoms.label_alt_id 
_pdbx_unobs_or_zero_occ_atoms.label_asym_id 
_pdbx_unobs_or_zero_occ_atoms.label_comp_id 
_pdbx_unobs_or_zero_occ_atoms.label_seq_id 
_pdbx_unobs_or_zero_occ_atoms.label_atom_id 
1  1 Y 1 A ARG 35 ? NE  ? A ARG 35 NE  
2  1 Y 1 A ARG 35 ? CZ  ? A ARG 35 CZ  
3  1 Y 1 A ARG 35 ? NH1 ? A ARG 35 NH1 
4  1 Y 1 A ARG 35 ? NH2 ? A ARG 35 NH2 
5  1 Y 1 A LYS 69 ? CE  ? A LYS 69 CE  
6  1 Y 1 A LYS 69 ? NZ  ? A LYS 69 NZ  
7  1 Y 1 A LYS 80 ? CG  ? A LYS 80 CG  
8  1 Y 1 A LYS 80 ? CD  ? A LYS 80 CD  
9  1 Y 1 A LYS 80 ? CE  ? A LYS 80 CE  
10 1 Y 1 A LYS 80 ? NZ  ? A LYS 80 NZ  
11 1 Y 1 B GLU 62 ? CG  ? B GLU 62 CG  
12 1 Y 1 B GLU 62 ? CD  ? B GLU 62 CD  
13 1 Y 1 B GLU 62 ? OE1 ? B GLU 62 OE1 
14 1 Y 1 B GLU 62 ? OE2 ? B GLU 62 OE2 
15 1 Y 1 B LYS 97 ? CG  ? B LYS 97 CG  
16 1 Y 1 B LYS 97 ? CD  ? B LYS 97 CD  
17 1 Y 1 B LYS 97 ? CE  ? B LYS 97 CE  
18 1 Y 1 B LYS 97 ? NZ  ? B LYS 97 NZ  
# 
loop_
_software.name 
_software.classification 
_software.version 
_software.citation_id 
_software.pdbx_ordinal 
REFMAC refinement       5.7.0032 ? 1 
MOSFLM 'data reduction' .        ? 2 
SCALA  'data scaling'   .        ? 3 
MOLREP phasing          .        ? 4 
# 
_cell.entry_id           4CW9 
_cell.length_a           35.457 
_cell.length_b           47.954 
_cell.length_c           117.385 
_cell.angle_alpha        90.00 
_cell.angle_beta         90.00 
_cell.angle_gamma        90.00 
_cell.Z_PDB              8 
_cell.pdbx_unique_axis   ? 
# 
_symmetry.entry_id                         4CW9 
_symmetry.space_group_name_H-M             'P 21 21 21' 
_symmetry.pdbx_full_space_group_name_H-M   ? 
_symmetry.cell_setting                     ? 
_symmetry.Int_Tables_number                19 
# 
_exptl.entry_id          4CW9 
_exptl.method            'X-RAY DIFFRACTION' 
_exptl.crystals_number   1 
# 
_exptl_crystal.id                    1 
_exptl_crystal.density_meas          ? 
_exptl_crystal.density_Matthews      2.77 
_exptl_crystal.density_percent_sol   55.6 
_exptl_crystal.description           NONE 
# 
_exptl_crystal_grow.crystal_id      1 
_exptl_crystal_grow.method          ? 
_exptl_crystal_grow.temp            ? 
_exptl_crystal_grow.temp_details    ? 
_exptl_crystal_grow.pH              5.5 
_exptl_crystal_grow.pdbx_pH_range   ? 
_exptl_crystal_grow.pdbx_details    '0.2 M NACL, 25% PEG 3350 O.1 M BIS-TRIS, PH 5.5' 
# 
_diffrn.id                     1 
_diffrn.ambient_temp           110 
_diffrn.ambient_temp_details   ? 
_diffrn.crystal_id             1 
# 
_diffrn_detector.diffrn_id              1 
_diffrn_detector.detector               CCD 
_diffrn_detector.type                   MARRESEARCH 
_diffrn_detector.pdbx_collection_date   2014-03-26 
_diffrn_detector.details                MIRRORS 
# 
_diffrn_radiation.diffrn_id                        1 
_diffrn_radiation.wavelength_id                    1 
_diffrn_radiation.pdbx_monochromatic_or_laue_m_l   M 
_diffrn_radiation.monochromator                    'SI (111)' 
_diffrn_radiation.pdbx_diffrn_protocol             'SINGLE WAVELENGTH' 
_diffrn_radiation.pdbx_scattering_type             x-ray 
# 
_diffrn_radiation_wavelength.id           1 
_diffrn_radiation_wavelength.wavelength   1.11587 
_diffrn_radiation_wavelength.wt           1.0 
# 
_diffrn_source.diffrn_id                   1 
_diffrn_source.source                      SYNCHROTRON 
_diffrn_source.type                        'ALS BEAMLINE 8.3.1' 
_diffrn_source.pdbx_synchrotron_site       ALS 
_diffrn_source.pdbx_synchrotron_beamline   8.3.1 
_diffrn_source.pdbx_wavelength             1.11587 
_diffrn_source.pdbx_wavelength_list        ? 
# 
_reflns.pdbx_diffrn_id               1 
_reflns.pdbx_ordinal                 1 
_reflns.entry_id                     4CW9 
_reflns.observed_criterion_sigma_I   0.5 
_reflns.observed_criterion_sigma_F   ? 
_reflns.d_resolution_low             47.95 
_reflns.d_resolution_high            1.84 
_reflns.number_obs                   14832 
_reflns.number_all                   ? 
_reflns.percent_possible_obs         82.3 
_reflns.pdbx_Rmerge_I_obs            0.04 
_reflns.pdbx_Rsym_value              ? 
_reflns.pdbx_netI_over_sigmaI        14.10 
_reflns.B_iso_Wilson_estimate        32.4 
_reflns.pdbx_redundancy              3.5 
# 
_reflns_shell.pdbx_diffrn_id         1 
_reflns_shell.pdbx_ordinal           1 
_reflns_shell.d_res_high             1.84 
_reflns_shell.d_res_low              1.94 
_reflns_shell.percent_possible_all   40.7 
_reflns_shell.Rmerge_I_obs           0.36 
_reflns_shell.pdbx_Rsym_value        ? 
_reflns_shell.meanI_over_sigI_obs    1.90 
_reflns_shell.pdbx_redundancy        2.4 
# 
_refine.pdbx_refine_id                           'X-RAY DIFFRACTION' 
_refine.entry_id                                 4CW9 
_refine.pdbx_diffrn_id                           1 
_refine.pdbx_TLS_residual_ADP_flag               ? 
_refine.ls_number_reflns_obs                     14028 
_refine.ls_number_reflns_all                     ? 
_refine.pdbx_ls_sigma_I                          ? 
_refine.pdbx_ls_sigma_F                          . 
_refine.pdbx_data_cutoff_high_absF               ? 
_refine.pdbx_data_cutoff_low_absF                ? 
_refine.pdbx_data_cutoff_high_rms_absF           ? 
_refine.ls_d_res_low                             44.43 
_refine.ls_d_res_high                            1.84 
_refine.ls_percent_reflns_obs                    81.70 
_refine.ls_R_factor_obs                          0.19391 
_refine.ls_R_factor_all                          ? 
_refine.ls_R_factor_R_work                       0.19009 
_refine.ls_R_factor_R_free                       0.26920 
_refine.ls_R_factor_R_free_error                 ? 
_refine.ls_R_factor_R_free_error_details         ? 
_refine.ls_percent_reflns_R_free                 5.1 
_refine.ls_number_reflns_R_free                  753 
_refine.ls_number_parameters                     ? 
_refine.ls_number_restraints                     ? 
_refine.occupancy_min                            ? 
_refine.occupancy_max                            ? 
_refine.correlation_coeff_Fo_to_Fc               0.961 
_refine.correlation_coeff_Fo_to_Fc_free          0.923 
_refine.B_iso_mean                               35.297 
_refine.aniso_B[1][1]                            1.53 
_refine.aniso_B[2][2]                            -1.01 
_refine.aniso_B[3][3]                            -0.52 
_refine.aniso_B[1][2]                            0.00 
_refine.aniso_B[1][3]                            0.00 
_refine.aniso_B[2][3]                            0.00 
_refine.solvent_model_details                    MASK 
_refine.solvent_model_param_ksol                 ? 
_refine.solvent_model_param_bsol                 ? 
_refine.pdbx_solvent_vdw_probe_radii             1.20 
_refine.pdbx_solvent_ion_probe_radii             0.80 
_refine.pdbx_solvent_shrinkage_radii             0.80 
_refine.pdbx_ls_cross_valid_method               THROUGHOUT 
_refine.details                                  'HYDROGENS HAVE BEEN ADDED IN THE RIDING POSITIONS.' 
_refine.pdbx_starting_model                      'PDB ENTRY 2VIM' 
_refine.pdbx_method_to_determine_struct          'MOLECULAR REPLACEMENT' 
_refine.pdbx_isotropic_thermal_model             ? 
_refine.pdbx_stereochemistry_target_values       'MAXIMUM LIKELIHOOD' 
_refine.pdbx_stereochem_target_val_spec_case     ? 
_refine.pdbx_R_Free_selection_details            RANDOM 
_refine.pdbx_overall_ESU_R                       0.189 
_refine.pdbx_overall_ESU_R_Free                  0.190 
_refine.overall_SU_ML                            0.136 
_refine.pdbx_overall_phase_error                 ? 
_refine.overall_SU_B                             4.880 
_refine.overall_SU_R_Cruickshank_DPI             ? 
_refine.pdbx_overall_SU_R_free_Cruickshank_DPI   ? 
_refine.pdbx_overall_SU_R_Blow_DPI               ? 
_refine.pdbx_overall_SU_R_free_Blow_DPI          ? 
# 
_refine_hist.pdbx_refine_id                   'X-RAY DIFFRACTION' 
_refine_hist.cycle_id                         LAST 
_refine_hist.pdbx_number_atoms_protein        1616 
_refine_hist.pdbx_number_atoms_nucleic_acid   0 
_refine_hist.pdbx_number_atoms_ligand         0 
_refine_hist.number_atoms_solvent             99 
_refine_hist.number_atoms_total               1715 
_refine_hist.d_res_high                       1.84 
_refine_hist.d_res_low                        44.43 
# 
loop_
_refine_ls_restr.type 
_refine_ls_restr.dev_ideal 
_refine_ls_restr.dev_ideal_target 
_refine_ls_restr.weight 
_refine_ls_restr.number 
_refine_ls_restr.pdbx_refine_id 
_refine_ls_restr.pdbx_restraint_function 
r_bond_refined_d             0.017  0.019  ? 1677 'X-RAY DIFFRACTION' ? 
r_bond_other_d               0.001  0.020  ? 1607 'X-RAY DIFFRACTION' ? 
r_angle_refined_deg          1.783  1.948  ? 2278 'X-RAY DIFFRACTION' ? 
r_angle_other_deg            0.878  3.001  ? 3686 'X-RAY DIFFRACTION' ? 
r_dihedral_angle_1_deg       6.580  5.000  ? 210  'X-RAY DIFFRACTION' ? 
r_dihedral_angle_2_deg       35.510 25.065 ? 77   'X-RAY DIFFRACTION' ? 
r_dihedral_angle_3_deg       18.080 15.000 ? 291  'X-RAY DIFFRACTION' ? 
r_dihedral_angle_4_deg       24.239 15.000 ? 7    'X-RAY DIFFRACTION' ? 
r_chiral_restr               0.102  0.200  ? 263  'X-RAY DIFFRACTION' ? 
r_gen_planes_refined         0.008  0.020  ? 1912 'X-RAY DIFFRACTION' ? 
r_gen_planes_other           0.001  0.020  ? 383  'X-RAY DIFFRACTION' ? 
r_nbd_refined                ?      ?      ? ?    'X-RAY DIFFRACTION' ? 
r_nbd_other                  ?      ?      ? ?    'X-RAY DIFFRACTION' ? 
r_nbtor_refined              ?      ?      ? ?    'X-RAY DIFFRACTION' ? 
r_nbtor_other                ?      ?      ? ?    'X-RAY DIFFRACTION' ? 
r_xyhbond_nbd_refined        ?      ?      ? ?    'X-RAY DIFFRACTION' ? 
r_xyhbond_nbd_other          ?      ?      ? ?    'X-RAY DIFFRACTION' ? 
r_metal_ion_refined          ?      ?      ? ?    'X-RAY DIFFRACTION' ? 
r_metal_ion_other            ?      ?      ? ?    'X-RAY DIFFRACTION' ? 
r_symmetry_vdw_refined       ?      ?      ? ?    'X-RAY DIFFRACTION' ? 
r_symmetry_vdw_other         ?      ?      ? ?    'X-RAY DIFFRACTION' ? 
r_symmetry_hbond_refined     ?      ?      ? ?    'X-RAY DIFFRACTION' ? 
r_symmetry_hbond_other       ?      ?      ? ?    'X-RAY DIFFRACTION' ? 
r_symmetry_metal_ion_refined ?      ?      ? ?    'X-RAY DIFFRACTION' ? 
r_symmetry_metal_ion_other   ?      ?      ? ?    'X-RAY DIFFRACTION' ? 
r_mcbond_it                  3.099  3.327  ? 837  'X-RAY DIFFRACTION' ? 
r_mcbond_other               3.093  3.321  ? 836  'X-RAY DIFFRACTION' ? 
r_mcangle_it                 4.412  4.966  ? 1048 'X-RAY DIFFRACTION' ? 
r_mcangle_other              ?      ?      ? ?    'X-RAY DIFFRACTION' ? 
r_scbond_it                  4.245  3.770  ? 840  'X-RAY DIFFRACTION' ? 
r_scbond_other               ?      ?      ? ?    'X-RAY DIFFRACTION' ? 
r_scangle_it                 ?      ?      ? ?    'X-RAY DIFFRACTION' ? 
r_scangle_other              ?      ?      ? ?    'X-RAY DIFFRACTION' ? 
r_long_range_B_refined       ?      ?      ? ?    'X-RAY DIFFRACTION' ? 
r_long_range_B_other         ?      ?      ? ?    'X-RAY DIFFRACTION' ? 
r_rigid_bond_restr           ?      ?      ? ?    'X-RAY DIFFRACTION' ? 
r_sphericity_free            ?      ?      ? ?    'X-RAY DIFFRACTION' ? 
r_sphericity_bonded          ?      ?      ? ?    'X-RAY DIFFRACTION' ? 
# 
_refine_ls_shell.pdbx_refine_id                   'X-RAY DIFFRACTION' 
_refine_ls_shell.pdbx_total_number_of_bins_used   20 
_refine_ls_shell.d_res_high                       1.840 
_refine_ls_shell.d_res_low                        1.888 
_refine_ls_shell.number_reflns_R_work             441 
_refine_ls_shell.R_factor_R_work                  0.369 
_refine_ls_shell.percent_reflns_obs               35.37 
_refine_ls_shell.R_factor_R_free                  0.366 
_refine_ls_shell.R_factor_R_free_error            ? 
_refine_ls_shell.percent_reflns_R_free            ? 
_refine_ls_shell.number_reflns_R_free             23 
_refine_ls_shell.number_reflns_all                ? 
_refine_ls_shell.R_factor_all                     ? 
# 
_struct.entry_id                  4CW9 
_struct.title                     'Entamoeba histolytica thiredoxin C34S mutant' 
_struct.pdbx_model_details        ? 
_struct.pdbx_CASP_flag            ? 
_struct.pdbx_model_type_details   ? 
# 
_struct_keywords.entry_id        4CW9 
_struct_keywords.pdbx_keywords   OXIDOREDUCTASE 
_struct_keywords.text            OXIDOREDUCTASE 
# 
loop_
_struct_asym.id 
_struct_asym.pdbx_blank_PDB_chainid_flag 
_struct_asym.pdbx_modified 
_struct_asym.entity_id 
_struct_asym.details 
A N N 1 ? 
B N N 1 ? 
C N N 2 ? 
D N N 2 ? 
# 
_struct_ref.id                         1 
_struct_ref.db_name                    UNP 
_struct_ref.db_code                    C4LYR0_ENTHI 
_struct_ref.entity_id                  1 
_struct_ref.pdbx_seq_one_letter_code   ? 
_struct_ref.pdbx_align_begin           ? 
_struct_ref.pdbx_db_accession          C4LYR0 
_struct_ref.pdbx_db_isoform            ? 
# 
loop_
_struct_ref_seq.align_id 
_struct_ref_seq.ref_id 
_struct_ref_seq.pdbx_PDB_id_code 
_struct_ref_seq.pdbx_strand_id 
_struct_ref_seq.seq_align_beg 
_struct_ref_seq.pdbx_seq_align_beg_ins_code 
_struct_ref_seq.seq_align_end 
_struct_ref_seq.pdbx_seq_align_end_ins_code 
_struct_ref_seq.pdbx_db_accession 
_struct_ref_seq.db_align_beg 
_struct_ref_seq.pdbx_db_align_beg_ins_code 
_struct_ref_seq.db_align_end 
_struct_ref_seq.pdbx_db_align_end_ins_code 
_struct_ref_seq.pdbx_auth_seq_align_beg 
_struct_ref_seq.pdbx_auth_seq_align_end 
1 1 4CW9 A 1 ? 103 ? C4LYR0 1 ? 103 ? 1 103 
2 1 4CW9 B 1 ? 103 ? C4LYR0 1 ? 103 ? 1 103 
# 
loop_
_struct_ref_seq_dif.align_id 
_struct_ref_seq_dif.pdbx_pdb_id_code 
_struct_ref_seq_dif.mon_id 
_struct_ref_seq_dif.pdbx_pdb_strand_id 
_struct_ref_seq_dif.seq_num 
_struct_ref_seq_dif.pdbx_pdb_ins_code 
_struct_ref_seq_dif.pdbx_seq_db_name 
_struct_ref_seq_dif.pdbx_seq_db_accession_code 
_struct_ref_seq_dif.db_mon_id 
_struct_ref_seq_dif.pdbx_seq_db_seq_num 
_struct_ref_seq_dif.details 
_struct_ref_seq_dif.pdbx_auth_seq_num 
_struct_ref_seq_dif.pdbx_ordinal 
1 4CW9 HIS A 104 ? UNP C4LYR0 ?   ?  'expression tag'      104 1  
1 4CW9 HIS A 105 ? UNP C4LYR0 ?   ?  'expression tag'      105 2  
1 4CW9 HIS A 106 ? UNP C4LYR0 ?   ?  'expression tag'      106 3  
1 4CW9 HIS A 107 ? UNP C4LYR0 ?   ?  'expression tag'      107 4  
1 4CW9 HIS A 108 ? UNP C4LYR0 ?   ?  'expression tag'      108 5  
1 4CW9 HIS A 109 ? UNP C4LYR0 ?   ?  'expression tag'      109 6  
1 4CW9 SER A 34  ? UNP C4LYR0 CYS 34 'engineered mutation' 34  7  
2 4CW9 HIS B 104 ? UNP C4LYR0 ?   ?  'expression tag'      104 8  
2 4CW9 HIS B 105 ? UNP C4LYR0 ?   ?  'expression tag'      105 9  
2 4CW9 HIS B 106 ? UNP C4LYR0 ?   ?  'expression tag'      106 10 
2 4CW9 HIS B 107 ? UNP C4LYR0 ?   ?  'expression tag'      107 11 
2 4CW9 HIS B 108 ? UNP C4LYR0 ?   ?  'expression tag'      108 12 
2 4CW9 HIS B 109 ? UNP C4LYR0 ?   ?  'expression tag'      109 13 
2 4CW9 SER B 34  ? UNP C4LYR0 CYS 34 'engineered mutation' 34  14 
# 
_pdbx_struct_assembly.id                   1 
_pdbx_struct_assembly.details              author_and_software_defined_assembly 
_pdbx_struct_assembly.method_details       PISA 
_pdbx_struct_assembly.oligomeric_details   dimeric 
_pdbx_struct_assembly.oligomeric_count     2 
# 
loop_
_pdbx_struct_assembly_prop.biol_id 
_pdbx_struct_assembly_prop.type 
_pdbx_struct_assembly_prop.value 
_pdbx_struct_assembly_prop.details 
1 'ABSA (A^2)' 600   ? 
1 MORE         -6.4  ? 
1 'SSA (A^2)'  10510 ? 
# 
_pdbx_struct_assembly_gen.assembly_id       1 
_pdbx_struct_assembly_gen.oper_expression   1 
_pdbx_struct_assembly_gen.asym_id_list      A,B,C,D 
# 
_pdbx_struct_oper_list.id                   1 
_pdbx_struct_oper_list.type                 'identity operation' 
_pdbx_struct_oper_list.name                 1_555 
_pdbx_struct_oper_list.symmetry_operation   x,y,z 
_pdbx_struct_oper_list.matrix[1][1]         1.0000000000 
_pdbx_struct_oper_list.matrix[1][2]         0.0000000000 
_pdbx_struct_oper_list.matrix[1][3]         0.0000000000 
_pdbx_struct_oper_list.vector[1]            0.0000000000 
_pdbx_struct_oper_list.matrix[2][1]         0.0000000000 
_pdbx_struct_oper_list.matrix[2][2]         1.0000000000 
_pdbx_struct_oper_list.matrix[2][3]         0.0000000000 
_pdbx_struct_oper_list.vector[2]            0.0000000000 
_pdbx_struct_oper_list.matrix[3][1]         0.0000000000 
_pdbx_struct_oper_list.matrix[3][2]         0.0000000000 
_pdbx_struct_oper_list.matrix[3][3]         1.0000000000 
_pdbx_struct_oper_list.vector[3]            0.0000000000 
# 
_struct_biol.id   1 
# 
loop_
_struct_conf.conf_type_id 
_struct_conf.id 
_struct_conf.pdbx_PDB_helix_id 
_struct_conf.beg_label_comp_id 
_struct_conf.beg_label_asym_id 
_struct_conf.beg_label_seq_id 
_struct_conf.pdbx_beg_PDB_ins_code 
_struct_conf.end_label_comp_id 
_struct_conf.end_label_asym_id 
_struct_conf.end_label_seq_id 
_struct_conf.pdbx_end_PDB_ins_code 
_struct_conf.beg_auth_comp_id 
_struct_conf.beg_auth_asym_id 
_struct_conf.beg_auth_seq_id 
_struct_conf.end_auth_comp_id 
_struct_conf.end_auth_asym_id 
_struct_conf.end_auth_seq_id 
_struct_conf.pdbx_PDB_helix_class 
_struct_conf.details 
_struct_conf.pdbx_PDB_helix_length 
HELX_P HELX_P1 1 ALA A 8  ? GLU A 19  ? ALA A 8  GLU A 19  1 ? 12 
HELX_P HELX_P2 2 ILE A 37 ? TYR A 48  ? ILE A 37 TYR A 48  1 ? 12 
HELX_P HELX_P3 3 ALA A 61 ? LYS A 69  ? ALA A 61 LYS A 69  1 ? 9  
HELX_P HELX_P4 4 ASP A 92 ? THR A 102 ? ASP A 92 THR A 102 1 ? 11 
HELX_P HELX_P5 5 ALA B 8  ? SER B 17  ? ALA B 8  SER B 17  1 ? 10 
HELX_P HELX_P6 6 CYS B 31 ? TYR B 48  ? CYS B 31 TYR B 48  1 ? 18 
HELX_P HELX_P7 7 ALA B 61 ? LYS B 69  ? ALA B 61 LYS B 69  1 ? 9  
HELX_P HELX_P8 8 ASP B 92 ? THR B 102 ? ASP B 92 THR B 102 1 ? 11 
# 
_struct_conf_type.id          HELX_P 
_struct_conf_type.criteria    ? 
_struct_conf_type.reference   ? 
# 
_struct_conn.id                            disulf1 
_struct_conn.conn_type_id                  disulf 
_struct_conn.pdbx_leaving_atom_flag        ? 
_struct_conn.pdbx_PDB_id                   ? 
_struct_conn.ptnr1_label_asym_id           A 
_struct_conn.ptnr1_label_comp_id           CYS 
_struct_conn.ptnr1_label_seq_id            31 
_struct_conn.ptnr1_label_atom_id           SG 
_struct_conn.pdbx_ptnr1_label_alt_id       ? 
_struct_conn.pdbx_ptnr1_PDB_ins_code       ? 
_struct_conn.pdbx_ptnr1_standard_comp_id   ? 
_struct_conn.ptnr1_symmetry                1_555 
_struct_conn.ptnr2_label_asym_id           B 
_struct_conn.ptnr2_label_comp_id           CYS 
_struct_conn.ptnr2_label_seq_id            31 
_struct_conn.ptnr2_label_atom_id           SG 
_struct_conn.pdbx_ptnr2_label_alt_id       ? 
_struct_conn.pdbx_ptnr2_PDB_ins_code       ? 
_struct_conn.ptnr1_auth_asym_id            A 
_struct_conn.ptnr1_auth_comp_id            CYS 
_struct_conn.ptnr1_auth_seq_id             31 
_struct_conn.ptnr2_auth_asym_id            B 
_struct_conn.ptnr2_auth_comp_id            CYS 
_struct_conn.ptnr2_auth_seq_id             31 
_struct_conn.ptnr2_symmetry                1_555 
_struct_conn.pdbx_ptnr3_label_atom_id      ? 
_struct_conn.pdbx_ptnr3_label_seq_id       ? 
_struct_conn.pdbx_ptnr3_label_comp_id      ? 
_struct_conn.pdbx_ptnr3_label_asym_id      ? 
_struct_conn.pdbx_ptnr3_label_alt_id       ? 
_struct_conn.pdbx_ptnr3_PDB_ins_code       ? 
_struct_conn.details                       ? 
_struct_conn.pdbx_dist_value               2.087 
_struct_conn.pdbx_value_order              ? 
_struct_conn.pdbx_role                     ? 
# 
_struct_conn_type.id          disulf 
_struct_conn_type.criteria    ? 
_struct_conn_type.reference   ? 
# 
_pdbx_modification_feature.ordinal                            1 
_pdbx_modification_feature.label_comp_id                      CYS 
_pdbx_modification_feature.label_asym_id                      A 
_pdbx_modification_feature.label_seq_id                       31 
_pdbx_modification_feature.label_alt_id                       ? 
_pdbx_modification_feature.modified_residue_label_comp_id     CYS 
_pdbx_modification_feature.modified_residue_label_asym_id     B 
_pdbx_modification_feature.modified_residue_label_seq_id      31 
_pdbx_modification_feature.modified_residue_label_alt_id      ? 
_pdbx_modification_feature.auth_comp_id                       CYS 
_pdbx_modification_feature.auth_asym_id                       A 
_pdbx_modification_feature.auth_seq_id                        31 
_pdbx_modification_feature.PDB_ins_code                       ? 
_pdbx_modification_feature.symmetry                           1_555 
_pdbx_modification_feature.modified_residue_auth_comp_id      CYS 
_pdbx_modification_feature.modified_residue_auth_asym_id      B 
_pdbx_modification_feature.modified_residue_auth_seq_id       31 
_pdbx_modification_feature.modified_residue_PDB_ins_code      ? 
_pdbx_modification_feature.modified_residue_symmetry          1_555 
_pdbx_modification_feature.comp_id_linking_atom               SG 
_pdbx_modification_feature.modified_residue_id_linking_atom   SG 
_pdbx_modification_feature.modified_residue_id                . 
_pdbx_modification_feature.ref_pcm_id                         . 
_pdbx_modification_feature.ref_comp_id                        . 
_pdbx_modification_feature.type                               None 
_pdbx_modification_feature.category                           'Disulfide bridge' 
# 
loop_
_struct_mon_prot_cis.pdbx_id 
_struct_mon_prot_cis.label_comp_id 
_struct_mon_prot_cis.label_seq_id 
_struct_mon_prot_cis.label_asym_id 
_struct_mon_prot_cis.label_alt_id 
_struct_mon_prot_cis.pdbx_PDB_ins_code 
_struct_mon_prot_cis.auth_comp_id 
_struct_mon_prot_cis.auth_seq_id 
_struct_mon_prot_cis.auth_asym_id 
_struct_mon_prot_cis.pdbx_label_comp_id_2 
_struct_mon_prot_cis.pdbx_label_seq_id_2 
_struct_mon_prot_cis.pdbx_label_asym_id_2 
_struct_mon_prot_cis.pdbx_PDB_ins_code_2 
_struct_mon_prot_cis.pdbx_auth_comp_id_2 
_struct_mon_prot_cis.pdbx_auth_seq_id_2 
_struct_mon_prot_cis.pdbx_auth_asym_id_2 
_struct_mon_prot_cis.pdbx_PDB_model_num 
_struct_mon_prot_cis.pdbx_omega_angle 
1 MET 73 A . ? MET 73 A PRO 74 A ? PRO 74 A 1 9.91  
2 MET 73 A . ? MET 73 A PRO 74 A ? PRO 74 A 1 -4.41 
3 MET 73 B . ? MET 73 B PRO 74 B ? PRO 74 B 1 3.71  
# 
loop_
_struct_sheet.id 
_struct_sheet.type 
_struct_sheet.number_strands 
_struct_sheet.details 
AA ? 5 ? 
BA ? 5 ? 
# 
loop_
_struct_sheet_order.sheet_id 
_struct_sheet_order.range_id_1 
_struct_sheet_order.range_id_2 
_struct_sheet_order.offset 
_struct_sheet_order.sense 
AA 1 2 ? parallel      
AA 2 3 ? parallel      
AA 3 4 ? anti-parallel 
AA 4 5 ? anti-parallel 
BA 1 2 ? parallel      
BA 2 3 ? parallel      
BA 3 4 ? anti-parallel 
BA 4 5 ? anti-parallel 
# 
loop_
_struct_sheet_range.sheet_id 
_struct_sheet_range.id 
_struct_sheet_range.beg_label_comp_id 
_struct_sheet_range.beg_label_asym_id 
_struct_sheet_range.beg_label_seq_id 
_struct_sheet_range.pdbx_beg_PDB_ins_code 
_struct_sheet_range.end_label_comp_id 
_struct_sheet_range.end_label_asym_id 
_struct_sheet_range.end_label_seq_id 
_struct_sheet_range.pdbx_end_PDB_ins_code 
_struct_sheet_range.beg_auth_comp_id 
_struct_sheet_range.beg_auth_asym_id 
_struct_sheet_range.beg_auth_seq_id 
_struct_sheet_range.end_auth_comp_id 
_struct_sheet_range.end_auth_asym_id 
_struct_sheet_range.end_auth_seq_id 
AA 1 LEU A 4  ? HIS A 5  ? LEU A 4  HIS A 5  
AA 2 LYS A 52 ? ASP A 57 ? LYS A 52 ASP A 57 
AA 3 VAL A 21 ? PHE A 27 ? VAL A 21 PHE A 27 
AA 4 THR A 75 ? LYS A 80 ? THR A 75 LYS A 80 
AA 5 ILE A 83 ? SER A 89 ? ILE A 83 SER A 89 
BA 1 VAL B 3  ? HIS B 5  ? VAL B 3  HIS B 5  
BA 2 LYS B 52 ? ASP B 57 ? LYS B 52 ASP B 57 
BA 3 VAL B 21 ? PHE B 27 ? VAL B 21 PHE B 27 
BA 4 THR B 75 ? LYS B 80 ? THR B 75 LYS B 80 
BA 5 ILE B 83 ? SER B 89 ? ILE B 83 SER B 89 
# 
loop_
_pdbx_struct_sheet_hbond.sheet_id 
_pdbx_struct_sheet_hbond.range_id_1 
_pdbx_struct_sheet_hbond.range_id_2 
_pdbx_struct_sheet_hbond.range_1_label_atom_id 
_pdbx_struct_sheet_hbond.range_1_label_comp_id 
_pdbx_struct_sheet_hbond.range_1_label_asym_id 
_pdbx_struct_sheet_hbond.range_1_label_seq_id 
_pdbx_struct_sheet_hbond.range_1_PDB_ins_code 
_pdbx_struct_sheet_hbond.range_1_auth_atom_id 
_pdbx_struct_sheet_hbond.range_1_auth_comp_id 
_pdbx_struct_sheet_hbond.range_1_auth_asym_id 
_pdbx_struct_sheet_hbond.range_1_auth_seq_id 
_pdbx_struct_sheet_hbond.range_2_label_atom_id 
_pdbx_struct_sheet_hbond.range_2_label_comp_id 
_pdbx_struct_sheet_hbond.range_2_label_asym_id 
_pdbx_struct_sheet_hbond.range_2_label_seq_id 
_pdbx_struct_sheet_hbond.range_2_PDB_ins_code 
_pdbx_struct_sheet_hbond.range_2_auth_atom_id 
_pdbx_struct_sheet_hbond.range_2_auth_comp_id 
_pdbx_struct_sheet_hbond.range_2_auth_asym_id 
_pdbx_struct_sheet_hbond.range_2_auth_seq_id 
AA 1 2 N LEU A 4  ? N LEU A 4  O PHE A 53 ? O PHE A 53 
AA 2 3 N LYS A 52 ? N LYS A 52 O VAL A 21 ? O VAL A 21 
AA 3 4 N PHE A 26 ? N PHE A 26 O THR A 75 ? O THR A 75 
AA 4 5 N LYS A 80 ? N LYS A 80 O ILE A 83 ? O ILE A 83 
BA 1 2 N LEU B 4  ? N LEU B 4  O PHE B 53 ? O PHE B 53 
BA 2 3 N LYS B 52 ? N LYS B 52 O VAL B 21 ? O VAL B 21 
BA 3 4 N PHE B 26 ? N PHE B 26 O THR B 75 ? O THR B 75 
BA 4 5 N LYS B 80 ? N LYS B 80 O ILE B 83 ? O ILE B 83 
# 
_pdbx_entry_details.entry_id                   4CW9 
_pdbx_entry_details.compound_details           ? 
_pdbx_entry_details.source_details             ? 
_pdbx_entry_details.nonpolymer_details         ? 
_pdbx_entry_details.sequence_details           '6XHIS TAG ENGINEERED AT C-TERMINUS' 
_pdbx_entry_details.has_ligand_of_interest     ? 
_pdbx_entry_details.has_protein_modification   Y 
# 
_pdbx_validate_close_contact.id               1 
_pdbx_validate_close_contact.PDB_model_num    1 
_pdbx_validate_close_contact.auth_atom_id_1   OE1 
_pdbx_validate_close_contact.auth_asym_id_1   A 
_pdbx_validate_close_contact.auth_comp_id_1   GLN 
_pdbx_validate_close_contact.auth_seq_id_1    11 
_pdbx_validate_close_contact.PDB_ins_code_1   ? 
_pdbx_validate_close_contact.label_alt_id_1   ? 
_pdbx_validate_close_contact.auth_atom_id_2   O 
_pdbx_validate_close_contact.auth_asym_id_2   A 
_pdbx_validate_close_contact.auth_comp_id_2   HOH 
_pdbx_validate_close_contact.auth_seq_id_2    2014 
_pdbx_validate_close_contact.PDB_ins_code_2   ? 
_pdbx_validate_close_contact.label_alt_id_2   ? 
_pdbx_validate_close_contact.dist             2.15 
# 
loop_
_pdbx_validate_torsion.id 
_pdbx_validate_torsion.PDB_model_num 
_pdbx_validate_torsion.auth_comp_id 
_pdbx_validate_torsion.auth_asym_id 
_pdbx_validate_torsion.auth_seq_id 
_pdbx_validate_torsion.PDB_ins_code 
_pdbx_validate_torsion.label_alt_id 
_pdbx_validate_torsion.phi 
_pdbx_validate_torsion.psi 
1 1 LYS A 86  ? ? -172.07 149.43 
2 1 TRP B 30  ? ? -68.67  4.78   
3 1 THR B 102 ? ? -89.03  32.93  
4 1 ALA B 103 ? ? -58.68  -2.53  
# 
_pdbx_validate_peptide_omega.id               1 
_pdbx_validate_peptide_omega.PDB_model_num    1 
_pdbx_validate_peptide_omega.auth_comp_id_1   HIS 
_pdbx_validate_peptide_omega.auth_asym_id_1   B 
_pdbx_validate_peptide_omega.auth_seq_id_1    104 
_pdbx_validate_peptide_omega.PDB_ins_code_1   ? 
_pdbx_validate_peptide_omega.label_alt_id_1   ? 
_pdbx_validate_peptide_omega.auth_comp_id_2   HIS 
_pdbx_validate_peptide_omega.auth_asym_id_2   B 
_pdbx_validate_peptide_omega.auth_seq_id_2    105 
_pdbx_validate_peptide_omega.PDB_ins_code_2   ? 
_pdbx_validate_peptide_omega.label_alt_id_2   ? 
_pdbx_validate_peptide_omega.omega            -135.41 
# 
_pdbx_distant_solvent_atoms.id                                1 
_pdbx_distant_solvent_atoms.PDB_model_num                     1 
_pdbx_distant_solvent_atoms.auth_atom_id                      O 
_pdbx_distant_solvent_atoms.label_alt_id                      ? 
_pdbx_distant_solvent_atoms.auth_asym_id                      A 
_pdbx_distant_solvent_atoms.auth_comp_id                      HOH 
_pdbx_distant_solvent_atoms.auth_seq_id                       2029 
_pdbx_distant_solvent_atoms.PDB_ins_code                      ? 
_pdbx_distant_solvent_atoms.neighbor_macromolecule_distance   6.88 
_pdbx_distant_solvent_atoms.neighbor_ligand_distance          . 
# 
loop_
_pdbx_unobs_or_zero_occ_residues.id 
_pdbx_unobs_or_zero_occ_residues.PDB_model_num 
_pdbx_unobs_or_zero_occ_residues.polymer_flag 
_pdbx_unobs_or_zero_occ_residues.occupancy_flag 
_pdbx_unobs_or_zero_occ_residues.auth_asym_id 
_pdbx_unobs_or_zero_occ_residues.auth_comp_id 
_pdbx_unobs_or_zero_occ_residues.auth_seq_id 
_pdbx_unobs_or_zero_occ_residues.PDB_ins_code 
_pdbx_unobs_or_zero_occ_residues.label_asym_id 
_pdbx_unobs_or_zero_occ_residues.label_comp_id 
_pdbx_unobs_or_zero_occ_residues.label_seq_id 
1  1 Y 1 A MET 1   ? A MET 1   
2  1 Y 1 A HIS 104 ? A HIS 104 
3  1 Y 1 A HIS 105 ? A HIS 105 
4  1 Y 1 A HIS 106 ? A HIS 106 
5  1 Y 1 A HIS 107 ? A HIS 107 
6  1 Y 1 A HIS 108 ? A HIS 108 
7  1 Y 1 A HIS 109 ? A HIS 109 
8  1 Y 1 B MET 1   ? B MET 1   
9  1 Y 1 B HIS 106 ? B HIS 106 
10 1 Y 1 B HIS 107 ? B HIS 107 
11 1 Y 1 B HIS 108 ? B HIS 108 
12 1 Y 1 B HIS 109 ? B HIS 109 
# 
loop_
_chem_comp_atom.comp_id 
_chem_comp_atom.atom_id 
_chem_comp_atom.type_symbol 
_chem_comp_atom.pdbx_aromatic_flag 
_chem_comp_atom.pdbx_stereo_config 
_chem_comp_atom.pdbx_ordinal 
ALA N    N N N 1   
ALA CA   C N S 2   
ALA C    C N N 3   
ALA O    O N N 4   
ALA CB   C N N 5   
ALA OXT  O N N 6   
ALA H    H N N 7   
ALA H2   H N N 8   
ALA HA   H N N 9   
ALA HB1  H N N 10  
ALA HB2  H N N 11  
ALA HB3  H N N 12  
ALA HXT  H N N 13  
ARG N    N N N 14  
ARG CA   C N S 15  
ARG C    C N N 16  
ARG O    O N N 17  
ARG CB   C N N 18  
ARG CG   C N N 19  
ARG CD   C N N 20  
ARG NE   N N N 21  
ARG CZ   C N N 22  
ARG NH1  N N N 23  
ARG NH2  N N N 24  
ARG OXT  O N N 25  
ARG H    H N N 26  
ARG H2   H N N 27  
ARG HA   H N N 28  
ARG HB2  H N N 29  
ARG HB3  H N N 30  
ARG HG2  H N N 31  
ARG HG3  H N N 32  
ARG HD2  H N N 33  
ARG HD3  H N N 34  
ARG HE   H N N 35  
ARG HH11 H N N 36  
ARG HH12 H N N 37  
ARG HH21 H N N 38  
ARG HH22 H N N 39  
ARG HXT  H N N 40  
ASN N    N N N 41  
ASN CA   C N S 42  
ASN C    C N N 43  
ASN O    O N N 44  
ASN CB   C N N 45  
ASN CG   C N N 46  
ASN OD1  O N N 47  
ASN ND2  N N N 48  
ASN OXT  O N N 49  
ASN H    H N N 50  
ASN H2   H N N 51  
ASN HA   H N N 52  
ASN HB2  H N N 53  
ASN HB3  H N N 54  
ASN HD21 H N N 55  
ASN HD22 H N N 56  
ASN HXT  H N N 57  
ASP N    N N N 58  
ASP CA   C N S 59  
ASP C    C N N 60  
ASP O    O N N 61  
ASP CB   C N N 62  
ASP CG   C N N 63  
ASP OD1  O N N 64  
ASP OD2  O N N 65  
ASP OXT  O N N 66  
ASP H    H N N 67  
ASP H2   H N N 68  
ASP HA   H N N 69  
ASP HB2  H N N 70  
ASP HB3  H N N 71  
ASP HD2  H N N 72  
ASP HXT  H N N 73  
CYS N    N N N 74  
CYS CA   C N R 75  
CYS C    C N N 76  
CYS O    O N N 77  
CYS CB   C N N 78  
CYS SG   S N N 79  
CYS OXT  O N N 80  
CYS H    H N N 81  
CYS H2   H N N 82  
CYS HA   H N N 83  
CYS HB2  H N N 84  
CYS HB3  H N N 85  
CYS HG   H N N 86  
CYS HXT  H N N 87  
GLN N    N N N 88  
GLN CA   C N S 89  
GLN C    C N N 90  
GLN O    O N N 91  
GLN CB   C N N 92  
GLN CG   C N N 93  
GLN CD   C N N 94  
GLN OE1  O N N 95  
GLN NE2  N N N 96  
GLN OXT  O N N 97  
GLN H    H N N 98  
GLN H2   H N N 99  
GLN HA   H N N 100 
GLN HB2  H N N 101 
GLN HB3  H N N 102 
GLN HG2  H N N 103 
GLN HG3  H N N 104 
GLN HE21 H N N 105 
GLN HE22 H N N 106 
GLN HXT  H N N 107 
GLU N    N N N 108 
GLU CA   C N S 109 
GLU C    C N N 110 
GLU O    O N N 111 
GLU CB   C N N 112 
GLU CG   C N N 113 
GLU CD   C N N 114 
GLU OE1  O N N 115 
GLU OE2  O N N 116 
GLU OXT  O N N 117 
GLU H    H N N 118 
GLU H2   H N N 119 
GLU HA   H N N 120 
GLU HB2  H N N 121 
GLU HB3  H N N 122 
GLU HG2  H N N 123 
GLU HG3  H N N 124 
GLU HE2  H N N 125 
GLU HXT  H N N 126 
GLY N    N N N 127 
GLY CA   C N N 128 
GLY C    C N N 129 
GLY O    O N N 130 
GLY OXT  O N N 131 
GLY H    H N N 132 
GLY H2   H N N 133 
GLY HA2  H N N 134 
GLY HA3  H N N 135 
GLY HXT  H N N 136 
HIS N    N N N 137 
HIS CA   C N S 138 
HIS C    C N N 139 
HIS O    O N N 140 
HIS CB   C N N 141 
HIS CG   C Y N 142 
HIS ND1  N Y N 143 
HIS CD2  C Y N 144 
HIS CE1  C Y N 145 
HIS NE2  N Y N 146 
HIS OXT  O N N 147 
HIS H    H N N 148 
HIS H2   H N N 149 
HIS HA   H N N 150 
HIS HB2  H N N 151 
HIS HB3  H N N 152 
HIS HD1  H N N 153 
HIS HD2  H N N 154 
HIS HE1  H N N 155 
HIS HE2  H N N 156 
HIS HXT  H N N 157 
HOH O    O N N 158 
HOH H1   H N N 159 
HOH H2   H N N 160 
ILE N    N N N 161 
ILE CA   C N S 162 
ILE C    C N N 163 
ILE O    O N N 164 
ILE CB   C N S 165 
ILE CG1  C N N 166 
ILE CG2  C N N 167 
ILE CD1  C N N 168 
ILE OXT  O N N 169 
ILE H    H N N 170 
ILE H2   H N N 171 
ILE HA   H N N 172 
ILE HB   H N N 173 
ILE HG12 H N N 174 
ILE HG13 H N N 175 
ILE HG21 H N N 176 
ILE HG22 H N N 177 
ILE HG23 H N N 178 
ILE HD11 H N N 179 
ILE HD12 H N N 180 
ILE HD13 H N N 181 
ILE HXT  H N N 182 
LEU N    N N N 183 
LEU CA   C N S 184 
LEU C    C N N 185 
LEU O    O N N 186 
LEU CB   C N N 187 
LEU CG   C N N 188 
LEU CD1  C N N 189 
LEU CD2  C N N 190 
LEU OXT  O N N 191 
LEU H    H N N 192 
LEU H2   H N N 193 
LEU HA   H N N 194 
LEU HB2  H N N 195 
LEU HB3  H N N 196 
LEU HG   H N N 197 
LEU HD11 H N N 198 
LEU HD12 H N N 199 
LEU HD13 H N N 200 
LEU HD21 H N N 201 
LEU HD22 H N N 202 
LEU HD23 H N N 203 
LEU HXT  H N N 204 
LYS N    N N N 205 
LYS CA   C N S 206 
LYS C    C N N 207 
LYS O    O N N 208 
LYS CB   C N N 209 
LYS CG   C N N 210 
LYS CD   C N N 211 
LYS CE   C N N 212 
LYS NZ   N N N 213 
LYS OXT  O N N 214 
LYS H    H N N 215 
LYS H2   H N N 216 
LYS HA   H N N 217 
LYS HB2  H N N 218 
LYS HB3  H N N 219 
LYS HG2  H N N 220 
LYS HG3  H N N 221 
LYS HD2  H N N 222 
LYS HD3  H N N 223 
LYS HE2  H N N 224 
LYS HE3  H N N 225 
LYS HZ1  H N N 226 
LYS HZ2  H N N 227 
LYS HZ3  H N N 228 
LYS HXT  H N N 229 
MET N    N N N 230 
MET CA   C N S 231 
MET C    C N N 232 
MET O    O N N 233 
MET CB   C N N 234 
MET CG   C N N 235 
MET SD   S N N 236 
MET CE   C N N 237 
MET OXT  O N N 238 
MET H    H N N 239 
MET H2   H N N 240 
MET HA   H N N 241 
MET HB2  H N N 242 
MET HB3  H N N 243 
MET HG2  H N N 244 
MET HG3  H N N 245 
MET HE1  H N N 246 
MET HE2  H N N 247 
MET HE3  H N N 248 
MET HXT  H N N 249 
PHE N    N N N 250 
PHE CA   C N S 251 
PHE C    C N N 252 
PHE O    O N N 253 
PHE CB   C N N 254 
PHE CG   C Y N 255 
PHE CD1  C Y N 256 
PHE CD2  C Y N 257 
PHE CE1  C Y N 258 
PHE CE2  C Y N 259 
PHE CZ   C Y N 260 
PHE OXT  O N N 261 
PHE H    H N N 262 
PHE H2   H N N 263 
PHE HA   H N N 264 
PHE HB2  H N N 265 
PHE HB3  H N N 266 
PHE HD1  H N N 267 
PHE HD2  H N N 268 
PHE HE1  H N N 269 
PHE HE2  H N N 270 
PHE HZ   H N N 271 
PHE HXT  H N N 272 
PRO N    N N N 273 
PRO CA   C N S 274 
PRO C    C N N 275 
PRO O    O N N 276 
PRO CB   C N N 277 
PRO CG   C N N 278 
PRO CD   C N N 279 
PRO OXT  O N N 280 
PRO H    H N N 281 
PRO HA   H N N 282 
PRO HB2  H N N 283 
PRO HB3  H N N 284 
PRO HG2  H N N 285 
PRO HG3  H N N 286 
PRO HD2  H N N 287 
PRO HD3  H N N 288 
PRO HXT  H N N 289 
SER N    N N N 290 
SER CA   C N S 291 
SER C    C N N 292 
SER O    O N N 293 
SER CB   C N N 294 
SER OG   O N N 295 
SER OXT  O N N 296 
SER H    H N N 297 
SER H2   H N N 298 
SER HA   H N N 299 
SER HB2  H N N 300 
SER HB3  H N N 301 
SER HG   H N N 302 
SER HXT  H N N 303 
THR N    N N N 304 
THR CA   C N S 305 
THR C    C N N 306 
THR O    O N N 307 
THR CB   C N R 308 
THR OG1  O N N 309 
THR CG2  C N N 310 
THR OXT  O N N 311 
THR H    H N N 312 
THR H2   H N N 313 
THR HA   H N N 314 
THR HB   H N N 315 
THR HG1  H N N 316 
THR HG21 H N N 317 
THR HG22 H N N 318 
THR HG23 H N N 319 
THR HXT  H N N 320 
TRP N    N N N 321 
TRP CA   C N S 322 
TRP C    C N N 323 
TRP O    O N N 324 
TRP CB   C N N 325 
TRP CG   C Y N 326 
TRP CD1  C Y N 327 
TRP CD2  C Y N 328 
TRP NE1  N Y N 329 
TRP CE2  C Y N 330 
TRP CE3  C Y N 331 
TRP CZ2  C Y N 332 
TRP CZ3  C Y N 333 
TRP CH2  C Y N 334 
TRP OXT  O N N 335 
TRP H    H N N 336 
TRP H2   H N N 337 
TRP HA   H N N 338 
TRP HB2  H N N 339 
TRP HB3  H N N 340 
TRP HD1  H N N 341 
TRP HE1  H N N 342 
TRP HE3  H N N 343 
TRP HZ2  H N N 344 
TRP HZ3  H N N 345 
TRP HH2  H N N 346 
TRP HXT  H N N 347 
TYR N    N N N 348 
TYR CA   C N S 349 
TYR C    C N N 350 
TYR O    O N N 351 
TYR CB   C N N 352 
TYR CG   C Y N 353 
TYR CD1  C Y N 354 
TYR CD2  C Y N 355 
TYR CE1  C Y N 356 
TYR CE2  C Y N 357 
TYR CZ   C Y N 358 
TYR OH   O N N 359 
TYR OXT  O N N 360 
TYR H    H N N 361 
TYR H2   H N N 362 
TYR HA   H N N 363 
TYR HB2  H N N 364 
TYR HB3  H N N 365 
TYR HD1  H N N 366 
TYR HD2  H N N 367 
TYR HE1  H N N 368 
TYR HE2  H N N 369 
TYR HH   H N N 370 
TYR HXT  H N N 371 
VAL N    N N N 372 
VAL CA   C N S 373 
VAL C    C N N 374 
VAL O    O N N 375 
VAL CB   C N N 376 
VAL CG1  C N N 377 
VAL CG2  C N N 378 
VAL OXT  O N N 379 
VAL H    H N N 380 
VAL H2   H N N 381 
VAL HA   H N N 382 
VAL HB   H N N 383 
VAL HG11 H N N 384 
VAL HG12 H N N 385 
VAL HG13 H N N 386 
VAL HG21 H N N 387 
VAL HG22 H N N 388 
VAL HG23 H N N 389 
VAL HXT  H N N 390 
# 
loop_
_chem_comp_bond.comp_id 
_chem_comp_bond.atom_id_1 
_chem_comp_bond.atom_id_2 
_chem_comp_bond.value_order 
_chem_comp_bond.pdbx_aromatic_flag 
_chem_comp_bond.pdbx_stereo_config 
_chem_comp_bond.pdbx_ordinal 
ALA N   CA   sing N N 1   
ALA N   H    sing N N 2   
ALA N   H2   sing N N 3   
ALA CA  C    sing N N 4   
ALA CA  CB   sing N N 5   
ALA CA  HA   sing N N 6   
ALA C   O    doub N N 7   
ALA C   OXT  sing N N 8   
ALA CB  HB1  sing N N 9   
ALA CB  HB2  sing N N 10  
ALA CB  HB3  sing N N 11  
ALA OXT HXT  sing N N 12  
ARG N   CA   sing N N 13  
ARG N   H    sing N N 14  
ARG N   H2   sing N N 15  
ARG CA  C    sing N N 16  
ARG CA  CB   sing N N 17  
ARG CA  HA   sing N N 18  
ARG C   O    doub N N 19  
ARG C   OXT  sing N N 20  
ARG CB  CG   sing N N 21  
ARG CB  HB2  sing N N 22  
ARG CB  HB3  sing N N 23  
ARG CG  CD   sing N N 24  
ARG CG  HG2  sing N N 25  
ARG CG  HG3  sing N N 26  
ARG CD  NE   sing N N 27  
ARG CD  HD2  sing N N 28  
ARG CD  HD3  sing N N 29  
ARG NE  CZ   sing N N 30  
ARG NE  HE   sing N N 31  
ARG CZ  NH1  sing N N 32  
ARG CZ  NH2  doub N N 33  
ARG NH1 HH11 sing N N 34  
ARG NH1 HH12 sing N N 35  
ARG NH2 HH21 sing N N 36  
ARG NH2 HH22 sing N N 37  
ARG OXT HXT  sing N N 38  
ASN N   CA   sing N N 39  
ASN N   H    sing N N 40  
ASN N   H2   sing N N 41  
ASN CA  C    sing N N 42  
ASN CA  CB   sing N N 43  
ASN CA  HA   sing N N 44  
ASN C   O    doub N N 45  
ASN C   OXT  sing N N 46  
ASN CB  CG   sing N N 47  
ASN CB  HB2  sing N N 48  
ASN CB  HB3  sing N N 49  
ASN CG  OD1  doub N N 50  
ASN CG  ND2  sing N N 51  
ASN ND2 HD21 sing N N 52  
ASN ND2 HD22 sing N N 53  
ASN OXT HXT  sing N N 54  
ASP N   CA   sing N N 55  
ASP N   H    sing N N 56  
ASP N   H2   sing N N 57  
ASP CA  C    sing N N 58  
ASP CA  CB   sing N N 59  
ASP CA  HA   sing N N 60  
ASP C   O    doub N N 61  
ASP C   OXT  sing N N 62  
ASP CB  CG   sing N N 63  
ASP CB  HB2  sing N N 64  
ASP CB  HB3  sing N N 65  
ASP CG  OD1  doub N N 66  
ASP CG  OD2  sing N N 67  
ASP OD2 HD2  sing N N 68  
ASP OXT HXT  sing N N 69  
CYS N   CA   sing N N 70  
CYS N   H    sing N N 71  
CYS N   H2   sing N N 72  
CYS CA  C    sing N N 73  
CYS CA  CB   sing N N 74  
CYS CA  HA   sing N N 75  
CYS C   O    doub N N 76  
CYS C   OXT  sing N N 77  
CYS CB  SG   sing N N 78  
CYS CB  HB2  sing N N 79  
CYS CB  HB3  sing N N 80  
CYS SG  HG   sing N N 81  
CYS OXT HXT  sing N N 82  
GLN N   CA   sing N N 83  
GLN N   H    sing N N 84  
GLN N   H2   sing N N 85  
GLN CA  C    sing N N 86  
GLN CA  CB   sing N N 87  
GLN CA  HA   sing N N 88  
GLN C   O    doub N N 89  
GLN C   OXT  sing N N 90  
GLN CB  CG   sing N N 91  
GLN CB  HB2  sing N N 92  
GLN CB  HB3  sing N N 93  
GLN CG  CD   sing N N 94  
GLN CG  HG2  sing N N 95  
GLN CG  HG3  sing N N 96  
GLN CD  OE1  doub N N 97  
GLN CD  NE2  sing N N 98  
GLN NE2 HE21 sing N N 99  
GLN NE2 HE22 sing N N 100 
GLN OXT HXT  sing N N 101 
GLU N   CA   sing N N 102 
GLU N   H    sing N N 103 
GLU N   H2   sing N N 104 
GLU CA  C    sing N N 105 
GLU CA  CB   sing N N 106 
GLU CA  HA   sing N N 107 
GLU C   O    doub N N 108 
GLU C   OXT  sing N N 109 
GLU CB  CG   sing N N 110 
GLU CB  HB2  sing N N 111 
GLU CB  HB3  sing N N 112 
GLU CG  CD   sing N N 113 
GLU CG  HG2  sing N N 114 
GLU CG  HG3  sing N N 115 
GLU CD  OE1  doub N N 116 
GLU CD  OE2  sing N N 117 
GLU OE2 HE2  sing N N 118 
GLU OXT HXT  sing N N 119 
GLY N   CA   sing N N 120 
GLY N   H    sing N N 121 
GLY N   H2   sing N N 122 
GLY CA  C    sing N N 123 
GLY CA  HA2  sing N N 124 
GLY CA  HA3  sing N N 125 
GLY C   O    doub N N 126 
GLY C   OXT  sing N N 127 
GLY OXT HXT  sing N N 128 
HIS N   CA   sing N N 129 
HIS N   H    sing N N 130 
HIS N   H2   sing N N 131 
HIS CA  C    sing N N 132 
HIS CA  CB   sing N N 133 
HIS CA  HA   sing N N 134 
HIS C   O    doub N N 135 
HIS C   OXT  sing N N 136 
HIS CB  CG   sing N N 137 
HIS CB  HB2  sing N N 138 
HIS CB  HB3  sing N N 139 
HIS CG  ND1  sing Y N 140 
HIS CG  CD2  doub Y N 141 
HIS ND1 CE1  doub Y N 142 
HIS ND1 HD1  sing N N 143 
HIS CD2 NE2  sing Y N 144 
HIS CD2 HD2  sing N N 145 
HIS CE1 NE2  sing Y N 146 
HIS CE1 HE1  sing N N 147 
HIS NE2 HE2  sing N N 148 
HIS OXT HXT  sing N N 149 
HOH O   H1   sing N N 150 
HOH O   H2   sing N N 151 
ILE N   CA   sing N N 152 
ILE N   H    sing N N 153 
ILE N   H2   sing N N 154 
ILE CA  C    sing N N 155 
ILE CA  CB   sing N N 156 
ILE CA  HA   sing N N 157 
ILE C   O    doub N N 158 
ILE C   OXT  sing N N 159 
ILE CB  CG1  sing N N 160 
ILE CB  CG2  sing N N 161 
ILE CB  HB   sing N N 162 
ILE CG1 CD1  sing N N 163 
ILE CG1 HG12 sing N N 164 
ILE CG1 HG13 sing N N 165 
ILE CG2 HG21 sing N N 166 
ILE CG2 HG22 sing N N 167 
ILE CG2 HG23 sing N N 168 
ILE CD1 HD11 sing N N 169 
ILE CD1 HD12 sing N N 170 
ILE CD1 HD13 sing N N 171 
ILE OXT HXT  sing N N 172 
LEU N   CA   sing N N 173 
LEU N   H    sing N N 174 
LEU N   H2   sing N N 175 
LEU CA  C    sing N N 176 
LEU CA  CB   sing N N 177 
LEU CA  HA   sing N N 178 
LEU C   O    doub N N 179 
LEU C   OXT  sing N N 180 
LEU CB  CG   sing N N 181 
LEU CB  HB2  sing N N 182 
LEU CB  HB3  sing N N 183 
LEU CG  CD1  sing N N 184 
LEU CG  CD2  sing N N 185 
LEU CG  HG   sing N N 186 
LEU CD1 HD11 sing N N 187 
LEU CD1 HD12 sing N N 188 
LEU CD1 HD13 sing N N 189 
LEU CD2 HD21 sing N N 190 
LEU CD2 HD22 sing N N 191 
LEU CD2 HD23 sing N N 192 
LEU OXT HXT  sing N N 193 
LYS N   CA   sing N N 194 
LYS N   H    sing N N 195 
LYS N   H2   sing N N 196 
LYS CA  C    sing N N 197 
LYS CA  CB   sing N N 198 
LYS CA  HA   sing N N 199 
LYS C   O    doub N N 200 
LYS C   OXT  sing N N 201 
LYS CB  CG   sing N N 202 
LYS CB  HB2  sing N N 203 
LYS CB  HB3  sing N N 204 
LYS CG  CD   sing N N 205 
LYS CG  HG2  sing N N 206 
LYS CG  HG3  sing N N 207 
LYS CD  CE   sing N N 208 
LYS CD  HD2  sing N N 209 
LYS CD  HD3  sing N N 210 
LYS CE  NZ   sing N N 211 
LYS CE  HE2  sing N N 212 
LYS CE  HE3  sing N N 213 
LYS NZ  HZ1  sing N N 214 
LYS NZ  HZ2  sing N N 215 
LYS NZ  HZ3  sing N N 216 
LYS OXT HXT  sing N N 217 
MET N   CA   sing N N 218 
MET N   H    sing N N 219 
MET N   H2   sing N N 220 
MET CA  C    sing N N 221 
MET CA  CB   sing N N 222 
MET CA  HA   sing N N 223 
MET C   O    doub N N 224 
MET C   OXT  sing N N 225 
MET CB  CG   sing N N 226 
MET CB  HB2  sing N N 227 
MET CB  HB3  sing N N 228 
MET CG  SD   sing N N 229 
MET CG  HG2  sing N N 230 
MET CG  HG3  sing N N 231 
MET SD  CE   sing N N 232 
MET CE  HE1  sing N N 233 
MET CE  HE2  sing N N 234 
MET CE  HE3  sing N N 235 
MET OXT HXT  sing N N 236 
PHE N   CA   sing N N 237 
PHE N   H    sing N N 238 
PHE N   H2   sing N N 239 
PHE CA  C    sing N N 240 
PHE CA  CB   sing N N 241 
PHE CA  HA   sing N N 242 
PHE C   O    doub N N 243 
PHE C   OXT  sing N N 244 
PHE CB  CG   sing N N 245 
PHE CB  HB2  sing N N 246 
PHE CB  HB3  sing N N 247 
PHE CG  CD1  doub Y N 248 
PHE CG  CD2  sing Y N 249 
PHE CD1 CE1  sing Y N 250 
PHE CD1 HD1  sing N N 251 
PHE CD2 CE2  doub Y N 252 
PHE CD2 HD2  sing N N 253 
PHE CE1 CZ   doub Y N 254 
PHE CE1 HE1  sing N N 255 
PHE CE2 CZ   sing Y N 256 
PHE CE2 HE2  sing N N 257 
PHE CZ  HZ   sing N N 258 
PHE OXT HXT  sing N N 259 
PRO N   CA   sing N N 260 
PRO N   CD   sing N N 261 
PRO N   H    sing N N 262 
PRO CA  C    sing N N 263 
PRO CA  CB   sing N N 264 
PRO CA  HA   sing N N 265 
PRO C   O    doub N N 266 
PRO C   OXT  sing N N 267 
PRO CB  CG   sing N N 268 
PRO CB  HB2  sing N N 269 
PRO CB  HB3  sing N N 270 
PRO CG  CD   sing N N 271 
PRO CG  HG2  sing N N 272 
PRO CG  HG3  sing N N 273 
PRO CD  HD2  sing N N 274 
PRO CD  HD3  sing N N 275 
PRO OXT HXT  sing N N 276 
SER N   CA   sing N N 277 
SER N   H    sing N N 278 
SER N   H2   sing N N 279 
SER CA  C    sing N N 280 
SER CA  CB   sing N N 281 
SER CA  HA   sing N N 282 
SER C   O    doub N N 283 
SER C   OXT  sing N N 284 
SER CB  OG   sing N N 285 
SER CB  HB2  sing N N 286 
SER CB  HB3  sing N N 287 
SER OG  HG   sing N N 288 
SER OXT HXT  sing N N 289 
THR N   CA   sing N N 290 
THR N   H    sing N N 291 
THR N   H2   sing N N 292 
THR CA  C    sing N N 293 
THR CA  CB   sing N N 294 
THR CA  HA   sing N N 295 
THR C   O    doub N N 296 
THR C   OXT  sing N N 297 
THR CB  OG1  sing N N 298 
THR CB  CG2  sing N N 299 
THR CB  HB   sing N N 300 
THR OG1 HG1  sing N N 301 
THR CG2 HG21 sing N N 302 
THR CG2 HG22 sing N N 303 
THR CG2 HG23 sing N N 304 
THR OXT HXT  sing N N 305 
TRP N   CA   sing N N 306 
TRP N   H    sing N N 307 
TRP N   H2   sing N N 308 
TRP CA  C    sing N N 309 
TRP CA  CB   sing N N 310 
TRP CA  HA   sing N N 311 
TRP C   O    doub N N 312 
TRP C   OXT  sing N N 313 
TRP CB  CG   sing N N 314 
TRP CB  HB2  sing N N 315 
TRP CB  HB3  sing N N 316 
TRP CG  CD1  doub Y N 317 
TRP CG  CD2  sing Y N 318 
TRP CD1 NE1  sing Y N 319 
TRP CD1 HD1  sing N N 320 
TRP CD2 CE2  doub Y N 321 
TRP CD2 CE3  sing Y N 322 
TRP NE1 CE2  sing Y N 323 
TRP NE1 HE1  sing N N 324 
TRP CE2 CZ2  sing Y N 325 
TRP CE3 CZ3  doub Y N 326 
TRP CE3 HE3  sing N N 327 
TRP CZ2 CH2  doub Y N 328 
TRP CZ2 HZ2  sing N N 329 
TRP CZ3 CH2  sing Y N 330 
TRP CZ3 HZ3  sing N N 331 
TRP CH2 HH2  sing N N 332 
TRP OXT HXT  sing N N 333 
TYR N   CA   sing N N 334 
TYR N   H    sing N N 335 
TYR N   H2   sing N N 336 
TYR CA  C    sing N N 337 
TYR CA  CB   sing N N 338 
TYR CA  HA   sing N N 339 
TYR C   O    doub N N 340 
TYR C   OXT  sing N N 341 
TYR CB  CG   sing N N 342 
TYR CB  HB2  sing N N 343 
TYR CB  HB3  sing N N 344 
TYR CG  CD1  doub Y N 345 
TYR CG  CD2  sing Y N 346 
TYR CD1 CE1  sing Y N 347 
TYR CD1 HD1  sing N N 348 
TYR CD2 CE2  doub Y N 349 
TYR CD2 HD2  sing N N 350 
TYR CE1 CZ   doub Y N 351 
TYR CE1 HE1  sing N N 352 
TYR CE2 CZ   sing Y N 353 
TYR CE2 HE2  sing N N 354 
TYR CZ  OH   sing N N 355 
TYR OH  HH   sing N N 356 
TYR OXT HXT  sing N N 357 
VAL N   CA   sing N N 358 
VAL N   H    sing N N 359 
VAL N   H2   sing N N 360 
VAL CA  C    sing N N 361 
VAL CA  CB   sing N N 362 
VAL CA  HA   sing N N 363 
VAL C   O    doub N N 364 
VAL C   OXT  sing N N 365 
VAL CB  CG1  sing N N 366 
VAL CB  CG2  sing N N 367 
VAL CB  HB   sing N N 368 
VAL CG1 HG11 sing N N 369 
VAL CG1 HG12 sing N N 370 
VAL CG1 HG13 sing N N 371 
VAL CG2 HG21 sing N N 372 
VAL CG2 HG22 sing N N 373 
VAL CG2 HG23 sing N N 374 
VAL OXT HXT  sing N N 375 
# 
_pdbx_initial_refinement_model.id               1 
_pdbx_initial_refinement_model.entity_id_list   ? 
_pdbx_initial_refinement_model.type             'experimental model' 
_pdbx_initial_refinement_model.source_name      PDB 
_pdbx_initial_refinement_model.accession_code   2VIM 
_pdbx_initial_refinement_model.details          'PDB ENTRY 2VIM' 
# 
_atom_sites.entry_id                    4CW9 
_atom_sites.fract_transf_matrix[1][1]   -0.02713213 
_atom_sites.fract_transf_matrix[1][2]   0.00024934 
_atom_sites.fract_transf_matrix[1][3]   -0.00769381 
_atom_sites.fract_transf_matrix[2][1]   -0.00331956 
_atom_sites.fract_transf_matrix[2][2]   -0.01730918 
_atom_sites.fract_transf_matrix[2][3]   0.01114542 
_atom_sites.fract_transf_matrix[3][1]   -0.00188879 
_atom_sites.fract_transf_matrix[3][2]   0.00475026 
_atom_sites.fract_transf_matrix[3][3]   0.00681475 
_atom_sites.fract_transf_vector[1]      -0.577847 
_atom_sites.fract_transf_vector[2]      -0.501683 
_atom_sites.fract_transf_vector[3]      0.359699 
# 
loop_
_atom_type.symbol 
C 
N 
O 
S 
# 
loop_
_atom_site.group_PDB 
_atom_site.id 
_atom_site.type_symbol 
_atom_site.label_atom_id 
_atom_site.label_alt_id 
_atom_site.label_comp_id 
_atom_site.label_asym_id 
_atom_site.label_entity_id 
_atom_site.label_seq_id 
_atom_site.pdbx_PDB_ins_code 
_atom_site.Cartn_x 
_atom_site.Cartn_y 
_atom_site.Cartn_z 
_atom_site.occupancy 
_atom_site.B_iso_or_equiv 
_atom_site.pdbx_formal_charge 
_atom_site.auth_seq_id 
_atom_site.auth_comp_id 
_atom_site.auth_asym_id 
_atom_site.auth_atom_id 
_atom_site.pdbx_PDB_model_num 
ATOM   1    N N   . ALA A 1 2   ? 3.924   19.033  12.121  1.00 30.66  ? 2    ALA A N   1 
ATOM   2    C CA  . ALA A 1 2   ? 3.264   17.800  11.655  1.00 33.57  ? 2    ALA A CA  1 
ATOM   3    C C   . ALA A 1 2   ? 3.551   17.497  10.180  1.00 30.64  ? 2    ALA A C   1 
ATOM   4    O O   . ALA A 1 2   ? 4.127   18.302  9.445   1.00 28.32  ? 2    ALA A O   1 
ATOM   5    C CB  . ALA A 1 2   ? 1.770   17.979  11.826  1.00 38.57  ? 2    ALA A CB  1 
ATOM   6    N N   . VAL A 1 3   ? 3.109   16.344  9.752   1.00 26.31  ? 3    VAL A N   1 
ATOM   7    C CA  . VAL A 1 3   ? 3.237   15.960  8.352   1.00 23.91  ? 3    VAL A CA  1 
ATOM   8    C C   . VAL A 1 3   ? 2.022   16.467  7.608   1.00 22.39  ? 3    VAL A C   1 
ATOM   9    O O   . VAL A 1 3   ? 0.871   16.282  8.048   1.00 24.77  ? 3    VAL A O   1 
ATOM   10   C CB  . VAL A 1 3   ? 3.385   14.410  8.283   1.00 23.56  ? 3    VAL A CB  1 
ATOM   11   C CG1 . VAL A 1 3   ? 3.276   13.881  6.874   1.00 22.68  ? 3    VAL A CG1 1 
ATOM   12   C CG2 . VAL A 1 3   ? 4.692   13.987  8.932   1.00 24.07  ? 3    VAL A CG2 1 
ATOM   13   N N   . LEU A 1 4   ? 2.245   17.136  6.489   1.00 20.51  ? 4    LEU A N   1 
ATOM   14   C CA  . LEU A 1 4   ? 1.163   17.516  5.627   1.00 18.33  ? 4    LEU A CA  1 
ATOM   15   C C   . LEU A 1 4   ? 0.620   16.331  4.817   1.00 20.07  ? 4    LEU A C   1 
ATOM   16   O O   . LEU A 1 4   ? 1.361   15.378  4.470   1.00 20.50  ? 4    LEU A O   1 
ATOM   17   C CB  . LEU A 1 4   ? 1.602   18.679  4.710   1.00 20.18  ? 4    LEU A CB  1 
ATOM   18   C CG  . LEU A 1 4   ? 1.691   20.082  5.357   1.00 20.04  ? 4    LEU A CG  1 
ATOM   19   C CD1 . LEU A 1 4   ? 2.824   20.154  6.389   1.00 22.22  ? 4    LEU A CD1 1 
ATOM   20   C CD2 . LEU A 1 4   ? 1.944   21.084  4.286   1.00 22.09  ? 4    LEU A CD2 1 
ATOM   21   N N   . HIS A 1 5   ? -0.677  16.392  4.499   1.00 20.09  ? 5    HIS A N   1 
ATOM   22   C CA  . HIS A 1 5   ? -1.275  15.367  3.647   1.00 21.99  ? 5    HIS A CA  1 
ATOM   23   C C   . HIS A 1 5   ? -2.000  16.076  2.533   1.00 22.66  ? 5    HIS A C   1 
ATOM   24   O O   . HIS A 1 5   ? -3.017  16.704  2.771   1.00 21.61  ? 5    HIS A O   1 
ATOM   25   C CB  . HIS A 1 5   ? -2.215  14.448  4.463   1.00 22.49  ? 5    HIS A CB  1 
ATOM   26   C CG  . HIS A 1 5   ? -1.486  13.549  5.430   1.00 21.77  ? 5    HIS A CG  1 
ATOM   27   N ND1 . HIS A 1 5   ? -0.971  13.994  6.624   1.00 23.72  ? 5    HIS A ND1 1 
ATOM   28   C CD2 . HIS A 1 5   ? -1.255  12.219  5.408   1.00 23.42  ? 5    HIS A CD2 1 
ATOM   29   C CE1 . HIS A 1 5   ? -0.396  12.996  7.267   1.00 22.23  ? 5    HIS A CE1 1 
ATOM   30   N NE2 . HIS A 1 5   ? -0.593  11.902  6.560   1.00 26.25  ? 5    HIS A NE2 1 
ATOM   31   N N   . ILE A 1 6   ? -1.441  16.004  1.318   1.00 21.42  ? 6    ILE A N   1 
ATOM   32   C CA  . ILE A 1 6   ? -1.976  16.675  0.119   1.00 21.19  ? 6    ILE A CA  1 
ATOM   33   C C   . ILE A 1 6   ? -2.237  15.701  -1.023  1.00 24.10  ? 6    ILE A C   1 
ATOM   34   O O   . ILE A 1 6   ? -1.393  14.849  -1.347  1.00 24.25  ? 6    ILE A O   1 
ATOM   35   C CB  . ILE A 1 6   ? -0.977  17.740  -0.354  1.00 22.03  ? 6    ILE A CB  1 
ATOM   36   C CG1 . ILE A 1 6   ? -0.854  18.846  0.713   1.00 21.38  ? 6    ILE A CG1 1 
ATOM   37   C CG2 . ILE A 1 6   ? -1.365  18.338  -1.749  1.00 24.88  ? 6    ILE A CG2 1 
ATOM   38   C CD1 . ILE A 1 6   ? 0.308   19.811  0.519   1.00 21.58  ? 6    ILE A CD1 1 
ATOM   39   N N   . ASN A 1 7   ? -3.390  15.856  -1.655  1.00 24.81  ? 7    ASN A N   1 
ATOM   40   C CA  . ASN A 1 7   ? -3.782  15.032  -2.779  1.00 28.63  ? 7    ASN A CA  1 
ATOM   41   C C   . ASN A 1 7   ? -4.187  15.830  -4.024  1.00 27.89  ? 7    ASN A C   1 
ATOM   42   O O   . ASN A 1 7   ? -4.384  15.244  -5.062  1.00 29.07  ? 7    ASN A O   1 
ATOM   43   C CB  . ASN A 1 7   ? -4.846  13.997  -2.353  1.00 30.94  ? 7    ASN A CB  1 
ATOM   44   C CG  . ASN A 1 7   ? -4.235  12.865  -1.498  1.00 38.05  ? 7    ASN A CG  1 
ATOM   45   O OD1 . ASN A 1 7   ? -2.999  12.580  -1.536  1.00 35.30  ? 7    ASN A OD1 1 
ATOM   46   N ND2 . ASN A 1 7   ? -5.085  12.226  -0.691  1.00 43.85  ? 7    ASN A ND2 1 
ATOM   47   N N   . ALA A 1 8   ? -4.195  17.154  -3.916  1.00 26.54  ? 8    ALA A N   1 
ATOM   48   C CA  . ALA A 1 8   ? -4.619  18.063  -4.949  1.00 27.60  ? 8    ALA A CA  1 
ATOM   49   C C   . ALA A 1 8   ? -3.439  18.822  -5.450  1.00 25.99  ? 8    ALA A C   1 
ATOM   50   O O   . ALA A 1 8   ? -2.784  19.519  -4.695  1.00 28.12  ? 8    ALA A O   1 
ATOM   51   C CB  . ALA A 1 8   ? -5.646  19.050  -4.378  1.00 25.19  ? 8    ALA A CB  1 
ATOM   52   N N   . LEU A 1 9   ? -3.205  18.746  -6.763  1.00 24.27  ? 9    LEU A N   1 
ATOM   53   C CA  . LEU A 1 9   ? -2.076  19.399  -7.393  1.00 25.11  ? 9    LEU A CA  1 
ATOM   54   C C   . LEU A 1 9   ? -1.957  20.886  -7.056  1.00 24.26  ? 9    LEU A C   1 
ATOM   55   O O   . LEU A 1 9   ? -0.857  21.361  -6.742  1.00 28.45  ? 9    LEU A O   1 
ATOM   56   C CB  . LEU A 1 9   ? -2.107  19.194  -8.924  1.00 26.72  ? 9    LEU A CB  1 
ATOM   57   C CG  . LEU A 1 9   ? -0.882  19.682  -9.725  1.00 26.71  ? 9    LEU A CG  1 
ATOM   58   C CD1 . LEU A 1 9   ? 0.448   19.307  -9.122  1.00 24.99  ? 9    LEU A CD1 1 
ATOM   59   C CD2 . LEU A 1 9   ? -0.992  19.041  -11.128 1.00 29.72  ? 9    LEU A CD2 1 
ATOM   60   N N   . ASP A 1 10  ? -3.031  21.641  -7.159  1.00 27.98  ? 10   ASP A N   1 
ATOM   61   C CA  . ASP A 1 10  ? -2.903  23.109  -6.968  1.00 31.69  ? 10   ASP A CA  1 
ATOM   62   C C   . ASP A 1 10  ? -2.518  23.486  -5.534  1.00 29.21  ? 10   ASP A C   1 
ATOM   63   O O   . ASP A 1 10  ? -1.822  24.494  -5.292  1.00 27.51  ? 10   ASP A O   1 
ATOM   64   C CB  . ASP A 1 10  ? -4.172  23.800  -7.363  1.00 37.85  ? 10   ASP A CB  1 
ATOM   65   C CG  . ASP A 1 10  ? -4.470  23.640  -8.838  1.00 51.85  ? 10   ASP A CG  1 
ATOM   66   O OD1 . ASP A 1 10  ? -3.502  23.425  -9.635  1.00 58.57  ? 10   ASP A OD1 1 
ATOM   67   O OD2 . ASP A 1 10  ? -5.677  23.717  -9.199  1.00 64.39  ? 10   ASP A OD2 1 
ATOM   68   N N   . GLN A 1 11  ? -2.944  22.649  -4.600  1.00 31.93  ? 11   GLN A N   1 
ATOM   69   C CA  . GLN A 1 11  ? -2.560  22.809  -3.194  1.00 30.94  ? 11   GLN A CA  1 
ATOM   70   C C   . GLN A 1 11  ? -1.109  22.531  -2.966  1.00 26.09  ? 11   GLN A C   1 
ATOM   71   O O   . GLN A 1 11  ? -0.421  23.236  -2.211  1.00 28.55  ? 11   GLN A O   1 
ATOM   72   C CB  . GLN A 1 11  ? -3.415  21.928  -2.291  1.00 33.74  ? 11   GLN A CB  1 
ATOM   73   C CG  . GLN A 1 11  ? -4.902  22.174  -2.403  1.00 42.60  ? 11   GLN A CG  1 
ATOM   74   C CD  . GLN A 1 11  ? -5.231  23.559  -1.898  1.00 49.87  ? 11   GLN A CD  1 
ATOM   75   O OE1 . GLN A 1 11  ? -4.973  23.884  -0.726  1.00 49.10  ? 11   GLN A OE1 1 
ATOM   76   N NE2 . GLN A 1 11  ? -5.730  24.416  -2.794  1.00 53.99  ? 11   GLN A NE2 1 
ATOM   77   N N   . LEU A 1 12  ? -0.588  21.502  -3.629  1.00 26.17  ? 12   LEU A N   1 
ATOM   78   C CA  . LEU A 1 12  ? 0.875   21.251  -3.638  1.00 25.55  ? 12   LEU A CA  1 
ATOM   79   C C   . LEU A 1 12  ? 1.659   22.372  -4.303  1.00 25.83  ? 12   LEU A C   1 
ATOM   80   O O   . LEU A 1 12  ? 2.632   22.867  -3.777  1.00 22.99  ? 12   LEU A O   1 
ATOM   81   C CB  . LEU A 1 12  ? 1.221   19.921  -4.341  1.00 25.87  ? 12   LEU A CB  1 
ATOM   82   C CG  . LEU A 1 12  ? 2.655   19.437  -4.263  1.00 25.56  ? 12   LEU A CG  1 
ATOM   83   C CD1 . LEU A 1 12  ? 3.148   19.317  -2.813  1.00 24.16  ? 12   LEU A CD1 1 
ATOM   84   C CD2 . LEU A 1 12  ? 2.766   18.130  -5.047  1.00 27.37  ? 12   LEU A CD2 1 
ATOM   85   N N   . THR A 1 13  ? 1.199   22.768  -5.471  1.00 29.14  ? 13   THR A N   1 
ATOM   86   C CA  . THR A 1 13  ? 1.835   23.836  -6.201  1.00 27.87  ? 13   THR A CA  1 
ATOM   87   C C   . THR A 1 13  ? 1.865   25.131  -5.375  1.00 31.12  ? 13   THR A C   1 
ATOM   88   O O   . THR A 1 13  ? 2.886   25.786  -5.244  1.00 29.84  ? 13   THR A O   1 
ATOM   89   C CB  . THR A 1 13  ? 1.019   24.071  -7.489  1.00 29.10  ? 13   THR A CB  1 
ATOM   90   O OG1 . THR A 1 13  ? 1.191   22.923  -8.317  1.00 32.68  ? 13   THR A OG1 1 
ATOM   91   C CG2 . THR A 1 13  ? 1.482   25.294  -8.218  1.00 30.18  ? 13   THR A CG2 1 
ATOM   92   N N   . ALA A 1 14  ? 0.737   25.471  -4.776  1.00 30.70  ? 14   ALA A N   1 
ATOM   93   C CA  . ALA A 1 14  ? 0.701   26.637  -3.922  1.00 30.39  ? 14   ALA A CA  1 
ATOM   94   C C   . ALA A 1 14  ? 1.682   26.525  -2.728  1.00 30.22  ? 14   ALA A C   1 
ATOM   95   O O   . ALA A 1 14  ? 2.327   27.511  -2.355  1.00 32.12  ? 14   ALA A O   1 
ATOM   96   C CB  . ALA A 1 14  ? -0.752  26.863  -3.465  1.00 30.34  ? 14   ALA A CB  1 
ATOM   97   N N   . LEU A 1 15  ? 1.836   25.324  -2.138  1.00 31.51  ? 15   LEU A N   1 
ATOM   98   C CA  . LEU A 1 15  ? 2.788   25.121  -1.029  1.00 25.66  ? 15   LEU A CA  1 
ATOM   99   C C   . LEU A 1 15  ? 4.236   25.416  -1.416  1.00 27.58  ? 15   LEU A C   1 
ATOM   100  O O   . LEU A 1 15  ? 4.986   26.098  -0.702  1.00 30.23  ? 15   LEU A O   1 
ATOM   101  C CB  . LEU A 1 15  ? 2.665   23.704  -0.401  1.00 24.07  ? 15   LEU A CB  1 
ATOM   102  C CG  . LEU A 1 15  ? 3.621   23.435  0.761   1.00 24.16  ? 15   LEU A CG  1 
ATOM   103  C CD1 . LEU A 1 15  ? 3.057   24.056  1.996   1.00 27.34  ? 15   LEU A CD1 1 
ATOM   104  C CD2 . LEU A 1 15  ? 3.790   21.956  1.007   1.00 23.55  ? 15   LEU A CD2 1 
ATOM   105  N N   . LEU A 1 16  ? 4.600   24.875  -2.554  1.00 31.11  ? 16   LEU A N   1 
ATOM   106  C CA  . LEU A 1 16  ? 5.869   25.059  -3.224  1.00 32.09  ? 16   LEU A CA  1 
ATOM   107  C C   . LEU A 1 16  ? 6.189   26.526  -3.544  1.00 32.34  ? 16   LEU A C   1 
ATOM   108  O O   . LEU A 1 16  ? 7.343   26.930  -3.431  1.00 37.16  ? 16   LEU A O   1 
ATOM   109  C CB  . LEU A 1 16  ? 5.897   24.166  -4.484  1.00 32.45  ? 16   LEU A CB  1 
ATOM   110  C CG  . LEU A 1 16  ? 6.549   22.777  -4.245  1.00 32.45  ? 16   LEU A CG  1 
ATOM   111  C CD1 . LEU A 1 16  ? 5.843   21.911  -3.236  1.00 32.05  ? 16   LEU A CD1 1 
ATOM   112  C CD2 . LEU A 1 16  ? 6.640   21.994  -5.553  1.00 37.12  ? 16   LEU A CD2 1 
ATOM   113  N N   . SER A 1 17  ? 5.176   27.306  -3.887  1.00 36.84  ? 17   SER A N   1 
ATOM   114  C CA  . SER A 1 17  ? 5.327   28.779  -3.942  1.00 43.05  ? 17   SER A CA  1 
ATOM   115  C C   . SER A 1 17  ? 5.628   29.477  -2.608  1.00 43.27  ? 17   SER A C   1 
ATOM   116  O O   . SER A 1 17  ? 6.403   30.410  -2.593  1.00 50.54  ? 17   SER A O   1 
ATOM   117  C CB  . SER A 1 17  ? 4.071   29.414  -4.533  1.00 46.14  ? 17   SER A CB  1 
ATOM   118  O OG  . SER A 1 17  ? 3.957   28.960  -5.859  1.00 52.83  ? 17   SER A OG  1 
ATOM   119  N N   . THR A 1 18  ? 4.996   29.037  -1.522  1.00 47.96  ? 18   THR A N   1 
ATOM   120  C CA  . THR A 1 18  ? 4.953   29.777  -0.258  1.00 46.79  ? 18   THR A CA  1 
ATOM   121  C C   . THR A 1 18  ? 5.974   29.304  0.765   1.00 51.98  ? 18   THR A C   1 
ATOM   122  O O   . THR A 1 18  ? 6.335   30.072  1.671   1.00 51.55  ? 18   THR A O   1 
ATOM   123  C CB  . THR A 1 18  ? 3.546   29.734  0.359   1.00 48.88  ? 18   THR A CB  1 
ATOM   124  O OG1 . THR A 1 18  ? 3.195   28.416  0.812   1.00 51.75  ? 18   THR A OG1 1 
ATOM   125  C CG2 . THR A 1 18  ? 2.490   30.201  -0.670  1.00 53.35  ? 18   THR A CG2 1 
ATOM   126  N N   . GLU A 1 19  ? 6.454   28.062  0.639   1.00 45.28  ? 19   GLU A N   1 
ATOM   127  C CA  . GLU A 1 19  ? 7.511   27.541  1.540   1.00 42.69  ? 19   GLU A CA  1 
ATOM   128  C C   . GLU A 1 19  ? 8.799   27.326  0.778   1.00 40.53  ? 19   GLU A C   1 
ATOM   129  O O   . GLU A 1 19  ? 8.789   27.184  -0.411  1.00 42.22  ? 19   GLU A O   1 
ATOM   130  C CB  . GLU A 1 19  ? 7.078   26.216  2.195   1.00 43.04  ? 19   GLU A CB  1 
ATOM   131  C CG  . GLU A 1 19  ? 5.707   26.308  2.831   1.00 46.93  ? 19   GLU A CG  1 
ATOM   132  C CD  . GLU A 1 19  ? 5.682   27.172  4.086   1.00 52.19  ? 19   GLU A CD  1 
ATOM   133  O OE1 . GLU A 1 19  ? 6.772   27.454  4.655   1.00 47.29  ? 19   GLU A OE1 1 
ATOM   134  O OE2 . GLU A 1 19  ? 4.568   27.580  4.485   1.00 55.91  ? 19   GLU A OE2 1 
ATOM   135  N N   . LYS A 1 20  ? 9.881   27.216  1.528   1.00 38.60  ? 20   LYS A N   1 
ATOM   136  C CA  . LYS A 1 20  ? 11.224  27.218  1.049   1.00 43.12  ? 20   LYS A CA  1 
ATOM   137  C C   . LYS A 1 20  ? 11.782  25.827  0.731   1.00 40.10  ? 20   LYS A C   1 
ATOM   138  O O   . LYS A 1 20  ? 12.451  25.647  -0.296  1.00 36.85  ? 20   LYS A O   1 
ATOM   139  C CB  . LYS A 1 20  ? 12.103  27.836  2.130   1.00 47.79  ? 20   LYS A CB  1 
ATOM   140  C CG  . LYS A 1 20  ? 13.523  28.086  1.679   1.00 61.75  ? 20   LYS A CG  1 
ATOM   141  C CD  . LYS A 1 20  ? 14.060  29.433  2.155   1.00 69.85  ? 20   LYS A CD  1 
ATOM   142  C CE  . LYS A 1 20  ? 15.318  29.837  1.375   1.00 76.56  ? 20   LYS A CE  1 
ATOM   143  N NZ  . LYS A 1 20  ? 16.313  28.727  1.247   1.00 78.11  ? 20   LYS A NZ  1 
ATOM   144  N N   . VAL A 1 21  ? 11.549  24.883  1.635   1.00 32.31  ? 21   VAL A N   1 
ATOM   145  C CA  . VAL A 1 21  ? 12.059  23.519  1.506   1.00 32.19  ? 21   VAL A CA  1 
ATOM   146  C C   . VAL A 1 21  ? 10.926  22.539  1.856   1.00 29.82  ? 21   VAL A C   1 
ATOM   147  O O   . VAL A 1 21  ? 10.320  22.597  2.921   1.00 23.57  ? 21   VAL A O   1 
ATOM   148  C CB  . VAL A 1 21  ? 13.297  23.238  2.394   1.00 33.19  ? 21   VAL A CB  1 
ATOM   149  C CG1 . VAL A 1 21  ? 13.834  21.844  2.159   1.00 31.11  ? 21   VAL A CG1 1 
ATOM   150  C CG2 . VAL A 1 21  ? 14.453  24.231  2.176   1.00 36.00  ? 21   VAL A CG2 1 
ATOM   151  N N   . ILE A 1 22  ? 10.664  21.633  0.915   1.00 31.74  ? 22   ILE A N   1 
ATOM   152  C CA  . ILE A 1 22  ? 9.592   20.651  1.012   1.00 27.44  ? 22   ILE A CA  1 
ATOM   153  C C   . ILE A 1 22  ? 10.186  19.323  0.617   1.00 28.13  ? 22   ILE A C   1 
ATOM   154  O O   . ILE A 1 22  ? 10.921  19.230  -0.392  1.00 25.53  ? 22   ILE A O   1 
ATOM   155  C CB  . ILE A 1 22  ? 8.420   20.996  0.095   1.00 28.84  ? 22   ILE A CB  1 
ATOM   156  C CG1 . ILE A 1 22  ? 7.836   22.375  0.449   1.00 30.26  ? 22   ILE A CG1 1 
ATOM   157  C CG2 . ILE A 1 22  ? 7.297   19.930  0.153   1.00 30.26  ? 22   ILE A CG2 1 
ATOM   158  C CD1 . ILE A 1 22  ? 8.267   23.465  -0.507  1.00 30.40  ? 22   ILE A CD1 1 
ATOM   159  N N   . VAL A 1 23  ? 9.893   18.311  1.436   1.00 24.13  ? 23   VAL A N   1 
ATOM   160  C CA  . VAL A 1 23  ? 10.172  16.908  1.122   1.00 24.80  ? 23   VAL A CA  1 
ATOM   161  C C   . VAL A 1 23  ? 8.857   16.163  0.945   1.00 24.01  ? 23   VAL A C   1 
ATOM   162  O O   . VAL A 1 23  ? 8.023   16.093  1.903   1.00 24.22  ? 23   VAL A O   1 
ATOM   163  C CB  . VAL A 1 23  ? 10.952  16.235  2.238   1.00 24.29  ? 23   VAL A CB  1 
ATOM   164  C CG1 . VAL A 1 23  ? 11.100  14.744  1.957   1.00 26.60  ? 23   VAL A CG1 1 
ATOM   165  C CG2 . VAL A 1 23  ? 12.274  16.930  2.386   1.00 24.45  ? 23   VAL A CG2 1 
ATOM   166  N N   . ILE A 1 24  ? 8.614   15.686  -0.286  1.00 22.77  ? 24   ILE A N   1 
ATOM   167  C CA  . ILE A 1 24  ? 7.362   14.960  -0.644  1.00 23.98  ? 24   ILE A CA  1 
ATOM   168  C C   . ILE A 1 24  ? 7.569   13.427  -0.587  1.00 23.76  ? 24   ILE A C   1 
ATOM   169  O O   . ILE A 1 24  ? 8.500   12.928  -1.168  1.00 25.42  ? 24   ILE A O   1 
ATOM   170  C CB  . ILE A 1 24  ? 6.826   15.388  -2.032  1.00 24.96  ? 24   ILE A CB  1 
ATOM   171  C CG1 . ILE A 1 24  ? 6.729   16.913  -2.224  1.00 25.45  ? 24   ILE A CG1 1 
ATOM   172  C CG2 . ILE A 1 24  ? 5.454   14.757  -2.282  1.00 27.98  ? 24   ILE A CG2 1 
ATOM   173  C CD1 . ILE A 1 24  ? 6.780   17.354  -3.692  1.00 27.79  ? 24   ILE A CD1 1 
ATOM   174  N N   . ASP A 1 25  ? 6.665   12.695  0.070   1.00 21.61  ? 25   ASP A N   1 
ATOM   175  C CA  . ASP A 1 25  ? 6.666   11.223  0.159   1.00 21.30  ? 25   ASP A CA  1 
ATOM   176  C C   . ASP A 1 25  ? 5.399   10.763  -0.579  1.00 21.60  ? 25   ASP A C   1 
ATOM   177  O O   . ASP A 1 25  ? 4.263   10.942  -0.090  1.00 18.81  ? 25   ASP A O   1 
ATOM   178  C CB  . ASP A 1 25  ? 6.561   10.761  1.581   1.00 20.87  ? 25   ASP A CB  1 
ATOM   179  C CG  . ASP A 1 25  ? 6.430   9.241   1.739   1.00 23.80  ? 25   ASP A CG  1 
ATOM   180  O OD1 . ASP A 1 25  ? 6.480   8.485   0.750   1.00 28.97  ? 25   ASP A OD1 1 
ATOM   181  O OD2 . ASP A 1 25  ? 6.265   8.776   2.894   1.00 26.15  ? 25   ASP A OD2 1 
ATOM   182  N N   . PHE A 1 26  ? 5.627   10.244  -1.786  1.00 20.81  ? 26   PHE A N   1 
ATOM   183  C CA  . PHE A 1 26  ? 4.590   9.635   -2.569  1.00 21.16  ? 26   PHE A CA  1 
ATOM   184  C C   . PHE A 1 26  ? 4.554   8.233   -2.053  1.00 21.08  ? 26   PHE A C   1 
ATOM   185  O O   . PHE A 1 26  ? 5.433   7.398   -2.367  1.00 22.48  ? 26   PHE A O   1 
ATOM   186  C CB  . PHE A 1 26  ? 4.983   9.623   -4.038  1.00 20.66  ? 26   PHE A CB  1 
ATOM   187  C CG  . PHE A 1 26  ? 4.874   10.955  -4.689  1.00 20.47  ? 26   PHE A CG  1 
ATOM   188  C CD1 . PHE A 1 26  ? 3.662   11.406  -5.121  1.00 22.47  ? 26   PHE A CD1 1 
ATOM   189  C CD2 . PHE A 1 26  ? 5.981   11.763  -4.870  1.00 20.08  ? 26   PHE A CD2 1 
ATOM   190  C CE1 . PHE A 1 26  ? 3.538   12.633  -5.673  1.00 22.80  ? 26   PHE A CE1 1 
ATOM   191  C CE2 . PHE A 1 26  ? 5.866   12.976  -5.443  1.00 19.56  ? 26   PHE A CE2 1 
ATOM   192  C CZ  . PHE A 1 26  ? 4.643   13.431  -5.827  1.00 21.02  ? 26   PHE A CZ  1 
ATOM   193  N N   . PHE A 1 27  ? 3.496   7.929   -1.313  1.00 22.02  ? 27   PHE A N   1 
ATOM   194  C CA  . PHE A 1 27  ? 3.374   6.655   -0.650  1.00 20.59  ? 27   PHE A CA  1 
ATOM   195  C C   . PHE A 1 27  ? 2.072   5.958   -1.065  1.00 21.57  ? 27   PHE A C   1 
ATOM   196  O O   . PHE A 1 27  ? 1.225   6.528   -1.750  1.00 16.57  ? 27   PHE A O   1 
ATOM   197  C CB  . PHE A 1 27  ? 3.422   6.881   0.866   1.00 20.92  ? 27   PHE A CB  1 
ATOM   198  C CG  . PHE A 1 27  ? 2.117   7.315   1.431   1.00 19.55  ? 27   PHE A CG  1 
ATOM   199  C CD1 . PHE A 1 27  ? 1.699   8.630   1.291   1.00 18.98  ? 27   PHE A CD1 1 
ATOM   200  C CD2 . PHE A 1 27  ? 1.350   6.453   2.148   1.00 21.39  ? 27   PHE A CD2 1 
ATOM   201  C CE1 . PHE A 1 27  ? 0.500   9.038   1.804   1.00 21.06  ? 27   PHE A CE1 1 
ATOM   202  C CE2 . PHE A 1 27  ? 0.150   6.843   2.661   1.00 24.04  ? 27   PHE A CE2 1 
ATOM   203  C CZ  . PHE A 1 27  ? -0.280  8.153   2.502   1.00 23.18  ? 27   PHE A CZ  1 
ATOM   204  N N   . ALA A 1 28  ? 1.941   4.707   -0.659  1.00 23.32  ? 28   ALA A N   1 
ATOM   205  C CA  . ALA A 1 28  ? 0.707   3.907   -0.880  1.00 28.05  ? 28   ALA A CA  1 
ATOM   206  C C   . ALA A 1 28  ? 0.303   3.256   0.430   1.00 29.16  ? 28   ALA A C   1 
ATOM   207  O O   . ALA A 1 28  ? 1.147   3.102   1.286   1.00 32.89  ? 28   ALA A O   1 
ATOM   208  C CB  . ALA A 1 28  ? 0.939   2.824   -1.918  1.00 26.70  ? 28   ALA A CB  1 
ATOM   209  N N   . THR A 1 29  ? -0.970  2.871   0.538   1.00 32.45  ? 29   THR A N   1 
ATOM   210  C CA  . THR A 1 29  ? -1.549  2.117   1.666   1.00 32.50  ? 29   THR A CA  1 
ATOM   211  C C   . THR A 1 29  ? -1.293  0.567   1.560   1.00 34.08  ? 29   THR A C   1 
ATOM   212  O O   . THR A 1 29  ? -2.084  -0.251  2.021   1.00 32.46  ? 29   THR A O   1 
ATOM   213  C CB  . THR A 1 29  ? -3.064  2.334   1.683   1.00 31.37  ? 29   THR A CB  1 
ATOM   214  O OG1 . THR A 1 29  ? -3.631  2.037   0.400   1.00 33.28  ? 29   THR A OG1 1 
ATOM   215  C CG2 . THR A 1 29  ? -3.452  3.799   2.030   1.00 35.24  ? 29   THR A CG2 1 
ATOM   216  N N   . TRP A 1 30  ? -0.181  0.213   0.936   1.00 31.84  ? 30   TRP A N   1 
ATOM   217  C CA  . TRP A 1 30  ? 0.301   -1.137  0.780   1.00 29.58  ? 30   TRP A CA  1 
ATOM   218  C C   . TRP A 1 30  ? 1.789   -1.008  0.796   1.00 28.09  ? 30   TRP A C   1 
ATOM   219  O O   . TRP A 1 30  ? 2.306   0.070   0.525   1.00 30.09  ? 30   TRP A O   1 
ATOM   220  C CB  . TRP A 1 30  ? -0.205  -1.775  -0.548  1.00 27.97  ? 30   TRP A CB  1 
ATOM   221  C CG  . TRP A 1 30  ? -0.094  -0.972  -1.829  1.00 23.91  ? 30   TRP A CG  1 
ATOM   222  C CD1 . TRP A 1 30  ? -1.093  -0.298  -2.442  1.00 27.33  ? 30   TRP A CD1 1 
ATOM   223  C CD2 . TRP A 1 30  ? 1.060   -0.839  -2.683  1.00 23.81  ? 30   TRP A CD2 1 
ATOM   224  N NE1 . TRP A 1 30  ? -0.623  0.274   -3.622  1.00 25.68  ? 30   TRP A NE1 1 
ATOM   225  C CE2 . TRP A 1 30  ? 0.702   -0.036  -3.756  1.00 23.90  ? 30   TRP A CE2 1 
ATOM   226  C CE3 . TRP A 1 30  ? 2.378   -1.307  -2.619  1.00 27.74  ? 30   TRP A CE3 1 
ATOM   227  C CZ2 . TRP A 1 30  ? 1.608   0.278   -4.786  1.00 27.26  ? 30   TRP A CZ2 1 
ATOM   228  C CZ3 . TRP A 1 30  ? 3.292   -0.967  -3.633  1.00 28.70  ? 30   TRP A CZ3 1 
ATOM   229  C CH2 . TRP A 1 30  ? 2.905   -0.178  -4.681  1.00 25.09  ? 30   TRP A CH2 1 
ATOM   230  N N   . CYS A 1 31  ? 2.474   -2.093  1.123   1.00 31.99  ? 31   CYS A N   1 
ATOM   231  C CA  . CYS A 1 31  ? 3.912   -2.217  1.036   1.00 31.33  ? 31   CYS A CA  1 
ATOM   232  C C   . CYS A 1 31  ? 4.308   -3.111  -0.111  1.00 36.10  ? 31   CYS A C   1 
ATOM   233  O O   . CYS A 1 31  ? 3.527   -3.979  -0.527  1.00 34.27  ? 31   CYS A O   1 
ATOM   234  C CB  . CYS A 1 31  ? 4.496   -2.908  2.267   1.00 38.42  ? 31   CYS A CB  1 
ATOM   235  S SG  . CYS A 1 31  ? 3.850   -2.334  3.861   1.00 42.27  ? 31   CYS A SG  1 
ATOM   236  N N   . GLY A 1 32  ? 5.554   -2.919  -0.559  1.00 36.34  ? 32   GLY A N   1 
ATOM   237  C CA  . GLY A 1 32  ? 6.209   -3.720  -1.557  1.00 37.46  ? 32   GLY A CA  1 
ATOM   238  C C   . GLY A 1 32  ? 7.245   -4.621  -0.946  1.00 41.49  ? 32   GLY A C   1 
ATOM   239  O O   . GLY A 1 32  ? 6.902   -5.403  -0.090  1.00 53.62  ? 32   GLY A O   1 
ATOM   240  N N   . PRO A 1 33  ? 8.512   -4.511  -1.355  1.00 38.32  ? 33   PRO A N   1 
ATOM   241  C CA  . PRO A 1 33  ? 9.618   -5.342  -0.832  1.00 44.42  ? 33   PRO A CA  1 
ATOM   242  C C   . PRO A 1 33  ? 10.068  -5.145  0.656   1.00 47.81  ? 33   PRO A C   1 
ATOM   243  O O   . PRO A 1 33  ? 10.747  -6.018  1.227   1.00 51.50  ? 33   PRO A O   1 
ATOM   244  C CB  . PRO A 1 33  ? 10.780  -4.955  -1.744  1.00 42.41  ? 33   PRO A CB  1 
ATOM   245  C CG  . PRO A 1 33  ? 10.483  -3.529  -2.118  1.00 40.38  ? 33   PRO A CG  1 
ATOM   246  C CD  . PRO A 1 33  ? 9.000   -3.518  -2.325  1.00 40.09  ? 33   PRO A CD  1 
ATOM   247  N N   . SER A 1 34  ? 9.739   -3.997  1.251   1.00 41.96  ? 34   SER A N   1 
ATOM   248  C CA  . SER A 1 34  ? 10.168  -3.714  2.599   1.00 37.27  ? 34   SER A CA  1 
ATOM   249  C C   . SER A 1 34  ? 9.109   -2.976  3.384   1.00 33.42  ? 34   SER A C   1 
ATOM   250  O O   . SER A 1 34  ? 8.099   -2.486  2.856   1.00 28.43  ? 34   SER A O   1 
ATOM   251  C CB  . SER A 1 34  ? 11.492  -2.967  2.593   1.00 40.48  ? 34   SER A CB  1 
ATOM   252  O OG  . SER A 1 34  ? 11.516  -1.997  1.560   1.00 49.03  ? 34   SER A OG  1 
ATOM   253  N N   . ARG A 1 35  ? 9.322   -2.928  4.687   1.00 33.64  ? 35   ARG A N   1 
ATOM   254  C CA  . ARG A 1 35  ? 8.345   -2.275  5.538   1.00 32.60  ? 35   ARG A CA  1 
ATOM   255  C C   . ARG A 1 35  ? 8.318   -0.793  5.162   1.00 26.25  ? 35   ARG A C   1 
ATOM   256  O O   . ARG A 1 35  ? 9.284   -0.217  4.632   1.00 24.62  ? 35   ARG A O   1 
ATOM   257  C CB  . ARG A 1 35  ? 8.680   -2.445  7.040   1.00 37.52  ? 35   ARG A CB  1 
ATOM   258  C CG  . ARG A 1 35  ? 10.101  -2.090  7.424   1.00 39.28  ? 35   ARG A CG  1 
ATOM   259  C CD  . ARG A 1 35  ? 10.166  -1.641  8.897   1.00 49.73  ? 35   ARG A CD  1 
ATOM   260  N N   . SER A 1 36  ? 7.189   -0.210  5.456   1.00 25.10  ? 36   SER A N   1 
ATOM   261  C CA  . SER A 1 36  ? 7.034   1.202   5.437   1.00 27.82  ? 36   SER A CA  1 
ATOM   262  C C   . SER A 1 36  ? 8.077   1.971   6.295   1.00 24.48  ? 36   SER A C   1 
ATOM   263  O O   . SER A 1 36  ? 8.373   1.601   7.399   1.00 28.08  ? 36   SER A O   1 
ATOM   264  C CB  . SER A 1 36  ? 5.613   1.533   5.936   1.00 29.49  ? 36   SER A CB  1 
ATOM   265  O OG  . SER A 1 36  ? 5.360   2.907   5.849   1.00 28.95  ? 36   SER A OG  1 
ATOM   266  N N   . ILE A 1 37  ? 8.545   3.071   5.740   1.00 23.38  ? 37   ILE A N   1 
ATOM   267  C CA  . ILE A 1 37  ? 9.422   4.075   6.360   1.00 26.39  ? 37   ILE A CA  1 
ATOM   268  C C   . ILE A 1 37  ? 8.583   5.290   6.917   1.00 27.05  ? 37   ILE A C   1 
ATOM   269  O O   . ILE A 1 37  ? 9.114   6.283   7.448   1.00 25.69  ? 37   ILE A O   1 
ATOM   270  C CB  . ILE A 1 37  ? 10.392  4.456   5.228   1.00 31.16  ? 37   ILE A CB  1 
ATOM   271  C CG1 . ILE A 1 37  ? 11.702  5.015   5.652   1.00 35.86  ? 37   ILE A CG1 1 
ATOM   272  C CG2 . ILE A 1 37  ? 9.789   5.411   4.232   1.00 34.21  ? 37   ILE A CG2 1 
ATOM   273  C CD1 . ILE A 1 37  ? 12.496  5.459   4.428   1.00 33.38  ? 37   ILE A CD1 1 
ATOM   274  N N   . SER A 1 38  ? 7.267   5.210   6.813   1.00 27.82  ? 38   SER A N   1 
ATOM   275  C CA  . SER A 1 38  ? 6.365   6.276   7.260   1.00 30.05  ? 38   SER A CA  1 
ATOM   276  C C   . SER A 1 38  ? 6.581   6.720   8.708   1.00 28.14  ? 38   SER A C   1 
ATOM   277  O O   . SER A 1 38  ? 6.478   7.931   8.968   1.00 26.55  ? 38   SER A O   1 
ATOM   278  C CB  . SER A 1 38  ? 4.895   5.863   7.126   1.00 32.44  ? 38   SER A CB  1 
ATOM   279  O OG  . SER A 1 38  ? 4.545   5.862   5.741   1.00 41.34  ? 38   SER A OG  1 
ATOM   280  N N   . PRO A 1 39  ? 6.884   5.772   9.647   1.00 28.21  ? 39   PRO A N   1 
ATOM   281  C CA  . PRO A 1 39  ? 7.244   6.238   11.038  1.00 30.05  ? 39   PRO A CA  1 
ATOM   282  C C   . PRO A 1 39  ? 8.486   7.114   11.111  1.00 28.83  ? 39   PRO A C   1 
ATOM   283  O O   . PRO A 1 39  ? 8.530   8.055   11.889  1.00 27.43  ? 39   PRO A O   1 
ATOM   284  C CB  . PRO A 1 39  ? 7.478   4.933   11.801  1.00 30.60  ? 39   PRO A CB  1 
ATOM   285  C CG  . PRO A 1 39  ? 6.652   3.901   11.014  1.00 31.73  ? 39   PRO A CG  1 
ATOM   286  C CD  . PRO A 1 39  ? 6.810   4.295   9.574   1.00 30.18  ? 39   PRO A CD  1 
ATOM   287  N N   . TYR A 1 40  ? 9.480   6.800   10.291  1.00 26.35  ? 40   TYR A N   1 
ATOM   288  C CA  . TYR A 1 40  ? 10.711  7.559   10.205  1.00 23.96  ? 40   TYR A CA  1 
ATOM   289  C C   . TYR A 1 40  ? 10.495  8.899   9.506   1.00 23.98  ? 40   TYR A C   1 
ATOM   290  O O   . TYR A 1 40  ? 11.043  9.923   9.927   1.00 23.96  ? 40   TYR A O   1 
ATOM   291  C CB  . TYR A 1 40  ? 11.762  6.730   9.487   1.00 25.49  ? 40   TYR A CB  1 
ATOM   292  C CG  . TYR A 1 40  ? 13.134  7.355   9.520   1.00 27.50  ? 40   TYR A CG  1 
ATOM   293  C CD1 . TYR A 1 40  ? 13.648  7.882   10.707  1.00 28.35  ? 40   TYR A CD1 1 
ATOM   294  C CD2 . TYR A 1 40  ? 13.916  7.414   8.385   1.00 28.43  ? 40   TYR A CD2 1 
ATOM   295  C CE1 . TYR A 1 40  ? 14.903  8.476   10.748  1.00 28.96  ? 40   TYR A CE1 1 
ATOM   296  C CE2 . TYR A 1 40  ? 15.178  7.975   8.418   1.00 28.55  ? 40   TYR A CE2 1 
ATOM   297  C CZ  . TYR A 1 40  ? 15.663  8.492   9.618   1.00 31.10  ? 40   TYR A CZ  1 
ATOM   298  O OH  . TYR A 1 40  ? 16.916  9.008   9.654   1.00 31.65  ? 40   TYR A OH  1 
ATOM   299  N N   . PHE A 1 41  ? 9.671   8.924   8.469   1.00 23.09  ? 41   PHE A N   1 
ATOM   300  C CA  . PHE A 1 41  ? 9.258   10.194  7.882   1.00 23.75  ? 41   PHE A CA  1 
ATOM   301  C C   . PHE A 1 41  ? 8.557   11.112  8.915   1.00 27.89  ? 41   PHE A C   1 
ATOM   302  O O   . PHE A 1 41  ? 8.909   12.323  9.001   1.00 22.64  ? 41   PHE A O   1 
ATOM   303  C CB  . PHE A 1 41  ? 8.349   9.905   6.695   1.00 23.69  ? 41   PHE A CB  1 
ATOM   304  C CG  . PHE A 1 41  ? 8.103   11.070  5.768   1.00 21.61  ? 41   PHE A CG  1 
ATOM   305  C CD1 . PHE A 1 41  ? 9.017   11.441  4.833   1.00 19.45  ? 41   PHE A CD1 1 
ATOM   306  C CD2 . PHE A 1 41  ? 6.897   11.706  5.795   1.00 21.75  ? 41   PHE A CD2 1 
ATOM   307  C CE1 . PHE A 1 41  ? 8.784   12.494  4.007   1.00 18.96  ? 41   PHE A CE1 1 
ATOM   308  C CE2 . PHE A 1 41  ? 6.629   12.714  4.942   1.00 21.67  ? 41   PHE A CE2 1 
ATOM   309  C CZ  . PHE A 1 41  ? 7.554   13.101  4.027   1.00 20.88  ? 41   PHE A CZ  1 
ATOM   310  N N   A GLU A 1 42  ? 7.591   10.575  9.661   0.50 23.96  ? 42   GLU A N   1 
ATOM   311  N N   B GLU A 1 42  ? 7.581   10.562  9.666   0.50 25.16  ? 42   GLU A N   1 
ATOM   312  C CA  A GLU A 1 42  ? 6.963   11.334  10.698  0.50 24.52  ? 42   GLU A CA  1 
ATOM   313  C CA  B GLU A 1 42  ? 6.927   11.289  10.740  0.50 26.85  ? 42   GLU A CA  1 
ATOM   314  C C   A GLU A 1 42  ? 7.959   11.823  11.770  0.50 25.41  ? 42   GLU A C   1 
ATOM   315  C C   B GLU A 1 42  ? 7.953   11.815  11.766  0.50 26.76  ? 42   GLU A C   1 
ATOM   316  O O   A GLU A 1 42  ? 7.885   12.975  12.212  0.50 25.99  ? 42   GLU A O   1 
ATOM   317  O O   B GLU A 1 42  ? 7.896   12.983  12.170  0.50 27.35  ? 42   GLU A O   1 
ATOM   318  C CB  A GLU A 1 42  ? 5.867   10.489  11.309  0.50 24.35  ? 42   GLU A CB  1 
ATOM   319  C CB  B GLU A 1 42  ? 5.859   10.417  11.437  0.50 28.64  ? 42   GLU A CB  1 
ATOM   320  C CG  A GLU A 1 42  ? 4.818   10.068  10.293  0.50 26.28  ? 42   GLU A CG  1 
ATOM   321  C CG  B GLU A 1 42  ? 4.638   11.204  11.982  0.50 33.43  ? 42   GLU A CG  1 
ATOM   322  C CD  A GLU A 1 42  ? 3.579   10.950  10.262  0.50 27.56  ? 42   GLU A CD  1 
ATOM   323  C CD  B GLU A 1 42  ? 3.650   10.385  12.851  0.50 35.38  ? 42   GLU A CD  1 
ATOM   324  O OE1 A GLU A 1 42  ? 3.450   11.823  11.151  0.50 31.90  ? 42   GLU A OE1 1 
ATOM   325  O OE1 B GLU A 1 42  ? 4.038   9.353   13.422  0.50 38.17  ? 42   GLU A OE1 1 
ATOM   326  O OE2 A GLU A 1 42  ? 2.719   10.742  9.377   0.50 25.06  ? 42   GLU A OE2 1 
ATOM   327  O OE2 B GLU A 1 42  ? 2.472   10.782  12.992  0.50 38.17  ? 42   GLU A OE2 1 
ATOM   328  N N   . GLU A 1 43  ? 8.892   10.962  12.164  1.00 25.87  ? 43   GLU A N   1 
ATOM   329  C CA  . GLU A 1 43  ? 9.976   11.328  13.130  1.00 27.68  ? 43   GLU A CA  1 
ATOM   330  C C   . GLU A 1 43  ? 10.879  12.418  12.638  1.00 25.29  ? 43   GLU A C   1 
ATOM   331  O O   . GLU A 1 43  ? 11.204  13.365  13.398  1.00 23.59  ? 43   GLU A O   1 
ATOM   332  C CB  . GLU A 1 43  ? 10.824  10.118  13.519  1.00 31.50  ? 43   GLU A CB  1 
ATOM   333  C CG  . GLU A 1 43  ? 12.126  10.409  14.281  1.00 34.04  ? 43   GLU A CG  1 
ATOM   334  C CD  . GLU A 1 43  ? 13.184  9.300   14.170  1.00 40.59  ? 43   GLU A CD  1 
ATOM   335  O OE1 . GLU A 1 43  ? 12.821  8.124   14.278  1.00 42.35  ? 43   GLU A OE1 1 
ATOM   336  O OE2 . GLU A 1 43  ? 14.389  9.604   13.993  1.00 49.74  ? 43   GLU A OE2 1 
ATOM   337  N N   . LEU A 1 44  ? 11.286  12.339  11.375  1.00 23.99  ? 44   LEU A N   1 
ATOM   338  C CA  . LEU A 1 44  ? 12.025  13.432  10.777  1.00 23.93  ? 44   LEU A CA  1 
ATOM   339  C C   . LEU A 1 44  ? 11.221  14.742  10.641  1.00 22.05  ? 44   LEU A C   1 
ATOM   340  O O   . LEU A 1 44  ? 11.778  15.801  10.921  1.00 19.70  ? 44   LEU A O   1 
ATOM   341  C CB  . LEU A 1 44  ? 12.694  13.063  9.481   1.00 25.64  ? 44   LEU A CB  1 
ATOM   342  C CG  . LEU A 1 44  ? 13.795  11.993  9.541   1.00 26.87  ? 44   LEU A CG  1 
ATOM   343  C CD1 . LEU A 1 44  ? 14.194  11.641  8.114   1.00 26.42  ? 44   LEU A CD1 1 
ATOM   344  C CD2 . LEU A 1 44  ? 14.980  12.399  10.390  1.00 24.74  ? 44   LEU A CD2 1 
ATOM   345  N N   . ALA A 1 45  ? 9.932   14.674  10.315  1.00 21.06  ? 45   ALA A N   1 
ATOM   346  C CA  . ALA A 1 45  ? 9.052   15.855  10.291  1.00 21.29  ? 45   ALA A CA  1 
ATOM   347  C C   . ALA A 1 45  ? 9.023   16.611  11.626  1.00 22.87  ? 45   ALA A C   1 
ATOM   348  O O   . ALA A 1 45  ? 8.915   17.840  11.638  1.00 22.83  ? 45   ALA A O   1 
ATOM   349  C CB  . ALA A 1 45  ? 7.633   15.494  9.851   1.00 19.38  ? 45   ALA A CB  1 
ATOM   350  N N   . GLY A 1 46  ? 9.108   15.868  12.729  1.00 24.13  ? 46   GLY A N   1 
ATOM   351  C CA  . GLY A 1 46  ? 9.063   16.427  14.081  1.00 25.41  ? 46   GLY A CA  1 
ATOM   352  C C   . GLY A 1 46  ? 10.373  17.023  14.542  1.00 24.37  ? 46   GLY A C   1 
ATOM   353  O O   . GLY A 1 46  ? 10.361  17.765  15.509  1.00 23.25  ? 46   GLY A O   1 
ATOM   354  N N   . GLN A 1 47  ? 11.477  16.714  13.818  1.00 22.31  ? 47   GLN A N   1 
ATOM   355  C CA  . GLN A 1 47  ? 12.861  17.162  14.076  1.00 20.73  ? 47   GLN A CA  1 
ATOM   356  C C   . GLN A 1 47  ? 13.291  18.354  13.205  1.00 19.19  ? 47   GLN A C   1 
ATOM   357  O O   . GLN A 1 47  ? 14.179  19.105  13.604  1.00 22.17  ? 47   GLN A O   1 
ATOM   358  C CB  . GLN A 1 47  ? 13.861  16.013  13.939  1.00 20.77  ? 47   GLN A CB  1 
ATOM   359  C CG  . GLN A 1 47  ? 13.642  14.944  14.949  1.00 22.04  ? 47   GLN A CG  1 
ATOM   360  C CD  . GLN A 1 47  ? 14.557  13.769  14.799  1.00 25.20  ? 47   GLN A CD  1 
ATOM   361  O OE1 . GLN A 1 47  ? 15.294  13.655  13.834  1.00 28.03  ? 47   GLN A OE1 1 
ATOM   362  N NE2 . GLN A 1 47  ? 14.508  12.879  15.767  1.00 24.83  ? 47   GLN A NE2 1 
ATOM   363  N N   . TYR A 1 48  ? 12.616  18.563  12.080  1.00 20.56  ? 48   TYR A N   1 
ATOM   364  C CA  . TYR A 1 48  ? 12.956  19.611  11.104  1.00 21.25  ? 48   TYR A CA  1 
ATOM   365  C C   . TYR A 1 48  ? 11.719  20.361  10.745  1.00 23.60  ? 48   TYR A C   1 
ATOM   366  O O   . TYR A 1 48  ? 11.122  20.229  9.638   1.00 23.41  ? 48   TYR A O   1 
ATOM   367  C CB  . TYR A 1 48  ? 13.707  19.048  9.876   1.00 20.61  ? 48   TYR A CB  1 
ATOM   368  C CG  . TYR A 1 48  ? 14.982  18.375  10.230  1.00 21.78  ? 48   TYR A CG  1 
ATOM   369  C CD1 . TYR A 1 48  ? 16.189  19.101  10.337  1.00 22.61  ? 48   TYR A CD1 1 
ATOM   370  C CD2 . TYR A 1 48  ? 15.015  16.995  10.527  1.00 22.79  ? 48   TYR A CD2 1 
ATOM   371  C CE1 . TYR A 1 48  ? 17.366  18.475  10.666  1.00 23.19  ? 48   TYR A CE1 1 
ATOM   372  C CE2 . TYR A 1 48  ? 16.179  16.369  10.887  1.00 25.24  ? 48   TYR A CE2 1 
ATOM   373  C CZ  . TYR A 1 48  ? 17.360  17.114  10.927  1.00 25.22  ? 48   TYR A CZ  1 
ATOM   374  O OH  . TYR A 1 48  ? 18.491  16.499  11.319  1.00 31.07  ? 48   TYR A OH  1 
ATOM   375  N N   . ASN A 1 49  ? 11.290  21.154  11.722  1.00 25.47  ? 49   ASN A N   1 
ATOM   376  C CA  . ASN A 1 49  ? 10.086  21.992  11.555  1.00 29.19  ? 49   ASN A CA  1 
ATOM   377  C C   . ASN A 1 49  ? 10.314  23.097  10.511  1.00 29.75  ? 49   ASN A C   1 
ATOM   378  O O   . ASN A 1 49  ? 9.365   23.711  10.023  1.00 32.66  ? 49   ASN A O   1 
ATOM   379  C CB  . ASN A 1 49  ? 9.664   22.629  12.885  1.00 36.43  ? 49   ASN A CB  1 
ATOM   380  C CG  . ASN A 1 49  ? 8.998   21.628  13.826  1.00 49.16  ? 49   ASN A CG  1 
ATOM   381  O OD1 . ASN A 1 49  ? 8.682   20.483  13.443  1.00 59.81  ? 49   ASN A OD1 1 
ATOM   382  N ND2 . ASN A 1 49  ? 8.752   22.063  15.065  1.00 56.25  ? 49   ASN A ND2 1 
ATOM   383  N N   . ASN A 1 50  ? 11.558  23.327  10.162  1.00 25.65  ? 50   ASN A N   1 
ATOM   384  C CA  . ASN A 1 50  ? 11.892  24.226  9.050   1.00 27.00  ? 50   ASN A CA  1 
ATOM   385  C C   . ASN A 1 50  ? 11.681  23.674  7.629   1.00 26.08  ? 50   ASN A C   1 
ATOM   386  O O   . ASN A 1 50  ? 11.845  24.369  6.637   1.00 29.05  ? 50   ASN A O   1 
ATOM   387  C CB  . ASN A 1 50  ? 13.342  24.617  9.215   1.00 25.11  ? 50   ASN A CB  1 
ATOM   388  C CG  . ASN A 1 50  ? 14.250  23.406  9.277   1.00 25.03  ? 50   ASN A CG  1 
ATOM   389  O OD1 . ASN A 1 50  ? 13.927  22.398  9.911   1.00 24.16  ? 50   ASN A OD1 1 
ATOM   390  N ND2 . ASN A 1 50  ? 15.445  23.562  8.752   1.00 25.11  ? 50   ASN A ND2 1 
ATOM   391  N N   . ILE A 1 51  ? 11.313  22.422  7.526   1.00 27.84  ? 51   ILE A N   1 
ATOM   392  C CA  . ILE A 1 51  ? 11.026  21.826  6.262   1.00 26.25  ? 51   ILE A CA  1 
ATOM   393  C C   . ILE A 1 51  ? 9.597   21.373  6.288   1.00 25.57  ? 51   ILE A C   1 
ATOM   394  O O   . ILE A 1 51  ? 9.145   20.844  7.311   1.00 25.14  ? 51   ILE A O   1 
ATOM   395  C CB  . ILE A 1 51  ? 11.951  20.608  6.120   1.00 28.36  ? 51   ILE A CB  1 
ATOM   396  C CG1 . ILE A 1 51  ? 13.384  21.125  6.061   1.00 31.18  ? 51   ILE A CG1 1 
ATOM   397  C CG2 . ILE A 1 51  ? 11.580  19.737  4.904   1.00 28.49  ? 51   ILE A CG2 1 
ATOM   398  C CD1 . ILE A 1 51  ? 14.474  20.069  6.181   1.00 30.65  ? 51   ILE A CD1 1 
ATOM   399  N N   . LYS A 1 52  ? 8.880   21.510  5.171   1.00 23.87  ? 52   LYS A N   1 
ATOM   400  C CA  . LYS A 1 52  ? 7.516   20.984  5.088   1.00 24.57  ? 52   LYS A CA  1 
ATOM   401  C C   . LYS A 1 52  ? 7.575   19.550  4.523   1.00 23.96  ? 52   LYS A C   1 
ATOM   402  O O   . LYS A 1 52  ? 8.019   19.312  3.390   1.00 23.42  ? 52   LYS A O   1 
ATOM   403  C CB  . LYS A 1 52  ? 6.610   21.849  4.246   1.00 28.67  ? 52   LYS A CB  1 
ATOM   404  C CG  . LYS A 1 52  ? 6.720   23.321  4.566   1.00 33.44  ? 52   LYS A CG  1 
ATOM   405  C CD  . LYS A 1 52  ? 6.293   23.613  6.004   1.00 37.51  ? 52   LYS A CD  1 
ATOM   406  C CE  . LYS A 1 52  ? 4.883   24.190  6.038   1.00 45.15  ? 52   LYS A CE  1 
ATOM   407  N NZ  . LYS A 1 52  ? 4.095   23.815  7.247   1.00 47.64  ? 52   LYS A NZ  1 
ATOM   408  N N   . PHE A 1 53  ? 7.125   18.617  5.350   1.00 22.34  ? 53   PHE A N   1 
ATOM   409  C CA  . PHE A 1 53  ? 7.033   17.193  4.997   1.00 19.98  ? 53   PHE A CA  1 
ATOM   410  C C   . PHE A 1 53  ? 5.613   16.920  4.584   1.00 20.09  ? 53   PHE A C   1 
ATOM   411  O O   . PHE A 1 53  ? 4.724   17.081  5.376   1.00 20.62  ? 53   PHE A O   1 
ATOM   412  C CB  . PHE A 1 53  ? 7.411   16.274  6.151   1.00 20.08  ? 53   PHE A CB  1 
ATOM   413  C CG  . PHE A 1 53  ? 8.853   16.320  6.511   1.00 21.26  ? 53   PHE A CG  1 
ATOM   414  C CD1 . PHE A 1 53  ? 9.390   17.436  7.145   1.00 21.81  ? 53   PHE A CD1 1 
ATOM   415  C CD2 . PHE A 1 53  ? 9.681   15.254  6.249   1.00 23.85  ? 53   PHE A CD2 1 
ATOM   416  C CE1 . PHE A 1 53  ? 10.730  17.489  7.476   1.00 22.56  ? 53   PHE A CE1 1 
ATOM   417  C CE2 . PHE A 1 53  ? 11.026  15.281  6.637   1.00 25.09  ? 53   PHE A CE2 1 
ATOM   418  C CZ  . PHE A 1 53  ? 11.565  16.421  7.221   1.00 22.92  ? 53   PHE A CZ  1 
ATOM   419  N N   . VAL A 1 54  ? 5.450   16.457  3.342   1.00 17.64  ? 54   VAL A N   1 
ATOM   420  C CA  . VAL A 1 54  ? 4.191   16.212  2.705   1.00 18.71  ? 54   VAL A CA  1 
ATOM   421  C C   . VAL A 1 54  ? 4.070   14.725  2.313   1.00 20.68  ? 54   VAL A C   1 
ATOM   422  O O   . VAL A 1 54  ? 4.951   14.186  1.606   1.00 21.87  ? 54   VAL A O   1 
ATOM   423  C CB  . VAL A 1 54  ? 4.067   17.002  1.373   1.00 18.91  ? 54   VAL A CB  1 
ATOM   424  C CG1 . VAL A 1 54  ? 2.644   16.924  0.799   1.00 19.98  ? 54   VAL A CG1 1 
ATOM   425  C CG2 . VAL A 1 54  ? 4.431   18.474  1.534   1.00 21.86  ? 54   VAL A CG2 1 
ATOM   426  N N   . LYS A 1 55  ? 2.977   14.083  2.719   1.00 20.01  ? 55   LYS A N   1 
ATOM   427  C CA  . LYS A 1 55  ? 2.603   12.777  2.181   1.00 20.81  ? 55   LYS A CA  1 
ATOM   428  C C   . LYS A 1 55  ? 1.515   12.930  1.149   1.00 21.10  ? 55   LYS A C   1 
ATOM   429  O O   . LYS A 1 55  ? 0.552   13.732  1.339   1.00 19.21  ? 55   LYS A O   1 
ATOM   430  C CB  . LYS A 1 55  ? 2.145   11.814  3.272   1.00 23.60  ? 55   LYS A CB  1 
ATOM   431  C CG  . LYS A 1 55  ? 3.231   11.404  4.248   1.00 23.55  ? 55   LYS A CG  1 
ATOM   432  C CD  . LYS A 1 55  ? 2.734   10.465  5.302   1.00 23.30  ? 55   LYS A CD  1 
ATOM   433  C CE  . LYS A 1 55  ? 2.953   9.076   4.804   1.00 26.10  ? 55   LYS A CE  1 
ATOM   434  N NZ  . LYS A 1 55  ? 2.301   8.093   5.686   1.00 30.78  ? 55   LYS A NZ  1 
ATOM   435  N N   . VAL A 1 56  ? 1.733   12.224  0.022   1.00 21.09  ? 56   VAL A N   1 
ATOM   436  C CA  . VAL A 1 56  ? 0.819   12.182  -1.169  1.00 21.25  ? 56   VAL A CA  1 
ATOM   437  C C   . VAL A 1 56  ? 0.529   10.694  -1.404  1.00 21.58  ? 56   VAL A C   1 
ATOM   438  O O   . VAL A 1 56  ? 1.419   9.924   -1.694  1.00 20.54  ? 56   VAL A O   1 
ATOM   439  C CB  . VAL A 1 56  ? 1.416   12.824  -2.471  1.00 18.43  ? 56   VAL A CB  1 
ATOM   440  C CG1 . VAL A 1 56  ? 0.454   12.778  -3.621  1.00 17.77  ? 56   VAL A CG1 1 
ATOM   441  C CG2 . VAL A 1 56  ? 1.862   14.266  -2.300  1.00 18.68  ? 56   VAL A CG2 1 
ATOM   442  N N   . ASP A 1 57  ? -0.710  10.295  -1.114  1.00 25.16  ? 57   ASP A N   1 
ATOM   443  C CA  . ASP A 1 57  ? -1.198  8.976   -1.436  1.00 27.79  ? 57   ASP A CA  1 
ATOM   444  C C   . ASP A 1 57  ? -1.360  8.830   -2.943  1.00 26.98  ? 57   ASP A C   1 
ATOM   445  O O   . ASP A 1 57  ? -2.242  9.418   -3.546  1.00 25.43  ? 57   ASP A O   1 
ATOM   446  C CB  . ASP A 1 57  ? -2.546  8.739   -0.803  1.00 30.13  ? 57   ASP A CB  1 
ATOM   447  C CG  . ASP A 1 57  ? -3.007  7.293   -0.932  1.00 30.92  ? 57   ASP A CG  1 
ATOM   448  O OD1 . ASP A 1 57  ? -2.565  6.510   -1.826  1.00 29.86  ? 57   ASP A OD1 1 
ATOM   449  O OD2 . ASP A 1 57  ? -3.722  6.934   -0.020  1.00 33.39  ? 57   ASP A OD2 1 
ATOM   450  N N   . VAL A 1 58  ? -0.527  7.992   -3.540  1.00 28.03  ? 58   VAL A N   1 
ATOM   451  C CA  . VAL A 1 58  ? -0.528  7.810   -4.973  1.00 28.09  ? 58   VAL A CA  1 
ATOM   452  C C   . VAL A 1 58  ? -1.885  7.313   -5.479  1.00 35.54  ? 58   VAL A C   1 
ATOM   453  O O   . VAL A 1 58  ? -2.307  7.646   -6.572  1.00 37.32  ? 58   VAL A O   1 
ATOM   454  C CB  . VAL A 1 58  ? 0.624   6.899   -5.444  1.00 27.22  ? 58   VAL A CB  1 
ATOM   455  C CG1 . VAL A 1 58  ? 1.984   7.438   -4.961  1.00 26.81  ? 58   VAL A CG1 1 
ATOM   456  C CG2 . VAL A 1 58  ? 0.428   5.463   -4.979  1.00 28.63  ? 58   VAL A CG2 1 
ATOM   457  N N   . ASP A 1 59  ? -2.624  6.590   -4.664  1.00 33.54  ? 59   ASP A N   1 
ATOM   458  C CA  . ASP A 1 59  ? -3.936  6.115   -5.131  1.00 34.92  ? 59   ASP A CA  1 
ATOM   459  C C   . ASP A 1 59  ? -5.048  7.183   -5.071  1.00 36.39  ? 59   ASP A C   1 
ATOM   460  O O   . ASP A 1 59  ? -6.179  6.897   -5.468  1.00 36.77  ? 59   ASP A O   1 
ATOM   461  C CB  . ASP A 1 59  ? -4.347  4.819   -4.394  1.00 35.59  ? 59   ASP A CB  1 
ATOM   462  C CG  . ASP A 1 59  ? -3.479  3.596   -4.834  1.00 35.96  ? 59   ASP A CG  1 
ATOM   463  O OD1 . ASP A 1 59  ? -3.398  3.303   -6.067  1.00 44.10  ? 59   ASP A OD1 1 
ATOM   464  O OD2 . ASP A 1 59  ? -2.844  2.958   -3.980  1.00 34.94  ? 59   ASP A OD2 1 
ATOM   465  N N   . GLN A 1 60  ? -4.743  8.360   -4.539  1.00 34.39  ? 60   GLN A N   1 
ATOM   466  C CA  . GLN A 1 60  ? -5.697  9.479   -4.420  1.00 38.89  ? 60   GLN A CA  1 
ATOM   467  C C   . GLN A 1 60  ? -5.271  10.746  -5.132  1.00 34.64  ? 60   GLN A C   1 
ATOM   468  O O   . GLN A 1 60  ? -5.997  11.702  -5.131  1.00 38.25  ? 60   GLN A O   1 
ATOM   469  C CB  . GLN A 1 60  ? -5.858  9.871   -2.975  1.00 39.30  ? 60   GLN A CB  1 
ATOM   470  C CG  . GLN A 1 60  ? -6.110  8.706   -2.092  1.00 43.90  ? 60   GLN A CG  1 
ATOM   471  C CD  . GLN A 1 60  ? -7.579  8.412   -1.970  1.00 50.41  ? 60   GLN A CD  1 
ATOM   472  O OE1 . GLN A 1 60  ? -8.094  7.473   -2.581  1.00 53.13  ? 60   GLN A OE1 1 
ATOM   473  N NE2 . GLN A 1 60  ? -8.268  9.211   -1.156  1.00 56.05  ? 60   GLN A NE2 1 
ATOM   474  N N   . ALA A 1 61  ? -4.097  10.776  -5.728  1.00 32.72  ? 61   ALA A N   1 
ATOM   475  C CA  . ALA A 1 61  ? -3.535  12.029  -6.262  1.00 30.51  ? 61   ALA A CA  1 
ATOM   476  C C   . ALA A 1 61  ? -3.043  11.744  -7.671  1.00 27.31  ? 61   ALA A C   1 
ATOM   477  O O   . ALA A 1 61  ? -1.875  11.901  -7.961  1.00 28.12  ? 61   ALA A O   1 
ATOM   478  C CB  . ALA A 1 61  ? -2.375  12.519  -5.386  1.00 31.31  ? 61   ALA A CB  1 
ATOM   479  N N   . GLU A 1 62  ? -3.947  11.349  -8.555  1.00 28.59  ? 62   GLU A N   1 
ATOM   480  C CA  . GLU A 1 62  ? -3.540  10.937  -9.900  1.00 30.72  ? 62   GLU A CA  1 
ATOM   481  C C   . GLU A 1 62  ? -2.827  12.053  -10.641 1.00 26.72  ? 62   GLU A C   1 
ATOM   482  O O   . GLU A 1 62  ? -1.758  11.873  -11.235 1.00 28.35  ? 62   GLU A O   1 
ATOM   483  C CB  . GLU A 1 62  ? -4.790  10.435  -10.685 1.00 39.60  ? 62   GLU A CB  1 
ATOM   484  C CG  . GLU A 1 62  ? -4.493  10.079  -12.129 1.00 46.33  ? 62   GLU A CG  1 
ATOM   485  C CD  . GLU A 1 62  ? -5.722  9.683   -12.933 1.00 53.18  ? 62   GLU A CD  1 
ATOM   486  O OE1 . GLU A 1 62  ? -6.611  10.549  -13.125 1.00 51.88  ? 62   GLU A OE1 1 
ATOM   487  O OE2 . GLU A 1 62  ? -5.761  8.514   -13.397 1.00 61.43  ? 62   GLU A OE2 1 
ATOM   488  N N   . GLU A 1 63  ? -3.398  13.246  -10.550 1.00 26.39  ? 63   GLU A N   1 
ATOM   489  C CA  . GLU A 1 63  ? -2.877  14.408  -11.162 1.00 25.31  ? 63   GLU A CA  1 
ATOM   490  C C   . GLU A 1 63  ? -1.472  14.765  -10.729 1.00 27.78  ? 63   GLU A C   1 
ATOM   491  O O   . GLU A 1 63  ? -0.603  15.103  -11.551 1.00 28.10  ? 63   GLU A O   1 
ATOM   492  C CB  . GLU A 1 63  ? -3.889  15.551  -10.895 1.00 31.94  ? 63   GLU A CB  1 
ATOM   493  C CG  . GLU A 1 63  ? -3.728  16.777  -11.754 1.00 39.15  ? 63   GLU A CG  1 
ATOM   494  C CD  . GLU A 1 63  ? -4.965  17.693  -11.663 1.00 46.68  ? 63   GLU A CD  1 
ATOM   495  O OE1 . GLU A 1 63  ? -6.025  17.357  -12.262 1.00 47.87  ? 63   GLU A OE1 1 
ATOM   496  O OE2 . GLU A 1 63  ? -4.884  18.733  -10.979 1.00 45.74  ? 63   GLU A OE2 1 
ATOM   497  N N   . ILE A 1 64  ? -1.217  14.735  -9.417  1.00 26.14  ? 64   ILE A N   1 
ATOM   498  C CA  . ILE A 1 64  ? 0.133   14.960  -8.960  1.00 24.47  ? 64   ILE A CA  1 
ATOM   499  C C   . ILE A 1 64  ? 1.040   13.850  -9.481  1.00 23.60  ? 64   ILE A C   1 
ATOM   500  O O   . ILE A 1 64  ? 2.171   14.084  -9.873  1.00 25.73  ? 64   ILE A O   1 
ATOM   501  C CB  . ILE A 1 64  ? 0.235   15.021  -7.405  1.00 22.77  ? 64   ILE A CB  1 
ATOM   502  C CG1 . ILE A 1 64  ? -0.604  16.170  -6.833  1.00 24.25  ? 64   ILE A CG1 1 
ATOM   503  C CG2 . ILE A 1 64  ? 1.686   15.267  -7.014  1.00 20.75  ? 64   ILE A CG2 1 
ATOM   504  C CD1 . ILE A 1 64  ? -0.830  16.112  -5.316  1.00 26.29  ? 64   ILE A CD1 1 
ATOM   505  N N   . CYS A 1 65  ? 0.604   12.599  -9.379  1.00 24.59  ? 65   CYS A N   1 
ATOM   506  C CA  . CYS A 1 65  ? 1.486   11.496  -9.833  1.00 25.04  ? 65   CYS A CA  1 
ATOM   507  C C   . CYS A 1 65  ? 1.839   11.618  -11.324 1.00 23.48  ? 65   CYS A C   1 
ATOM   508  O O   . CYS A 1 65  ? 2.998   11.398  -11.696 1.00 23.61  ? 65   CYS A O   1 
ATOM   509  C CB  . CYS A 1 65  ? 0.878   10.129  -9.570  1.00 27.28  ? 65   CYS A CB  1 
ATOM   510  S SG  . CYS A 1 65  ? 0.796   9.785   -7.806  1.00 30.75  ? 65   CYS A SG  1 
ATOM   511  N N   . VAL A 1 66  ? 0.864   12.050  -12.145 1.00 25.77  ? 66   VAL A N   1 
ATOM   512  C CA  . VAL A 1 66  ? 1.115   12.346  -13.562 1.00 26.71  ? 66   VAL A CA  1 
ATOM   513  C C   . VAL A 1 66  ? 2.130   13.410  -13.690 1.00 26.22  ? 66   VAL A C   1 
ATOM   514  O O   . VAL A 1 66  ? 3.166   13.253  -14.334 1.00 28.12  ? 66   VAL A O   1 
ATOM   515  C CB  . VAL A 1 66  ? -0.170  12.708  -14.359 1.00 30.34  ? 66   VAL A CB  1 
ATOM   516  C CG1 . VAL A 1 66  ? 0.150   13.150  -15.770 1.00 31.39  ? 66   VAL A CG1 1 
ATOM   517  C CG2 . VAL A 1 66  ? -1.063  11.521  -14.484 1.00 29.03  ? 66   VAL A CG2 1 
ATOM   518  N N   . ASN A 1 67  ? 1.868   14.542  -13.067 1.00 28.12  ? 67   ASN A N   1 
ATOM   519  C CA  . ASN A 1 67  ? 2.766   15.686  -13.218 1.00 26.89  ? 67   ASN A CA  1 
ATOM   520  C C   . ASN A 1 67  ? 4.175   15.438  -12.738 1.00 28.76  ? 67   ASN A C   1 
ATOM   521  O O   . ASN A 1 67  ? 5.178   15.890  -13.353 1.00 25.79  ? 67   ASN A O   1 
ATOM   522  C CB  . ASN A 1 67  ? 2.153   16.847  -12.439 1.00 31.17  ? 67   ASN A CB  1 
ATOM   523  C CG  . ASN A 1 67  ? 2.902   18.132  -12.644 1.00 37.81  ? 67   ASN A CG  1 
ATOM   524  O OD1 . ASN A 1 67  ? 2.790   18.804  -13.701 1.00 43.92  ? 67   ASN A OD1 1 
ATOM   525  N ND2 . ASN A 1 67  ? 3.676   18.494  -11.644 1.00 37.51  ? 67   ASN A ND2 1 
ATOM   526  N N   . TYR A 1 68  ? 4.296   14.715  -11.617 1.00 24.57  ? 68   TYR A N   1 
ATOM   527  C CA  . TYR A 1 68  ? 5.595   14.401  -11.064 1.00 24.44  ? 68   TYR A CA  1 
ATOM   528  C C   . TYR A 1 68  ? 6.234   13.099  -11.652 1.00 21.98  ? 68   TYR A C   1 
ATOM   529  O O   . TYR A 1 68  ? 7.301   12.759  -11.272 1.00 25.29  ? 68   TYR A O   1 
ATOM   530  C CB  . TYR A 1 68  ? 5.487   14.311  -9.524  1.00 25.45  ? 68   TYR A CB  1 
ATOM   531  C CG  . TYR A 1 68  ? 5.547   15.668  -8.810  1.00 26.21  ? 68   TYR A CG  1 
ATOM   532  C CD1 . TYR A 1 68  ? 4.478   16.535  -8.848  1.00 29.38  ? 68   TYR A CD1 1 
ATOM   533  C CD2 . TYR A 1 68  ? 6.686   16.043  -8.098  1.00 30.01  ? 68   TYR A CD2 1 
ATOM   534  C CE1 . TYR A 1 68  ? 4.530   17.741  -8.219  1.00 29.76  ? 68   TYR A CE1 1 
ATOM   535  C CE2 . TYR A 1 68  ? 6.768   17.263  -7.483  1.00 33.02  ? 68   TYR A CE2 1 
ATOM   536  C CZ  . TYR A 1 68  ? 5.678   18.101  -7.531  1.00 32.52  ? 68   TYR A CZ  1 
ATOM   537  O OH  . TYR A 1 68  ? 5.794   19.335  -6.931  1.00 35.24  ? 68   TYR A OH  1 
ATOM   538  N N   . LYS A 1 69  ? 5.565   12.387  -12.538 1.00 22.83  ? 69   LYS A N   1 
ATOM   539  C CA  . LYS A 1 69  ? 6.102   11.165  -13.179 1.00 22.88  ? 69   LYS A CA  1 
ATOM   540  C C   . LYS A 1 69  ? 6.448   10.056  -12.167 1.00 23.04  ? 69   LYS A C   1 
ATOM   541  O O   . LYS A 1 69  ? 7.531   9.418   -12.278 1.00 23.76  ? 69   LYS A O   1 
ATOM   542  C CB  . LYS A 1 69  ? 7.304   11.518  -14.124 1.00 22.69  ? 69   LYS A CB  1 
ATOM   543  C CG  . LYS A 1 69  ? 6.963   12.583  -15.196 1.00 26.83  ? 69   LYS A CG  1 
ATOM   544  C CD  . LYS A 1 69  ? 8.124   12.867  -16.193 1.00 27.93  ? 69   LYS A CD  1 
ATOM   545  N N   . VAL A 1 70  ? 5.564   9.875   -11.162 1.00 20.49  ? 70   VAL A N   1 
ATOM   546  C CA  . VAL A 1 70  ? 5.716   8.875   -10.144 1.00 19.97  ? 70   VAL A CA  1 
ATOM   547  C C   . VAL A 1 70  ? 5.502   7.474   -10.772 1.00 19.34  ? 70   VAL A C   1 
ATOM   548  O O   . VAL A 1 70  ? 4.588   7.262   -11.512 1.00 23.71  ? 70   VAL A O   1 
ATOM   549  C CB  . VAL A 1 70  ? 4.853   9.098   -8.879  1.00 23.70  ? 70   VAL A CB  1 
ATOM   550  C CG1 . VAL A 1 70  ? 5.262   8.090   -7.809  1.00 23.24  ? 70   VAL A CG1 1 
ATOM   551  C CG2 . VAL A 1 70  ? 5.031   10.537  -8.343  1.00 24.38  ? 70   VAL A CG2 1 
ATOM   552  N N   . ARG A 1 71  ? 6.442   6.569   -10.549 1.00 22.43  ? 71   ARG A N   1 
ATOM   553  C CA  . ARG A 1 71  ? 6.385   5.242   -11.104 1.00 21.90  ? 71   ARG A CA  1 
ATOM   554  C C   . ARG A 1 71  ? 6.424   4.145   -10.086 1.00 24.88  ? 71   ARG A C   1 
ATOM   555  O O   . ARG A 1 71  ? 6.080   2.988   -10.399 1.00 25.86  ? 71   ARG A O   1 
ATOM   556  C CB  . ARG A 1 71  ? 7.566   5.050   -12.044 1.00 23.51  ? 71   ARG A CB  1 
ATOM   557  C CG  . ARG A 1 71  ? 7.615   6.049   -13.207 1.00 22.64  ? 71   ARG A CG  1 
ATOM   558  C CD  . ARG A 1 71  ? 6.454   5.896   -14.163 1.00 23.45  ? 71   ARG A CD  1 
ATOM   559  N NE  . ARG A 1 71  ? 6.498   6.892   -15.249 1.00 22.35  ? 71   ARG A NE  1 
ATOM   560  C CZ  . ARG A 1 71  ? 5.636   7.907   -15.386 1.00 25.13  ? 71   ARG A CZ  1 
ATOM   561  N NH1 . ARG A 1 71  ? 4.666   8.092   -14.532 1.00 28.34  ? 71   ARG A NH1 1 
ATOM   562  N NH2 . ARG A 1 71  ? 5.718   8.731   -16.412 1.00 24.76  ? 71   ARG A NH2 1 
ATOM   563  N N   . SER A 1 72  ? 6.843   4.473   -8.871  1.00 22.95  ? 72   SER A N   1 
ATOM   564  C CA  . SER A 1 72  ? 7.043   3.459   -7.867  1.00 22.42  ? 72   SER A CA  1 
ATOM   565  C C   . SER A 1 72  ? 6.802   4.108   -6.489  1.00 22.13  ? 72   SER A C   1 
ATOM   566  O O   . SER A 1 72  ? 6.666   5.334   -6.372  1.00 24.01  ? 72   SER A O   1 
ATOM   567  C CB  . SER A 1 72  ? 8.428   2.845   -7.973  1.00 20.71  ? 72   SER A CB  1 
ATOM   568  O OG  . SER A 1 72  ? 9.440   3.801   -7.749  1.00 22.05  ? 72   SER A OG  1 
ATOM   569  N N   A MET A 1 73  ? 6.786   3.304   -5.444  0.50 22.30  ? 73   MET A N   1 
ATOM   570  N N   B MET A 1 73  ? 6.814   3.264   -5.465  0.50 24.24  ? 73   MET A N   1 
ATOM   571  C CA  A MET A 1 73  ? 6.462   3.841   -4.123  0.50 22.38  ? 73   MET A CA  1 
ATOM   572  C CA  B MET A 1 73  ? 6.437   3.652   -4.102  0.50 25.65  ? 73   MET A CA  1 
ATOM   573  C C   A MET A 1 73  ? 7.214   3.078   -3.066  0.50 22.27  ? 73   MET A C   1 
ATOM   574  C C   B MET A 1 73  ? 7.365   3.016   -3.089  0.50 24.27  ? 73   MET A C   1 
ATOM   575  O O   A MET A 1 73  ? 7.221   1.847   -3.104  0.50 22.96  ? 73   MET A O   1 
ATOM   576  O O   B MET A 1 73  ? 7.653   1.825   -3.179  0.50 23.96  ? 73   MET A O   1 
ATOM   577  C CB  A MET A 1 73  ? 4.948   3.886   -3.900  0.50 21.75  ? 73   MET A CB  1 
ATOM   578  C CB  B MET A 1 73  ? 4.992   3.271   -3.803  0.50 27.70  ? 73   MET A CB  1 
ATOM   579  C CG  A MET A 1 73  ? 4.333   2.930   -2.917  0.50 21.11  ? 73   MET A CG  1 
ATOM   580  C CG  B MET A 1 73  ? 4.002   4.399   -4.108  0.50 31.71  ? 73   MET A CG  1 
ATOM   581  S SD  A MET A 1 73  ? 4.739   3.124   -1.170  0.50 18.91  ? 73   MET A SD  1 
ATOM   582  S SD  B MET A 1 73  ? 3.456   4.365   -5.835  0.50 35.57  ? 73   MET A SD  1 
ATOM   583  C CE  A MET A 1 73  ? 4.989   1.369   -0.949  0.50 18.67  ? 73   MET A CE  1 
ATOM   584  C CE  B MET A 1 73  ? 2.366   2.991   -5.625  0.50 32.40  ? 73   MET A CE  1 
ATOM   585  N N   . PRO A 1 74  ? 7.873   3.813   -2.136  1.00 23.46  ? 74   PRO A N   1 
ATOM   586  C CA  . PRO A 1 74  ? 7.712   5.270   -1.996  1.00 22.41  ? 74   PRO A CA  1 
ATOM   587  C C   . PRO A 1 74  ? 8.659   6.027   -2.870  1.00 23.31  ? 74   PRO A C   1 
ATOM   588  O O   . PRO A 1 74  ? 9.786   5.576   -3.104  1.00 27.17  ? 74   PRO A O   1 
ATOM   589  C CB  . PRO A 1 74  ? 8.023   5.524   -0.541  1.00 21.44  ? 74   PRO A CB  1 
ATOM   590  C CG  . PRO A 1 74  ? 9.033   4.443   -0.226  1.00 23.03  ? 74   PRO A CG  1 
ATOM   591  C CD  . PRO A 1 74  ? 8.527   3.225   -0.952  1.00 23.68  ? 74   PRO A CD  1 
ATOM   592  N N   . THR A 1 75  ? 8.243   7.189   -3.365  1.00 22.86  ? 75   THR A N   1 
ATOM   593  C CA  . THR A 1 75  ? 9.195   8.071   -4.047  1.00 23.51  ? 75   THR A CA  1 
ATOM   594  C C   . THR A 1 75  ? 9.278   9.354   -3.221  1.00 24.63  ? 75   THR A C   1 
ATOM   595  O O   . THR A 1 75  ? 8.239   9.986   -2.867  1.00 21.50  ? 75   THR A O   1 
ATOM   596  C CB  . THR A 1 75  ? 8.776   8.357   -5.511  1.00 23.43  ? 75   THR A CB  1 
ATOM   597  O OG1 . THR A 1 75  ? 8.724   7.136   -6.273  1.00 23.55  ? 75   THR A OG1 1 
ATOM   598  C CG2 . THR A 1 75  ? 9.630   9.345   -6.133  1.00 23.27  ? 75   THR A CG2 1 
ATOM   599  N N   . PHE A 1 76  ? 10.507  9.755   -2.915  1.00 22.09  ? 76   PHE A N   1 
ATOM   600  C CA  . PHE A 1 76  ? 10.722  10.939  -2.126  1.00 20.49  ? 76   PHE A CA  1 
ATOM   601  C C   . PHE A 1 76  ? 11.320  11.991  -2.969  1.00 22.60  ? 76   PHE A C   1 
ATOM   602  O O   . PHE A 1 76  ? 12.321  11.714  -3.643  1.00 21.48  ? 76   PHE A O   1 
ATOM   603  C CB  . PHE A 1 76  ? 11.668  10.623  -0.987  1.00 19.07  ? 76   PHE A CB  1 
ATOM   604  C CG  . PHE A 1 76  ? 11.107  9.678   -0.008  1.00 19.76  ? 76   PHE A CG  1 
ATOM   605  C CD1 . PHE A 1 76  ? 10.318  10.149  1.049   1.00 19.52  ? 76   PHE A CD1 1 
ATOM   606  C CD2 . PHE A 1 76  ? 11.346  8.328   -0.124  1.00 18.50  ? 76   PHE A CD2 1 
ATOM   607  C CE1 . PHE A 1 76  ? 9.809   9.282   1.954   1.00 19.61  ? 76   PHE A CE1 1 
ATOM   608  C CE2 . PHE A 1 76  ? 10.898  7.480   0.815   1.00 18.42  ? 76   PHE A CE2 1 
ATOM   609  C CZ  . PHE A 1 76  ? 10.103  7.948   1.864   1.00 18.39  ? 76   PHE A CZ  1 
ATOM   610  N N   . VAL A 1 77  ? 10.713  13.165  -3.000  1.00 21.56  ? 77   VAL A N   1 
ATOM   611  C CA  . VAL A 1 77  ? 11.193  14.270  -3.861  1.00 23.98  ? 77   VAL A CA  1 
ATOM   612  C C   . VAL A 1 77  ? 11.571  15.474  -2.927  1.00 24.91  ? 77   VAL A C   1 
ATOM   613  O O   . VAL A 1 77  ? 10.753  15.880  -2.085  1.00 25.70  ? 77   VAL A O   1 
ATOM   614  C CB  . VAL A 1 77  ? 10.111  14.667  -4.892  1.00 22.49  ? 77   VAL A CB  1 
ATOM   615  C CG1 . VAL A 1 77  ? 10.598  15.756  -5.813  1.00 25.88  ? 77   VAL A CG1 1 
ATOM   616  C CG2 . VAL A 1 77  ? 9.670   13.482  -5.750  1.00 23.10  ? 77   VAL A CG2 1 
ATOM   617  N N   . LEU A 1 78  ? 12.783  16.012  -3.038  1.00 25.93  ? 78   LEU A N   1 
ATOM   618  C CA  . LEU A 1 78  ? 13.175  17.256  -2.356  1.00 24.33  ? 78   LEU A CA  1 
ATOM   619  C C   . LEU A 1 78  ? 13.057  18.451  -3.280  1.00 33.01  ? 78   LEU A C   1 
ATOM   620  O O   . LEU A 1 78  ? 13.630  18.459  -4.416  1.00 31.04  ? 78   LEU A O   1 
ATOM   621  C CB  . LEU A 1 78  ? 14.588  17.202  -1.887  1.00 24.46  ? 78   LEU A CB  1 
ATOM   622  C CG  . LEU A 1 78  ? 15.183  18.475  -1.231  1.00 25.33  ? 78   LEU A CG  1 
ATOM   623  C CD1 . LEU A 1 78  ? 14.588  18.735  0.122   1.00 23.61  ? 78   LEU A CD1 1 
ATOM   624  C CD2 . LEU A 1 78  ? 16.633  18.150  -1.047  1.00 26.37  ? 78   LEU A CD2 1 
ATOM   625  N N   . VAL A 1 79  ? 12.302  19.443  -2.807  1.00 31.55  ? 79   VAL A N   1 
ATOM   626  C CA  . VAL A 1 79  ? 12.037  20.656  -3.525  1.00 33.77  ? 79   VAL A CA  1 
ATOM   627  C C   . VAL A 1 79  ? 12.477  21.883  -2.684  1.00 36.92  ? 79   VAL A C   1 
ATOM   628  O O   . VAL A 1 79  ? 12.074  22.020  -1.538  1.00 30.24  ? 79   VAL A O   1 
ATOM   629  C CB  . VAL A 1 79  ? 10.555  20.785  -3.871  1.00 32.50  ? 79   VAL A CB  1 
ATOM   630  C CG1 . VAL A 1 79  ? 10.298  22.071  -4.643  1.00 32.51  ? 79   VAL A CG1 1 
ATOM   631  C CG2 . VAL A 1 79  ? 10.036  19.562  -4.663  1.00 34.61  ? 79   VAL A CG2 1 
ATOM   632  N N   . LYS A 1 80  ? 13.302  22.744  -3.290  1.00 36.92  ? 80   LYS A N   1 
ATOM   633  C CA  . LYS A 1 80  ? 13.736  24.018  -2.707  1.00 41.47  ? 80   LYS A CA  1 
ATOM   634  C C   . LYS A 1 80  ? 13.418  25.172  -3.666  1.00 43.54  ? 80   LYS A C   1 
ATOM   635  O O   . LYS A 1 80  ? 13.706  25.113  -4.885  1.00 43.56  ? 80   LYS A O   1 
ATOM   636  C CB  . LYS A 1 80  ? 15.228  24.008  -2.339  1.00 39.20  ? 80   LYS A CB  1 
ATOM   637  N N   . ASP A 1 81  ? 12.765  26.184  -3.108  1.00 42.85  ? 81   ASP A N   1 
ATOM   638  C CA  . ASP A 1 81  ? 12.436  27.418  -3.809  1.00 43.53  ? 81   ASP A CA  1 
ATOM   639  C C   . ASP A 1 81  ? 11.720  27.098  -5.085  1.00 42.69  ? 81   ASP A C   1 
ATOM   640  O O   . ASP A 1 81  ? 12.047  27.598  -6.152  1.00 44.66  ? 81   ASP A O   1 
ATOM   641  C CB  . ASP A 1 81  ? 13.704  28.278  -4.040  1.00 45.93  ? 81   ASP A CB  1 
ATOM   642  C CG  . ASP A 1 81  ? 14.385  28.689  -2.705  1.00 53.85  ? 81   ASP A CG  1 
ATOM   643  O OD1 . ASP A 1 81  ? 13.688  29.332  -1.869  1.00 50.32  ? 81   ASP A OD1 1 
ATOM   644  O OD2 . ASP A 1 81  ? 15.587  28.351  -2.480  1.00 54.46  ? 81   ASP A OD2 1 
ATOM   645  N N   . GLY A 1 82  ? 10.715  26.249  -4.985  1.00 37.85  ? 82   GLY A N   1 
ATOM   646  C CA  . GLY A 1 82  ? 9.915   25.955  -6.135  1.00 36.46  ? 82   GLY A CA  1 
ATOM   647  C C   . GLY A 1 82  ? 10.538  24.997  -7.121  1.00 36.69  ? 82   GLY A C   1 
ATOM   648  O O   . GLY A 1 82  ? 9.843   24.522  -8.003  1.00 42.22  ? 82   GLY A O   1 
ATOM   649  N N   . ILE A 1 83  ? 11.812  24.662  -6.995  1.00 35.59  ? 83   ILE A N   1 
ATOM   650  C CA  . ILE A 1 83  ? 12.352  23.725  -7.974  1.00 37.41  ? 83   ILE A CA  1 
ATOM   651  C C   . ILE A 1 83  ? 12.922  22.433  -7.392  1.00 33.05  ? 83   ILE A C   1 
ATOM   652  O O   . ILE A 1 83  ? 13.626  22.429  -6.391  1.00 38.44  ? 83   ILE A O   1 
ATOM   653  C CB  . ILE A 1 83  ? 13.348  24.442  -8.910  1.00 41.90  ? 83   ILE A CB  1 
ATOM   654  C CG1 . ILE A 1 83  ? 14.742  24.422  -8.344  1.00 46.83  ? 83   ILE A CG1 1 
ATOM   655  C CG2 . ILE A 1 83  ? 12.884  25.860  -9.245  1.00 40.46  ? 83   ILE A CG2 1 
ATOM   656  C CD1 . ILE A 1 83  ? 15.544  23.244  -8.883  1.00 54.38  ? 83   ILE A CD1 1 
ATOM   657  N N   . GLU A 1 84  ? 12.617  21.324  -8.051  1.00 35.90  ? 84   GLU A N   1 
ATOM   658  C CA  . GLU A 1 84  ? 13.022  19.999  -7.601  1.00 36.58  ? 84   GLU A CA  1 
ATOM   659  C C   . GLU A 1 84  ? 14.524  19.826  -7.538  1.00 36.21  ? 84   GLU A C   1 
ATOM   660  O O   . GLU A 1 84  ? 15.208  20.081  -8.492  1.00 40.57  ? 84   GLU A O   1 
ATOM   661  C CB  . GLU A 1 84  ? 12.449  18.902  -8.528  1.00 35.19  ? 84   GLU A CB  1 
ATOM   662  C CG  . GLU A 1 84  ? 13.068  17.557  -8.236  1.00 34.96  ? 84   GLU A CG  1 
ATOM   663  C CD  . GLU A 1 84  ? 12.373  16.406  -8.896  1.00 35.56  ? 84   GLU A CD  1 
ATOM   664  O OE1 . GLU A 1 84  ? 11.231  16.542  -9.326  1.00 38.24  ? 84   GLU A OE1 1 
ATOM   665  O OE2 . GLU A 1 84  ? 12.973  15.330  -8.952  1.00 39.74  ? 84   GLU A OE2 1 
ATOM   666  N N   . GLN A 1 85  ? 15.024  19.294  -6.444  1.00 34.93  ? 85   GLN A N   1 
ATOM   667  C CA  . GLN A 1 85  ? 16.433  19.161  -6.227  1.00 36.79  ? 85   GLN A CA  1 
ATOM   668  C C   . GLN A 1 85  ? 16.968  17.749  -6.393  1.00 42.14  ? 85   GLN A C   1 
ATOM   669  O O   . GLN A 1 85  ? 18.113  17.523  -6.851  1.00 46.58  ? 85   GLN A O   1 
ATOM   670  C CB  . GLN A 1 85  ? 16.734  19.584  -4.823  1.00 38.17  ? 85   GLN A CB  1 
ATOM   671  C CG  . GLN A 1 85  ? 16.293  20.984  -4.491  1.00 38.51  ? 85   GLN A CG  1 
ATOM   672  C CD  . GLN A 1 85  ? 17.188  21.978  -5.172  1.00 37.46  ? 85   GLN A CD  1 
ATOM   673  O OE1 . GLN A 1 85  ? 18.390  21.862  -5.111  1.00 40.89  ? 85   GLN A OE1 1 
ATOM   674  N NE2 . GLN A 1 85  ? 16.599  22.938  -5.850  1.00 38.14  ? 85   GLN A NE2 1 
ATOM   675  N N   . LYS A 1 86  ? 16.151  16.785  -6.017  1.00 38.92  ? 86   LYS A N   1 
ATOM   676  C CA  . LYS A 1 86  ? 16.615  15.438  -5.848  1.00 37.58  ? 86   LYS A CA  1 
ATOM   677  C C   . LYS A 1 86  ? 15.389  14.569  -5.610  1.00 36.30  ? 86   LYS A C   1 
ATOM   678  O O   . LYS A 1 86  ? 14.434  15.020  -4.984  1.00 29.16  ? 86   LYS A O   1 
ATOM   679  C CB  . LYS A 1 86  ? 17.504  15.326  -4.627  1.00 38.78  ? 86   LYS A CB  1 
ATOM   680  C CG  . LYS A 1 86  ? 18.412  14.110  -4.697  1.00 46.68  ? 86   LYS A CG  1 
ATOM   681  C CD  . LYS A 1 86  ? 18.774  13.521  -3.339  1.00 49.42  ? 86   LYS A CD  1 
ATOM   682  C CE  . LYS A 1 86  ? 19.599  14.482  -2.465  1.00 51.76  ? 86   LYS A CE  1 
ATOM   683  N NZ  . LYS A 1 86  ? 20.263  13.786  -1.307  1.00 48.66  ? 86   LYS A NZ  1 
ATOM   684  N N   . ARG A 1 87  ? 15.468  13.314  -6.038  1.00 34.64  ? 87   ARG A N   1 
ATOM   685  C CA  . ARG A 1 87  ? 14.438  12.347  -5.775  1.00 29.86  ? 87   ARG A CA  1 
ATOM   686  C C   . ARG A 1 87  ? 15.070  10.964  -5.746  1.00 33.23  ? 87   ARG A C   1 
ATOM   687  O O   . ARG A 1 87  ? 16.104  10.713  -6.410  1.00 28.71  ? 87   ARG A O   1 
ATOM   688  C CB  . ARG A 1 87  ? 13.419  12.557  -6.872  1.00 30.11  ? 87   ARG A CB  1 
ATOM   689  C CG  . ARG A 1 87  ? 12.871  11.330  -7.536  1.00 31.94  ? 87   ARG A CG  1 
ATOM   690  C CD  . ARG A 1 87  ? 12.428  11.553  -8.965  1.00 26.36  ? 87   ARG A CD  1 
ATOM   691  N NE  . ARG A 1 87  ? 11.624  12.742  -9.193  1.00 28.46  ? 87   ARG A NE  1 
ATOM   692  C CZ  . ARG A 1 87  ? 10.388  12.791  -9.656  1.00 26.05  ? 87   ARG A CZ  1 
ATOM   693  N NH1 . ARG A 1 87  ? 9.688   11.702  -9.982  1.00 29.98  ? 87   ARG A NH1 1 
ATOM   694  N NH2 . ARG A 1 87  ? 9.836   13.964  -9.828  1.00 28.55  ? 87   ARG A NH2 1 
ATOM   695  N N   . PHE A 1 88  ? 14.530  10.075  -4.940  1.00 32.55  ? 88   PHE A N   1 
ATOM   696  C CA  . PHE A 1 88  ? 14.854  8.667   -5.011  1.00 29.95  ? 88   PHE A CA  1 
ATOM   697  C C   . PHE A 1 88  ? 13.582  7.899   -4.743  1.00 31.00  ? 88   PHE A C   1 
ATOM   698  O O   . PHE A 1 88  ? 12.558  8.431   -4.265  1.00 24.14  ? 88   PHE A O   1 
ATOM   699  C CB  . PHE A 1 88  ? 15.976  8.208   -4.033  1.00 32.27  ? 88   PHE A CB  1 
ATOM   700  C CG  . PHE A 1 88  ? 15.597  8.337   -2.578  1.00 31.34  ? 88   PHE A CG  1 
ATOM   701  C CD1 . PHE A 1 88  ? 15.675  9.585   -1.933  1.00 29.53  ? 88   PHE A CD1 1 
ATOM   702  C CD2 . PHE A 1 88  ? 15.093  7.261   -1.885  1.00 25.82  ? 88   PHE A CD2 1 
ATOM   703  C CE1 . PHE A 1 88  ? 15.239  9.721   -0.635  1.00 26.52  ? 88   PHE A CE1 1 
ATOM   704  C CE2 . PHE A 1 88  ? 14.663  7.403   -0.579  1.00 26.02  ? 88   PHE A CE2 1 
ATOM   705  C CZ  . PHE A 1 88  ? 14.757  8.633   0.046   1.00 27.06  ? 88   PHE A CZ  1 
ATOM   706  N N   . SER A 1 89  ? 13.672  6.606   -5.001  1.00 28.99  ? 89   SER A N   1 
ATOM   707  C CA  . SER A 1 89  ? 12.556  5.699   -4.765  1.00 28.77  ? 89   SER A CA  1 
ATOM   708  C C   . SER A 1 89  ? 13.067  4.571   -3.930  1.00 26.90  ? 89   SER A C   1 
ATOM   709  O O   . SER A 1 89  ? 14.268  4.160   -4.066  1.00 29.84  ? 89   SER A O   1 
ATOM   710  C CB  . SER A 1 89  ? 12.003  5.203   -6.088  1.00 31.95  ? 89   SER A CB  1 
ATOM   711  O OG  . SER A 1 89  ? 11.152  4.088   -5.864  1.00 38.52  ? 89   SER A OG  1 
ATOM   712  N N   . GLY A 1 90  ? 12.215  4.089   -3.033  1.00 25.63  ? 90   GLY A N   1 
ATOM   713  C CA  . GLY A 1 90  ? 12.593  3.027   -2.109  1.00 28.47  ? 90   GLY A CA  1 
ATOM   714  C C   . GLY A 1 90  ? 12.465  3.494   -0.684  1.00 28.34  ? 90   GLY A C   1 
ATOM   715  O O   . GLY A 1 90  ? 12.724  4.649   -0.378  1.00 30.80  ? 90   GLY A O   1 
ATOM   716  N N   . ALA A 1 91  ? 12.083  2.547   0.160   1.00 30.53  ? 91   ALA A N   1 
ATOM   717  C CA  . ALA A 1 91  ? 11.830  2.661   1.598   1.00 31.16  ? 91   ALA A CA  1 
ATOM   718  C C   . ALA A 1 91  ? 13.130  2.514   2.311   1.00 33.89  ? 91   ALA A C   1 
ATOM   719  O O   . ALA A 1 91  ? 13.323  1.553   3.061   1.00 31.38  ? 91   ALA A O   1 
ATOM   720  C CB  . ALA A 1 91  ? 10.856  1.562   2.048   1.00 30.64  ? 91   ALA A CB  1 
ATOM   721  N N   . ASP A 1 92  ? 14.007  3.486   2.036   1.00 32.49  ? 92   ASP A N   1 
ATOM   722  C CA  . ASP A 1 92  ? 15.424  3.492   2.440   1.00 35.22  ? 92   ASP A CA  1 
ATOM   723  C C   . ASP A 1 92  ? 15.726  4.653   3.442   1.00 29.99  ? 92   ASP A C   1 
ATOM   724  O O   . ASP A 1 92  ? 15.880  5.797   3.021   1.00 32.26  ? 92   ASP A O   1 
ATOM   725  C CB  . ASP A 1 92  ? 16.281  3.658   1.181   1.00 34.07  ? 92   ASP A CB  1 
ATOM   726  C CG  . ASP A 1 92  ? 17.767  3.889   1.474   1.00 41.76  ? 92   ASP A CG  1 
ATOM   727  O OD1 . ASP A 1 92  ? 18.248  3.679   2.615   1.00 41.04  ? 92   ASP A OD1 1 
ATOM   728  O OD2 . ASP A 1 92  ? 18.455  4.363   0.562   1.00 50.93  ? 92   ASP A OD2 1 
ATOM   729  N N   . ARG A 1 93  ? 15.792  4.313   4.734   1.00 33.00  ? 93   ARG A N   1 
ATOM   730  C CA  . ARG A 1 93  ? 16.019  5.260   5.858   1.00 35.59  ? 93   ARG A CA  1 
ATOM   731  C C   . ARG A 1 93  ? 17.248  6.140   5.637   1.00 34.79  ? 93   ARG A C   1 
ATOM   732  O O   . ARG A 1 93  ? 17.190  7.361   5.800   1.00 32.40  ? 93   ARG A O   1 
ATOM   733  C CB  . ARG A 1 93  ? 16.061  4.518   7.224   1.00 35.92  ? 93   ARG A CB  1 
ATOM   734  C CG  . ARG A 1 93  ? 14.735  3.819   7.615   1.00 39.50  ? 93   ARG A CG  1 
ATOM   735  C CD  . ARG A 1 93  ? 14.714  3.105   8.992   1.00 43.05  ? 93   ARG A CD  1 
ATOM   736  N NE  . ARG A 1 93  ? 15.481  3.838   10.014  1.00 49.01  ? 93   ARG A NE  1 
ATOM   737  C CZ  . ARG A 1 93  ? 15.006  4.397   11.145  1.00 49.11  ? 93   ARG A CZ  1 
ATOM   738  N NH1 . ARG A 1 93  ? 13.741  4.274   11.517  1.00 47.45  ? 93   ARG A NH1 1 
ATOM   739  N NH2 . ARG A 1 93  ? 15.835  5.082   11.939  1.00 48.36  ? 93   ARG A NH2 1 
ATOM   740  N N   . ASN A 1 94  ? 18.355  5.550   5.180   1.00 38.16  ? 94   ASN A N   1 
ATOM   741  C CA  . ASN A 1 94  ? 19.574  6.309   4.911   1.00 37.19  ? 94   ASN A CA  1 
ATOM   742  C C   . ASN A 1 94  ? 19.442  7.379   3.873   1.00 35.06  ? 94   ASN A C   1 
ATOM   743  O O   . ASN A 1 94  ? 19.926  8.505   4.026   1.00 35.05  ? 94   ASN A O   1 
ATOM   744  C CB  . ASN A 1 94  ? 20.696  5.384   4.422   1.00 49.93  ? 94   ASN A CB  1 
ATOM   745  C CG  . ASN A 1 94  ? 21.246  4.475   5.505   1.00 61.67  ? 94   ASN A CG  1 
ATOM   746  O OD1 . ASN A 1 94  ? 20.809  4.486   6.676   1.00 71.11  ? 94   ASN A OD1 1 
ATOM   747  N ND2 . ASN A 1 94  ? 22.231  3.663   5.113   1.00 75.31  ? 94   ASN A ND2 1 
ATOM   748  N N   . ALA A 1 95  ? 18.812  7.012   2.769   1.00 35.31  ? 95   ALA A N   1 
ATOM   749  C CA  . ALA A 1 95  ? 18.608  7.933   1.674   1.00 30.97  ? 95   ALA A CA  1 
ATOM   750  C C   . ALA A 1 95  ? 17.751  9.074   2.123   1.00 24.82  ? 95   ALA A C   1 
ATOM   751  O O   . ALA A 1 95  ? 17.984  10.206  1.735   1.00 28.43  ? 95   ALA A O   1 
ATOM   752  C CB  . ALA A 1 95  ? 17.973  7.212   0.483   1.00 33.48  ? 95   ALA A CB  1 
ATOM   753  N N   . LEU A 1 96  ? 16.713  8.758   2.870   1.00 27.88  ? 96   LEU A N   1 
ATOM   754  C CA  . LEU A 1 96  ? 15.785  9.802   3.373   1.00 26.89  ? 96   LEU A CA  1 
ATOM   755  C C   . LEU A 1 96  ? 16.528  10.828  4.333   1.00 29.17  ? 96   LEU A C   1 
ATOM   756  O O   . LEU A 1 96  ? 16.401  12.066  4.217   1.00 26.84  ? 96   LEU A O   1 
ATOM   757  C CB  . LEU A 1 96  ? 14.575  9.136   4.046   1.00 25.35  ? 96   LEU A CB  1 
ATOM   758  C CG  . LEU A 1 96  ? 13.547  10.110  4.667   1.00 23.84  ? 96   LEU A CG  1 
ATOM   759  C CD1 . LEU A 1 96  ? 13.046  11.110  3.632   1.00 24.33  ? 96   LEU A CD1 1 
ATOM   760  C CD2 . LEU A 1 96  ? 12.386  9.421   5.263   1.00 25.12  ? 96   LEU A CD2 1 
ATOM   761  N N   . LYS A 1 97  ? 17.309  10.283  5.241   1.00 31.18  ? 97   LYS A N   1 
ATOM   762  C CA  . LYS A 1 97  ? 18.097  11.095  6.195   1.00 32.95  ? 97   LYS A CA  1 
ATOM   763  C C   . LYS A 1 97  ? 19.012  12.021  5.438   1.00 33.38  ? 97   LYS A C   1 
ATOM   764  O O   . LYS A 1 97  ? 19.053  13.225  5.717   1.00 29.35  ? 97   LYS A O   1 
ATOM   765  C CB  . LYS A 1 97  ? 18.918  10.177  7.079   1.00 37.29  ? 97   LYS A CB  1 
ATOM   766  C CG  . LYS A 1 97  ? 19.864  10.868  8.027   1.00 40.47  ? 97   LYS A CG  1 
ATOM   767  C CD  . LYS A 1 97  ? 20.903  9.849   8.438   1.00 48.23  ? 97   LYS A CD  1 
ATOM   768  C CE  . LYS A 1 97  ? 20.521  9.124   9.703   1.00 55.44  ? 97   LYS A CE  1 
ATOM   769  N NZ  . LYS A 1 97  ? 20.701  9.988   10.911  1.00 63.41  ? 97   LYS A NZ  1 
ATOM   770  N N   . GLN A 1 98  ? 19.720  11.475  4.454   1.00 34.79  ? 98   GLN A N   1 
ATOM   771  C CA  . GLN A 1 98  ? 20.636  12.267  3.688   1.00 38.33  ? 98   GLN A CA  1 
ATOM   772  C C   . GLN A 1 98  ? 19.946  13.407  3.014   1.00 33.42  ? 98   GLN A C   1 
ATOM   773  O O   . GLN A 1 98  ? 20.418  14.525  3.048   1.00 36.36  ? 98   GLN A O   1 
ATOM   774  C CB  . GLN A 1 98  ? 21.320  11.401  2.633   1.00 47.29  ? 98   GLN A CB  1 
ATOM   775  C CG  . GLN A 1 98  ? 22.400  10.500  3.184   1.00 59.94  ? 98   GLN A CG  1 
ATOM   776  C CD  . GLN A 1 98  ? 23.800  11.109  3.080   1.00 74.95  ? 98   GLN A CD  1 
ATOM   777  O OE1 . GLN A 1 98  ? 24.095  11.875  2.142   1.00 87.47  ? 98   GLN A OE1 1 
ATOM   778  N NE2 . GLN A 1 98  ? 24.686  10.753  4.036   1.00 79.21  ? 98   GLN A NE2 1 
ATOM   779  N N   . MET A 1 99  ? 18.838  13.106  2.336   1.00 35.67  ? 99   MET A N   1 
ATOM   780  C CA  . MET A 1 99  ? 18.015  14.141  1.671   1.00 30.94  ? 99   MET A CA  1 
ATOM   781  C C   . MET A 1 99  ? 17.636  15.250  2.644   1.00 28.74  ? 99   MET A C   1 
ATOM   782  O O   . MET A 1 99  ? 17.792  16.430  2.358   1.00 28.34  ? 99   MET A O   1 
ATOM   783  C CB  . MET A 1 99  ? 16.744  13.510  1.068   1.00 30.01  ? 99   MET A CB  1 
ATOM   784  C CG  . MET A 1 99  ? 15.759  14.513  0.488   1.00 28.09  ? 99   MET A CG  1 
ATOM   785  S SD  . MET A 1 99  ? 14.304  13.730  -0.231  1.00 28.62  ? 99   MET A SD  1 
ATOM   786  C CE  . MET A 1 99  ? 14.890  13.227  -1.846  1.00 27.71  ? 99   MET A CE  1 
ATOM   787  N N   . VAL A 1 100 ? 17.119  14.858  3.812   1.00 31.39  ? 100  VAL A N   1 
ATOM   788  C CA  . VAL A 1 100 ? 16.747  15.830  4.831   1.00 33.61  ? 100  VAL A CA  1 
ATOM   789  C C   . VAL A 1 100 ? 17.965  16.616  5.366   1.00 36.42  ? 100  VAL A C   1 
ATOM   790  O O   . VAL A 1 100 ? 17.957  17.838  5.363   1.00 33.88  ? 100  VAL A O   1 
ATOM   791  C CB  . VAL A 1 100 ? 15.994  15.151  5.966   1.00 32.21  ? 100  VAL A CB  1 
ATOM   792  C CG1 . VAL A 1 100 ? 15.873  16.083  7.174   1.00 36.51  ? 100  VAL A CG1 1 
ATOM   793  C CG2 . VAL A 1 100 ? 14.620  14.752  5.464   1.00 30.90  ? 100  VAL A CG2 1 
ATOM   794  N N   . GLU A 1 101 ? 18.993  15.901  5.795   1.00 44.69  ? 101  GLU A N   1 
ATOM   795  C CA  . GLU A 1 101 ? 20.270  16.468  6.242   1.00 51.70  ? 101  GLU A CA  1 
ATOM   796  C C   . GLU A 1 101 ? 20.758  17.574  5.340   1.00 51.52  ? 101  GLU A C   1 
ATOM   797  O O   . GLU A 1 101 ? 21.183  18.605  5.816   1.00 56.33  ? 101  GLU A O   1 
ATOM   798  C CB  . GLU A 1 101 ? 21.353  15.364  6.280   1.00 59.98  ? 101  GLU A CB  1 
ATOM   799  C CG  . GLU A 1 101 ? 21.846  14.879  7.662   1.00 64.81  ? 101  GLU A CG  1 
ATOM   800  C CD  . GLU A 1 101 ? 20.742  14.522  8.665   1.00 66.25  ? 101  GLU A CD  1 
ATOM   801  O OE1 . GLU A 1 101 ? 19.587  14.999  8.484   1.00 55.21  ? 101  GLU A OE1 1 
ATOM   802  O OE2 . GLU A 1 101 ? 21.054  13.783  9.649   1.00 55.58  ? 101  GLU A OE2 1 
ATOM   803  N N   . THR A 1 102 ? 20.667  17.358  4.036   1.00 53.87  ? 102  THR A N   1 
ATOM   804  C CA  . THR A 1 102 ? 21.236  18.269  3.035   1.00 53.21  ? 102  THR A CA  1 
ATOM   805  C C   . THR A 1 102 ? 20.248  19.256  2.434   1.00 54.07  ? 102  THR A C   1 
ATOM   806  O O   . THR A 1 102 ? 20.522  19.799  1.380   1.00 55.75  ? 102  THR A O   1 
ATOM   807  C CB  . THR A 1 102 ? 21.927  17.465  1.882   1.00 55.05  ? 102  THR A CB  1 
ATOM   808  O OG1 . THR A 1 102 ? 20.974  16.776  1.053   1.00 50.01  ? 102  THR A OG1 1 
ATOM   809  C CG2 . THR A 1 102 ? 22.919  16.455  2.475   1.00 58.91  ? 102  THR A CG2 1 
ATOM   810  N N   . ALA A 1 103 ? 19.129  19.514  3.113   1.00 54.12  ? 103  ALA A N   1 
ATOM   811  C CA  . ALA A 1 103 ? 17.991  20.250  2.544   1.00 48.70  ? 103  ALA A CA  1 
ATOM   812  C C   . ALA A 1 103 ? 18.135  21.773  2.668   1.00 51.91  ? 103  ALA A C   1 
ATOM   813  O O   . ALA A 1 103 ? 18.965  22.267  3.450   1.00 56.88  ? 103  ALA A O   1 
ATOM   814  C CB  . ALA A 1 103 ? 16.700  19.808  3.224   1.00 46.70  ? 103  ALA A CB  1 
ATOM   815  N N   . ALA B 1 2   ? -12.907 -20.093 10.746  1.00 59.27  ? 2    ALA B N   1 
ATOM   816  C CA  . ALA B 1 2   ? -13.430 -19.015 9.842   1.00 67.63  ? 2    ALA B CA  1 
ATOM   817  C C   . ALA B 1 2   ? -12.434 -18.629 8.722   1.00 66.09  ? 2    ALA B C   1 
ATOM   818  O O   . ALA B 1 2   ? -12.813 -18.653 7.520   1.00 73.85  ? 2    ALA B O   1 
ATOM   819  C CB  . ALA B 1 2   ? -13.851 -17.774 10.642  1.00 65.40  ? 2    ALA B CB  1 
ATOM   820  N N   . VAL B 1 3   ? -11.191 -18.275 9.104   1.00 55.02  ? 3    VAL B N   1 
ATOM   821  C CA  . VAL B 1 3   ? -10.143 -17.913 8.126   1.00 47.95  ? 3    VAL B CA  1 
ATOM   822  C C   . VAL B 1 3   ? -9.060  -18.996 7.948   1.00 46.86  ? 3    VAL B C   1 
ATOM   823  O O   . VAL B 1 3   ? -8.267  -19.284 8.843   1.00 39.62  ? 3    VAL B O   1 
ATOM   824  C CB  . VAL B 1 3   ? -9.466  -16.573 8.476   1.00 47.38  ? 3    VAL B CB  1 
ATOM   825  C CG1 . VAL B 1 3   ? -8.373  -16.217 7.464   1.00 44.61  ? 3    VAL B CG1 1 
ATOM   826  C CG2 . VAL B 1 3   ? -10.497 -15.477 8.524   1.00 51.72  ? 3    VAL B CG2 1 
ATOM   827  N N   . LEU B 1 4   ? -8.980  -19.534 6.749   1.00 42.28  ? 4    LEU B N   1 
ATOM   828  C CA  . LEU B 1 4   ? -8.012  -20.559 6.438   1.00 39.34  ? 4    LEU B CA  1 
ATOM   829  C C   . LEU B 1 4   ? -6.700  -19.861 6.173   1.00 36.21  ? 4    LEU B C   1 
ATOM   830  O O   . LEU B 1 4   ? -6.692  -18.788 5.572   1.00 40.52  ? 4    LEU B O   1 
ATOM   831  C CB  . LEU B 1 4   ? -8.443  -21.295 5.168   1.00 42.82  ? 4    LEU B CB  1 
ATOM   832  C CG  . LEU B 1 4   ? -9.767  -22.066 5.114   1.00 49.79  ? 4    LEU B CG  1 
ATOM   833  C CD1 . LEU B 1 4   ? -10.972 -21.340 5.699   1.00 57.37  ? 4    LEU B CD1 1 
ATOM   834  C CD2 . LEU B 1 4   ? -10.095 -22.424 3.673   1.00 48.12  ? 4    LEU B CD2 1 
ATOM   835  N N   . HIS B 1 5   ? -5.616  -20.480 6.609   1.00 32.81  ? 5    HIS B N   1 
ATOM   836  C CA  . HIS B 1 5   ? -4.236  -20.080 6.373   1.00 33.44  ? 5    HIS B CA  1 
ATOM   837  C C   . HIS B 1 5   ? -3.520  -21.050 5.461   1.00 36.48  ? 5    HIS B C   1 
ATOM   838  O O   . HIS B 1 5   ? -3.391  -22.221 5.806   1.00 32.99  ? 5    HIS B O   1 
ATOM   839  C CB  . HIS B 1 5   ? -3.486  -20.044 7.683   1.00 33.11  ? 5    HIS B CB  1 
ATOM   840  C CG  . HIS B 1 5   ? -3.881  -18.890 8.514   1.00 37.59  ? 5    HIS B CG  1 
ATOM   841  N ND1 . HIS B 1 5   ? -3.051  -17.812 8.731   1.00 39.52  ? 5    HIS B ND1 1 
ATOM   842  C CD2 . HIS B 1 5   ? -5.058  -18.603 9.114   1.00 38.40  ? 5    HIS B CD2 1 
ATOM   843  C CE1 . HIS B 1 5   ? -3.713  -16.907 9.428   1.00 38.24  ? 5    HIS B CE1 1 
ATOM   844  N NE2 . HIS B 1 5   ? -4.925  -17.367 9.679   1.00 37.61  ? 5    HIS B NE2 1 
ATOM   845  N N   . ILE B 1 6   ? -3.065  -20.573 4.293   1.00 35.32  ? 6    ILE B N   1 
ATOM   846  C CA  . ILE B 1 6   ? -2.516  -21.443 3.275   1.00 33.34  ? 6    ILE B CA  1 
ATOM   847  C C   . ILE B 1 6   ? -1.268  -20.825 2.639   1.00 34.67  ? 6    ILE B C   1 
ATOM   848  O O   . ILE B 1 6   ? -1.353  -19.738 2.043   1.00 34.06  ? 6    ILE B O   1 
ATOM   849  C CB  . ILE B 1 6   ? -3.577  -21.738 2.174   1.00 34.04  ? 6    ILE B CB  1 
ATOM   850  C CG1 . ILE B 1 6   ? -4.856  -22.304 2.795   1.00 34.32  ? 6    ILE B CG1 1 
ATOM   851  C CG2 . ILE B 1 6   ? -3.053  -22.713 1.117   1.00 30.36  ? 6    ILE B CG2 1 
ATOM   852  C CD1 . ILE B 1 6   ? -5.900  -22.661 1.780   1.00 33.60  ? 6    ILE B CD1 1 
ATOM   853  N N   . ASN B 1 7   ? -0.152  -21.554 2.707   1.00 29.39  ? 7    ASN B N   1 
ATOM   854  C CA  . ASN B 1 7   ? 1.092   -21.148 2.085   1.00 32.03  ? 7    ASN B CA  1 
ATOM   855  C C   . ASN B 1 7   ? 1.604   -21.999 0.936   1.00 30.17  ? 7    ASN B C   1 
ATOM   856  O O   . ASN B 1 7   ? 2.528   -21.563 0.255   1.00 31.67  ? 7    ASN B O   1 
ATOM   857  C CB  . ASN B 1 7   ? 2.225   -21.102 3.120   1.00 36.21  ? 7    ASN B CB  1 
ATOM   858  C CG  . ASN B 1 7   ? 1.978   -20.104 4.236   1.00 41.06  ? 7    ASN B CG  1 
ATOM   859  O OD1 . ASN B 1 7   ? 2.496   -20.293 5.331   1.00 49.69  ? 7    ASN B OD1 1 
ATOM   860  N ND2 . ASN B 1 7   ? 1.207   -19.045 3.974   1.00 40.14  ? 7    ASN B ND2 1 
ATOM   861  N N   . ALA B 1 8   ? 1.024   -23.189 0.727   1.00 31.12  ? 8    ALA B N   1 
ATOM   862  C CA  . ALA B 1 8   ? 1.359   -24.099 -0.400  1.00 27.79  ? 8    ALA B CA  1 
ATOM   863  C C   . ALA B 1 8   ? 0.423   -23.954 -1.583  1.00 24.57  ? 8    ALA B C   1 
ATOM   864  O O   . ALA B 1 8   ? -0.815  -23.958 -1.445  1.00 24.69  ? 8    ALA B O   1 
ATOM   865  C CB  . ALA B 1 8   ? 1.337   -25.558 0.056   1.00 28.39  ? 8    ALA B CB  1 
ATOM   866  N N   . LEU B 1 9   ? 1.018   -23.842 -2.752  1.00 23.87  ? 9    LEU B N   1 
ATOM   867  C CA  . LEU B 1 9   ? 0.275   -23.683 -3.995  1.00 26.73  ? 9    LEU B CA  1 
ATOM   868  C C   . LEU B 1 9   ? -0.729  -24.813 -4.276  1.00 27.15  ? 9    LEU B C   1 
ATOM   869  O O   . LEU B 1 9   ? -1.861  -24.556 -4.610  1.00 24.22  ? 9    LEU B O   1 
ATOM   870  C CB  . LEU B 1 9   ? 1.217   -23.501 -5.199  1.00 28.30  ? 9    LEU B CB  1 
ATOM   871  C CG  . LEU B 1 9   ? 0.494   -23.124 -6.466  1.00 31.15  ? 9    LEU B CG  1 
ATOM   872  C CD1 . LEU B 1 9   ? -0.505  -22.000 -6.226  1.00 31.84  ? 9    LEU B CD1 1 
ATOM   873  C CD2 . LEU B 1 9   ? 1.477   -22.667 -7.525  1.00 32.24  ? 9    LEU B CD2 1 
ATOM   874  N N   . ASP B 1 10  ? -0.311  -26.069 -4.159  1.00 28.43  ? 10   ASP B N   1 
ATOM   875  C CA  . ASP B 1 10  ? -1.263  -27.178 -4.424  1.00 28.95  ? 10   ASP B CA  1 
ATOM   876  C C   . ASP B 1 10  ? -2.481  -27.194 -3.434  1.00 25.35  ? 10   ASP B C   1 
ATOM   877  O O   . ASP B 1 10  ? -3.606  -27.497 -3.817  1.00 29.20  ? 10   ASP B O   1 
ATOM   878  C CB  . ASP B 1 10  ? -0.510  -28.534 -4.561  1.00 28.70  ? 10   ASP B CB  1 
ATOM   879  C CG  . ASP B 1 10  ? 0.137   -28.744 -5.967  1.00 32.38  ? 10   ASP B CG  1 
ATOM   880  O OD1 . ASP B 1 10  ? -0.184  -28.033 -6.996  1.00 32.50  ? 10   ASP B OD1 1 
ATOM   881  O OD2 . ASP B 1 10  ? 0.981   -29.685 -6.060  1.00 36.81  ? 10   ASP B OD2 1 
ATOM   882  N N   . GLN B 1 11  ? -2.266  -26.813 -2.199  1.00 23.93  ? 11   GLN B N   1 
ATOM   883  C CA  . GLN B 1 11  ? -3.332  -26.646 -1.226  1.00 28.73  ? 11   GLN B CA  1 
ATOM   884  C C   . GLN B 1 11  ? -4.358  -25.568 -1.586  1.00 24.93  ? 11   GLN B C   1 
ATOM   885  O O   . GLN B 1 11  ? -5.542  -25.822 -1.545  1.00 22.66  ? 11   GLN B O   1 
ATOM   886  C CB  . GLN B 1 11  ? -2.760  -26.324 0.153   1.00 36.42  ? 11   GLN B CB  1 
ATOM   887  C CG  . GLN B 1 11  ? -2.205  -27.538 0.872   1.00 46.20  ? 11   GLN B CG  1 
ATOM   888  C CD  . GLN B 1 11  ? -2.817  -27.684 2.233   1.00 56.77  ? 11   GLN B CD  1 
ATOM   889  O OE1 . GLN B 1 11  ? -2.179  -27.368 3.249   1.00 75.83  ? 11   GLN B OE1 1 
ATOM   890  N NE2 . GLN B 1 11  ? -4.079  -28.128 2.271   1.00 57.44  ? 11   GLN B NE2 1 
ATOM   891  N N   . LEU B 1 12  ? -3.888  -24.377 -1.961  1.00 22.95  ? 12   LEU B N   1 
ATOM   892  C CA  . LEU B 1 12  ? -4.771  -23.320 -2.447  1.00 21.27  ? 12   LEU B CA  1 
ATOM   893  C C   . LEU B 1 12  ? -5.547  -23.735 -3.660  1.00 22.31  ? 12   LEU B C   1 
ATOM   894  O O   . LEU B 1 12  ? -6.776  -23.603 -3.738  1.00 22.36  ? 12   LEU B O   1 
ATOM   895  C CB  . LEU B 1 12  ? -3.919  -22.096 -2.785  1.00 21.27  ? 12   LEU B CB  1 
ATOM   896  C CG  . LEU B 1 12  ? -4.735  -20.819 -3.066  1.00 19.64  ? 12   LEU B CG  1 
ATOM   897  C CD1 . LEU B 1 12  ? -5.645  -20.456 -1.909  1.00 20.69  ? 12   LEU B CD1 1 
ATOM   898  C CD2 . LEU B 1 12  ? -3.862  -19.610 -3.380  1.00 22.32  ? 12   LEU B CD2 1 
ATOM   899  N N   . THR B 1 13  ? -4.822  -24.275 -4.640  1.00 25.33  ? 13   THR B N   1 
ATOM   900  C CA  . THR B 1 13  ? -5.462  -24.664 -5.924  1.00 23.64  ? 13   THR B CA  1 
ATOM   901  C C   . THR B 1 13  ? -6.508  -25.727 -5.652  1.00 20.59  ? 13   THR B C   1 
ATOM   902  O O   . THR B 1 13  ? -7.567  -25.666 -6.207  1.00 19.60  ? 13   THR B O   1 
ATOM   903  C CB  . THR B 1 13  ? -4.401  -25.203 -6.935  1.00 23.85  ? 13   THR B CB  1 
ATOM   904  O OG1 . THR B 1 13  ? -3.414  -24.210 -7.116  1.00 28.37  ? 13   THR B OG1 1 
ATOM   905  C CG2 . THR B 1 13  ? -4.993  -25.401 -8.244  1.00 26.67  ? 13   THR B CG2 1 
ATOM   906  N N   . ALA B 1 14  ? -6.240  -26.698 -4.785  1.00 20.95  ? 14   ALA B N   1 
ATOM   907  C CA  . ALA B 1 14  ? -7.317  -27.688 -4.432  1.00 23.26  ? 14   ALA B CA  1 
ATOM   908  C C   . ALA B 1 14  ? -8.519  -26.973 -3.786  1.00 24.78  ? 14   ALA B C   1 
ATOM   909  O O   . ALA B 1 14  ? -9.670  -27.257 -4.073  1.00 23.07  ? 14   ALA B O   1 
ATOM   910  C CB  . ALA B 1 14  ? -6.792  -28.723 -3.467  1.00 23.51  ? 14   ALA B CB  1 
ATOM   911  N N   . LEU B 1 15  ? -8.266  -26.043 -2.895  1.00 23.59  ? 15   LEU B N   1 
ATOM   912  C CA  . LEU B 1 15  ? -9.399  -25.310 -2.326  1.00 22.05  ? 15   LEU B CA  1 
ATOM   913  C C   . LEU B 1 15  ? -10.185 -24.653 -3.385  1.00 21.65  ? 15   LEU B C   1 
ATOM   914  O O   . LEU B 1 15  ? -11.378 -24.703 -3.411  1.00 20.98  ? 15   LEU B O   1 
ATOM   915  C CB  . LEU B 1 15  ? -8.930  -24.291 -1.305  1.00 23.29  ? 15   LEU B CB  1 
ATOM   916  C CG  . LEU B 1 15  ? -10.026 -23.448 -0.654  1.00 26.95  ? 15   LEU B CG  1 
ATOM   917  C CD1 . LEU B 1 15  ? -10.901 -24.313 0.246   1.00 26.78  ? 15   LEU B CD1 1 
ATOM   918  C CD2 . LEU B 1 15  ? -9.350  -22.356 0.132   1.00 28.64  ? 15   LEU B CD2 1 
ATOM   919  N N   . LEU B 1 16  ? -9.511  -23.936 -4.254  1.00 22.55  ? 16   LEU B N   1 
ATOM   920  C CA  . LEU B 1 16  ? -10.209 -23.172 -5.277  1.00 21.99  ? 16   LEU B CA  1 
ATOM   921  C C   . LEU B 1 16  ? -10.921 -24.028 -6.312  1.00 21.53  ? 16   LEU B C   1 
ATOM   922  O O   . LEU B 1 16  ? -11.748 -23.530 -7.088  1.00 22.29  ? 16   LEU B O   1 
ATOM   923  C CB  . LEU B 1 16  ? -9.217  -22.241 -5.966  1.00 22.74  ? 16   LEU B CB  1 
ATOM   924  C CG  . LEU B 1 16  ? -9.006  -20.890 -5.300  1.00 26.04  ? 16   LEU B CG  1 
ATOM   925  C CD1 . LEU B 1 16  ? -9.003  -20.943 -3.788  1.00 30.93  ? 16   LEU B CD1 1 
ATOM   926  C CD2 . LEU B 1 16  ? -7.692  -20.306 -5.807  1.00 24.35  ? 16   LEU B CD2 1 
ATOM   927  N N   . SER B 1 17  ? -10.559 -25.308 -6.359  1.00 22.42  ? 17   SER B N   1 
ATOM   928  C CA  . SER B 1 17  ? -11.165 -26.274 -7.251  1.00 23.07  ? 17   SER B CA  1 
ATOM   929  C C   . SER B 1 17  ? -12.326 -26.978 -6.581  1.00 28.72  ? 17   SER B C   1 
ATOM   930  O O   . SER B 1 17  ? -12.948 -27.827 -7.194  1.00 35.45  ? 17   SER B O   1 
ATOM   931  C CB  . SER B 1 17  ? -10.126 -27.311 -7.670  1.00 20.87  ? 17   SER B CB  1 
ATOM   932  O OG  . SER B 1 17  ? -8.892  -26.701 -8.133  1.00 20.20  ? 17   SER B OG  1 
ATOM   933  N N   . THR B 1 18  ? -12.586 -26.629 -5.322  1.00 31.08  ? 18   THR B N   1 
ATOM   934  C CA  . THR B 1 18  ? -13.592 -27.312 -4.489  1.00 34.65  ? 18   THR B CA  1 
ATOM   935  C C   . THR B 1 18  ? -14.705 -26.325 -4.027  1.00 35.84  ? 18   THR B C   1 
ATOM   936  O O   . THR B 1 18  ? -15.883 -26.666 -4.072  1.00 37.07  ? 18   THR B O   1 
ATOM   937  C CB  . THR B 1 18  ? -12.940 -27.920 -3.245  1.00 38.45  ? 18   THR B CB  1 
ATOM   938  O OG1 . THR B 1 18  ? -11.954 -28.881 -3.618  1.00 37.40  ? 18   THR B OG1 1 
ATOM   939  C CG2 . THR B 1 18  ? -13.986 -28.587 -2.388  1.00 45.58  ? 18   THR B CG2 1 
ATOM   940  N N   . GLU B 1 19  ? -14.326 -25.118 -3.621  1.00 32.36  ? 19   GLU B N   1 
ATOM   941  C CA  . GLU B 1 19  ? -15.251 -24.105 -3.148  1.00 34.15  ? 19   GLU B CA  1 
ATOM   942  C C   . GLU B 1 19  ? -15.645 -23.140 -4.250  1.00 33.01  ? 19   GLU B C   1 
ATOM   943  O O   . GLU B 1 19  ? -14.870 -22.886 -5.161  1.00 28.85  ? 19   GLU B O   1 
ATOM   944  C CB  . GLU B 1 19  ? -14.609 -23.361 -2.012  1.00 35.02  ? 19   GLU B CB  1 
ATOM   945  C CG  . GLU B 1 19  ? -14.259 -24.280 -0.885  1.00 41.33  ? 19   GLU B CG  1 
ATOM   946  C CD  . GLU B 1 19  ? -15.501 -24.937 -0.271  1.00 48.63  ? 19   GLU B CD  1 
ATOM   947  O OE1 . GLU B 1 19  ? -16.516 -24.243 -0.107  1.00 57.75  ? 19   GLU B OE1 1 
ATOM   948  O OE2 . GLU B 1 19  ? -15.478 -26.142 0.043   1.00 54.57  ? 19   GLU B OE2 1 
ATOM   949  N N   . LYS B 1 20  ? -16.836 -22.548 -4.159  1.00 33.64  ? 20   LYS B N   1 
ATOM   950  C CA  . LYS B 1 20  ? -17.373 -21.734 -5.262  1.00 35.56  ? 20   LYS B CA  1 
ATOM   951  C C   . LYS B 1 20  ? -16.814 -20.311 -5.248  1.00 35.58  ? 20   LYS B C   1 
ATOM   952  O O   . LYS B 1 20  ? -16.544 -19.714 -6.305  1.00 36.65  ? 20   LYS B O   1 
ATOM   953  C CB  . LYS B 1 20  ? -18.927 -21.687 -5.220  1.00 44.23  ? 20   LYS B CB  1 
ATOM   954  C CG  . LYS B 1 20  ? -19.612 -23.012 -5.519  1.00 50.57  ? 20   LYS B CG  1 
ATOM   955  C CD  . LYS B 1 20  ? -20.985 -22.855 -6.175  1.00 59.78  ? 20   LYS B CD  1 
ATOM   956  C CE  . LYS B 1 20  ? -20.943 -22.608 -7.697  1.00 66.83  ? 20   LYS B CE  1 
ATOM   957  N NZ  . LYS B 1 20  ? -21.181 -21.183 -8.126  1.00 67.20  ? 20   LYS B NZ  1 
ATOM   958  N N   . VAL B 1 21  ? -16.684 -19.759 -4.050  1.00 31.89  ? 21   VAL B N   1 
ATOM   959  C CA  . VAL B 1 21  ? -16.340 -18.352 -3.874  1.00 31.12  ? 21   VAL B CA  1 
ATOM   960  C C   . VAL B 1 21  ? -15.332 -18.241 -2.776  1.00 28.26  ? 21   VAL B C   1 
ATOM   961  O O   . VAL B 1 21  ? -15.574 -18.682 -1.655  1.00 29.91  ? 21   VAL B O   1 
ATOM   962  C CB  . VAL B 1 21  ? -17.556 -17.489 -3.496  1.00 32.54  ? 21   VAL B CB  1 
ATOM   963  C CG1 . VAL B 1 21  ? -17.134 -16.022 -3.332  1.00 35.62  ? 21   VAL B CG1 1 
ATOM   964  C CG2 . VAL B 1 21  ? -18.616 -17.591 -4.555  1.00 34.41  ? 21   VAL B CG2 1 
ATOM   965  N N   . ILE B 1 22  ? -14.218 -17.586 -3.099  1.00 25.60  ? 22   ILE B N   1 
ATOM   966  C CA  . ILE B 1 22  ? -13.069 -17.408 -2.205  1.00 25.36  ? 22   ILE B CA  1 
ATOM   967  C C   . ILE B 1 22  ? -12.501 -15.979 -2.294  1.00 25.27  ? 22   ILE B C   1 
ATOM   968  O O   . ILE B 1 22  ? -12.353 -15.426 -3.394  1.00 23.48  ? 22   ILE B O   1 
ATOM   969  C CB  . ILE B 1 22  ? -11.927 -18.432 -2.560  1.00 25.23  ? 22   ILE B CB  1 
ATOM   970  C CG1 . ILE B 1 22  ? -12.422 -19.906 -2.525  1.00 25.44  ? 22   ILE B CG1 1 
ATOM   971  C CG2 . ILE B 1 22  ? -10.784 -18.374 -1.594  1.00 23.93  ? 22   ILE B CG2 1 
ATOM   972  C CD1 . ILE B 1 22  ? -12.843 -20.394 -3.886  1.00 27.69  ? 22   ILE B CD1 1 
ATOM   973  N N   . VAL B 1 23  ? -12.179 -15.389 -1.132  1.00 27.07  ? 23   VAL B N   1 
ATOM   974  C CA  . VAL B 1 23  ? -11.475 -14.112 -1.047  1.00 26.97  ? 23   VAL B CA  1 
ATOM   975  C C   . VAL B 1 23  ? -10.221 -14.366 -0.288  1.00 25.76  ? 23   VAL B C   1 
ATOM   976  O O   . VAL B 1 23  ? -10.258 -14.862 0.867   1.00 24.37  ? 23   VAL B O   1 
ATOM   977  C CB  . VAL B 1 23  ? -12.228 -13.009 -0.253  1.00 32.07  ? 23   VAL B CB  1 
ATOM   978  C CG1 . VAL B 1 23  ? -11.381 -11.737 -0.193  1.00 39.26  ? 23   VAL B CG1 1 
ATOM   979  C CG2 . VAL B 1 23  ? -13.521 -12.637 -0.920  1.00 30.53  ? 23   VAL B CG2 1 
ATOM   980  N N   . ILE B 1 24  ? -9.107  -14.013 -0.937  1.00 23.25  ? 24   ILE B N   1 
ATOM   981  C CA  . ILE B 1 24  ? -7.783  -14.255 -0.405  1.00 22.98  ? 24   ILE B CA  1 
ATOM   982  C C   . ILE B 1 24  ? -7.149  -12.948 -0.012  1.00 24.57  ? 24   ILE B C   1 
ATOM   983  O O   . ILE B 1 24  ? -7.191  -11.965 -0.803  1.00 24.13  ? 24   ILE B O   1 
ATOM   984  C CB  . ILE B 1 24  ? -6.837  -14.944 -1.445  1.00 24.12  ? 24   ILE B CB  1 
ATOM   985  C CG1 . ILE B 1 24  ? -7.500  -16.176 -2.067  1.00 25.33  ? 24   ILE B CG1 1 
ATOM   986  C CG2 . ILE B 1 24  ? -5.549  -15.355 -0.779  1.00 23.82  ? 24   ILE B CG2 1 
ATOM   987  C CD1 . ILE B 1 24  ? -6.894  -16.549 -3.413  1.00 26.31  ? 24   ILE B CD1 1 
ATOM   988  N N   . ASP B 1 25  ? -6.484  -12.992 1.136   1.00 23.96  ? 25   ASP B N   1 
ATOM   989  C CA  . ASP B 1 25  ? -5.705  -11.875 1.713   1.00 30.17  ? 25   ASP B CA  1 
ATOM   990  C C   . ASP B 1 25  ? -4.254  -12.247 1.765   1.00 23.23  ? 25   ASP B C   1 
ATOM   991  O O   . ASP B 1 25  ? -3.847  -13.068 2.570   1.00 28.65  ? 25   ASP B O   1 
ATOM   992  C CB  . ASP B 1 25  ? -6.147  -11.555 3.157   1.00 31.49  ? 25   ASP B CB  1 
ATOM   993  C CG  . ASP B 1 25  ? -5.376  -10.320 3.791   1.00 33.21  ? 25   ASP B CG  1 
ATOM   994  O OD1 . ASP B 1 25  ? -4.466  -9.702  3.158   1.00 35.43  ? 25   ASP B OD1 1 
ATOM   995  O OD2 . ASP B 1 25  ? -5.725  -9.957  4.950   1.00 37.48  ? 25   ASP B OD2 1 
ATOM   996  N N   . PHE B 1 26  ? -3.469  -11.658 0.874   1.00 24.94  ? 26   PHE B N   1 
ATOM   997  C CA  . PHE B 1 26  ? -2.027  -11.794 0.884   1.00 24.04  ? 26   PHE B CA  1 
ATOM   998  C C   . PHE B 1 26  ? -1.455  -10.778 1.862   1.00 27.62  ? 26   PHE B C   1 
ATOM   999  O O   . PHE B 1 26  ? -1.527  -9.549  1.589   1.00 27.16  ? 26   PHE B O   1 
ATOM   1000 C CB  . PHE B 1 26  ? -1.455  -11.526 -0.541  1.00 26.14  ? 26   PHE B CB  1 
ATOM   1001 C CG  . PHE B 1 26  ? -1.765  -12.631 -1.509  1.00 25.37  ? 26   PHE B CG  1 
ATOM   1002 C CD1 . PHE B 1 26  ? -2.960  -12.674 -2.159  1.00 24.78  ? 26   PHE B CD1 1 
ATOM   1003 C CD2 . PHE B 1 26  ? -0.840  -13.676 -1.726  1.00 28.36  ? 26   PHE B CD2 1 
ATOM   1004 C CE1 . PHE B 1 26  ? -3.285  -13.736 -3.023  1.00 23.36  ? 26   PHE B CE1 1 
ATOM   1005 C CE2 . PHE B 1 26  ? -1.137  -14.720 -2.605  1.00 26.73  ? 26   PHE B CE2 1 
ATOM   1006 C CZ  . PHE B 1 26  ? -2.373  -14.750 -3.236  1.00 25.84  ? 26   PHE B CZ  1 
ATOM   1007 N N   . PHE B 1 27  ? -0.830  -11.273 2.940   1.00 28.11  ? 27   PHE B N   1 
ATOM   1008 C CA  . PHE B 1 27  ? -0.419  -10.417 4.042   1.00 28.98  ? 27   PHE B CA  1 
ATOM   1009 C C   . PHE B 1 27  ? 1.057   -10.563 4.375   1.00 30.54  ? 27   PHE B C   1 
ATOM   1010 O O   . PHE B 1 27  ? 1.766   -11.479 3.958   1.00 29.93  ? 27   PHE B O   1 
ATOM   1011 C CB  . PHE B 1 27  ? -1.311  -10.641 5.286   1.00 29.55  ? 27   PHE B CB  1 
ATOM   1012 C CG  . PHE B 1 27  ? -1.010  -11.897 5.994   1.00 32.14  ? 27   PHE B CG  1 
ATOM   1013 C CD1 . PHE B 1 27  ? -1.571  -13.099 5.571   1.00 34.77  ? 27   PHE B CD1 1 
ATOM   1014 C CD2 . PHE B 1 27  ? -0.118  -11.905 7.043   1.00 31.55  ? 27   PHE B CD2 1 
ATOM   1015 C CE1 . PHE B 1 27  ? -1.239  -14.290 6.194   1.00 36.17  ? 27   PHE B CE1 1 
ATOM   1016 C CE2 . PHE B 1 27  ? 0.222   -13.075 7.673   1.00 35.13  ? 27   PHE B CE2 1 
ATOM   1017 C CZ  . PHE B 1 27  ? -0.353  -14.284 7.264   1.00 33.59  ? 27   PHE B CZ  1 
ATOM   1018 N N   . ALA B 1 28  ? 1.540   -9.563  5.103   1.00 35.09  ? 28   ALA B N   1 
ATOM   1019 C CA  . ALA B 1 28  ? 2.858   -9.595  5.690   1.00 36.57  ? 28   ALA B CA  1 
ATOM   1020 C C   . ALA B 1 28  ? 2.666   -8.973  7.054   1.00 40.34  ? 28   ALA B C   1 
ATOM   1021 O O   . ALA B 1 28  ? 2.003   -7.948  7.174   1.00 46.31  ? 28   ALA B O   1 
ATOM   1022 C CB  . ALA B 1 28  ? 3.803   -8.773  4.891   1.00 37.58  ? 28   ALA B CB  1 
ATOM   1023 N N   . THR B 1 29  ? 3.194   -9.619  8.079   1.00 41.93  ? 29   THR B N   1 
ATOM   1024 C CA  . THR B 1 29  ? 3.002   -9.132  9.440   1.00 44.53  ? 29   THR B CA  1 
ATOM   1025 C C   . THR B 1 29  ? 3.863   -7.870  9.685   1.00 44.92  ? 29   THR B C   1 
ATOM   1026 O O   . THR B 1 29  ? 3.470   -6.969  10.441  1.00 48.24  ? 29   THR B O   1 
ATOM   1027 C CB  . THR B 1 29  ? 3.366   -10.248 10.436  1.00 46.28  ? 29   THR B CB  1 
ATOM   1028 O OG1 . THR B 1 29  ? 4.627   -10.836 10.062  1.00 39.47  ? 29   THR B OG1 1 
ATOM   1029 C CG2 . THR B 1 29  ? 2.261   -11.310 10.427  1.00 46.02  ? 29   THR B CG2 1 
ATOM   1030 N N   . TRP B 1 30  ? 5.034   -7.844  9.049   1.00 40.07  ? 30   TRP B N   1 
ATOM   1031 C CA  . TRP B 1 30  ? 5.872   -6.663  8.946   1.00 41.68  ? 30   TRP B CA  1 
ATOM   1032 C C   . TRP B 1 30  ? 5.342   -5.508  8.075   1.00 40.33  ? 30   TRP B C   1 
ATOM   1033 O O   . TRP B 1 30  ? 6.044   -4.527  7.887   1.00 44.26  ? 30   TRP B O   1 
ATOM   1034 C CB  . TRP B 1 30  ? 7.235   -7.073  8.424   1.00 46.06  ? 30   TRP B CB  1 
ATOM   1035 C CG  . TRP B 1 30  ? 7.292   -7.751  7.035   1.00 48.97  ? 30   TRP B CG  1 
ATOM   1036 C CD1 . TRP B 1 30  ? 7.540   -9.080  6.793   1.00 50.82  ? 30   TRP B CD1 1 
ATOM   1037 C CD2 . TRP B 1 30  ? 7.198   -7.127  5.734   1.00 46.90  ? 30   TRP B CD2 1 
ATOM   1038 N NE1 . TRP B 1 30  ? 7.569   -9.325  5.446   1.00 50.22  ? 30   TRP B NE1 1 
ATOM   1039 C CE2 . TRP B 1 30  ? 7.371   -8.149  4.770   1.00 51.24  ? 30   TRP B CE2 1 
ATOM   1040 C CE3 . TRP B 1 30  ? 6.976   -5.813  5.286   1.00 51.27  ? 30   TRP B CE3 1 
ATOM   1041 C CZ2 . TRP B 1 30  ? 7.325   -7.901  3.384   1.00 50.40  ? 30   TRP B CZ2 1 
ATOM   1042 C CZ3 . TRP B 1 30  ? 6.943   -5.566  3.889   1.00 52.53  ? 30   TRP B CZ3 1 
ATOM   1043 C CH2 . TRP B 1 30  ? 7.103   -6.623  2.964   1.00 44.89  ? 30   TRP B CH2 1 
ATOM   1044 N N   . CYS B 1 31  ? 4.130   -5.600  7.550   1.00 42.41  ? 31   CYS B N   1 
ATOM   1045 C CA  . CYS B 1 31  ? 3.565   -4.503  6.778   1.00 40.68  ? 31   CYS B CA  1 
ATOM   1046 C C   . CYS B 1 31  ? 2.407   -3.850  7.521   1.00 38.59  ? 31   CYS B C   1 
ATOM   1047 O O   . CYS B 1 31  ? 1.337   -4.449  7.689   1.00 34.33  ? 31   CYS B O   1 
ATOM   1048 C CB  . CYS B 1 31  ? 3.149   -4.968  5.372   1.00 39.10  ? 31   CYS B CB  1 
ATOM   1049 S SG  . CYS B 1 31  ? 2.356   -3.699  4.370   1.00 40.52  ? 31   CYS B SG  1 
ATOM   1050 N N   . GLY B 1 32  ? 2.641   -2.581  7.924   1.00 39.25  ? 32   GLY B N   1 
ATOM   1051 C CA  . GLY B 1 32  ? 1.672   -1.788  8.656   1.00 32.94  ? 32   GLY B CA  1 
ATOM   1052 C C   . GLY B 1 32  ? 0.289   -1.784  8.117   1.00 35.27  ? 32   GLY B C   1 
ATOM   1053 O O   . GLY B 1 32  ? -0.676  -2.194  8.809   1.00 41.91  ? 32   GLY B O   1 
ATOM   1054 N N   . PRO B 1 33  ? 0.130   -1.342  6.852   1.00 36.18  ? 33   PRO B N   1 
ATOM   1055 C CA  . PRO B 1 33  ? -1.233  -1.441  6.329   1.00 33.68  ? 33   PRO B CA  1 
ATOM   1056 C C   . PRO B 1 33  ? -1.840  -2.865  6.313   1.00 30.66  ? 33   PRO B C   1 
ATOM   1057 O O   . PRO B 1 33  ? -3.042  -2.997  6.452   1.00 36.00  ? 33   PRO B O   1 
ATOM   1058 C CB  . PRO B 1 33  ? -1.153  -0.806  4.921   1.00 35.91  ? 33   PRO B CB  1 
ATOM   1059 C CG  . PRO B 1 33  ? 0.318   -0.697  4.616   1.00 40.95  ? 33   PRO B CG  1 
ATOM   1060 C CD  . PRO B 1 33  ? 1.053   -0.661  5.925   1.00 38.37  ? 33   PRO B CD  1 
ATOM   1061 N N   . SER B 1 34  ? -1.043  -3.907  6.208   1.00 32.25  ? 34   SER B N   1 
ATOM   1062 C CA  . SER B 1 34  ? -1.585  -5.271  6.231   1.00 38.08  ? 34   SER B CA  1 
ATOM   1063 C C   . SER B 1 34  ? -2.184  -5.552  7.628   1.00 40.93  ? 34   SER B C   1 
ATOM   1064 O O   . SER B 1 34  ? -3.346  -6.010  7.767   1.00 37.72  ? 34   SER B O   1 
ATOM   1065 C CB  . SER B 1 34  ? -0.475  -6.292  5.958   1.00 39.33  ? 34   SER B CB  1 
ATOM   1066 O OG  . SER B 1 34  ? -1.053  -7.557  5.805   1.00 47.09  ? 34   SER B OG  1 
ATOM   1067 N N   . ARG B 1 35  ? -1.392  -5.223  8.648   1.00 38.39  ? 35   ARG B N   1 
ATOM   1068 C CA  . ARG B 1 35  ? -1.877  -5.284  10.049  1.00 43.34  ? 35   ARG B CA  1 
ATOM   1069 C C   . ARG B 1 35  ? -3.216  -4.544  10.245  1.00 43.66  ? 35   ARG B C   1 
ATOM   1070 O O   . ARG B 1 35  ? -4.138  -5.113  10.807  1.00 46.76  ? 35   ARG B O   1 
ATOM   1071 C CB  . ARG B 1 35  ? -0.814  -4.783  11.005  1.00 38.65  ? 35   ARG B CB  1 
ATOM   1072 C CG  . ARG B 1 35  ? 0.490   -5.559  10.946  1.00 41.98  ? 35   ARG B CG  1 
ATOM   1073 C CD  . ARG B 1 35  ? 1.414   -5.184  12.107  1.00 51.36  ? 35   ARG B CD  1 
ATOM   1074 N NE  . ARG B 1 35  ? 1.763   -3.741  12.125  1.00 62.91  ? 35   ARG B NE  1 
ATOM   1075 C CZ  . ARG B 1 35  ? 2.957   -3.208  11.806  1.00 65.85  ? 35   ARG B CZ  1 
ATOM   1076 N NH1 . ARG B 1 35  ? 3.985   -3.971  11.425  1.00 67.56  ? 35   ARG B NH1 1 
ATOM   1077 N NH2 . ARG B 1 35  ? 3.130   -1.883  11.865  1.00 66.17  ? 35   ARG B NH2 1 
ATOM   1078 N N   . SER B 1 36  ? -3.339  -3.315  9.717   1.00 42.58  ? 36   SER B N   1 
ATOM   1079 C CA  . SER B 1 36  ? -4.482  -2.472  10.004  1.00 37.92  ? 36   SER B CA  1 
ATOM   1080 C C   . SER B 1 36  ? -5.766  -3.121  9.600   1.00 39.26  ? 36   SER B C   1 
ATOM   1081 O O   . SER B 1 36  ? -6.736  -3.094  10.372  1.00 43.34  ? 36   SER B O   1 
ATOM   1082 C CB  . SER B 1 36  ? -4.318  -1.027  9.396   1.00 41.80  ? 36   SER B CB  1 
ATOM   1083 O OG  . SER B 1 36  ? -5.485  -0.542  8.659   1.00 48.54  ? 36   SER B OG  1 
ATOM   1084 N N   . ILE B 1 37  ? -5.807  -3.707  8.398   1.00 36.10  ? 37   ILE B N   1 
ATOM   1085 C CA  . ILE B 1 37  ? -7.077  -4.192  7.803   1.00 34.76  ? 37   ILE B CA  1 
ATOM   1086 C C   . ILE B 1 37  ? -7.304  -5.666  8.143   1.00 35.09  ? 37   ILE B C   1 
ATOM   1087 O O   . ILE B 1 37  ? -8.415  -6.161  8.011   1.00 36.86  ? 37   ILE B O   1 
ATOM   1088 C CB  . ILE B 1 37  ? -7.116  -3.977  6.257   1.00 35.25  ? 37   ILE B CB  1 
ATOM   1089 C CG1 . ILE B 1 37  ? -8.525  -4.229  5.749   1.00 32.57  ? 37   ILE B CG1 1 
ATOM   1090 C CG2 . ILE B 1 37  ? -6.050  -4.858  5.584   1.00 33.62  ? 37   ILE B CG2 1 
ATOM   1091 C CD1 . ILE B 1 37  ? -8.880  -3.613  4.428   1.00 35.00  ? 37   ILE B CD1 1 
ATOM   1092 N N   . SER B 1 38  ? -6.242  -6.349  8.567   1.00 38.30  ? 38   SER B N   1 
ATOM   1093 C CA  . SER B 1 38  ? -6.321  -7.783  8.942   1.00 44.48  ? 38   SER B CA  1 
ATOM   1094 C C   . SER B 1 38  ? -7.514  -8.102  9.878   1.00 44.95  ? 38   SER B C   1 
ATOM   1095 O O   . SER B 1 38  ? -8.312  -8.995  9.584   1.00 41.36  ? 38   SER B O   1 
ATOM   1096 C CB  . SER B 1 38  ? -4.974  -8.245  9.529   1.00 46.94  ? 38   SER B CB  1 
ATOM   1097 O OG  . SER B 1 38  ? -5.043  -9.565  10.043  1.00 52.48  ? 38   SER B OG  1 
ATOM   1098 N N   . PRO B 1 39  ? -7.683  -7.317  10.961  1.00 52.32  ? 39   PRO B N   1 
ATOM   1099 C CA  . PRO B 1 39  ? -8.872  -7.294  11.832  1.00 50.81  ? 39   PRO B CA  1 
ATOM   1100 C C   . PRO B 1 39  ? -10.202 -7.229  11.116  1.00 51.19  ? 39   PRO B C   1 
ATOM   1101 O O   . PRO B 1 39  ? -11.131 -7.960  11.485  1.00 52.42  ? 39   PRO B O   1 
ATOM   1102 C CB  . PRO B 1 39  ? -8.694  -5.990  12.599  1.00 53.97  ? 39   PRO B CB  1 
ATOM   1103 C CG  . PRO B 1 39  ? -7.226  -5.890  12.766  1.00 56.93  ? 39   PRO B CG  1 
ATOM   1104 C CD  . PRO B 1 39  ? -6.637  -6.424  11.496  1.00 57.42  ? 39   PRO B CD  1 
ATOM   1105 N N   . TYR B 1 40  ? -10.305 -6.330  10.136  1.00 42.95  ? 40   TYR B N   1 
ATOM   1106 C CA  . TYR B 1 40  ? -11.527 -6.171  9.377   1.00 45.05  ? 40   TYR B CA  1 
ATOM   1107 C C   . TYR B 1 40  ? -11.766 -7.399  8.478   1.00 42.96  ? 40   TYR B C   1 
ATOM   1108 O O   . TYR B 1 40  ? -12.876 -7.922  8.396   1.00 40.85  ? 40   TYR B O   1 
ATOM   1109 C CB  . TYR B 1 40  ? -11.464 -4.881  8.561   1.00 42.56  ? 40   TYR B CB  1 
ATOM   1110 C CG  . TYR B 1 40  ? -12.734 -4.549  7.810   1.00 45.53  ? 40   TYR B CG  1 
ATOM   1111 C CD1 . TYR B 1 40  ? -13.987 -4.650  8.419   1.00 52.74  ? 40   TYR B CD1 1 
ATOM   1112 C CD2 . TYR B 1 40  ? -12.691 -4.101  6.490   1.00 44.32  ? 40   TYR B CD2 1 
ATOM   1113 C CE1 . TYR B 1 40  ? -15.154 -4.334  7.714   1.00 50.12  ? 40   TYR B CE1 1 
ATOM   1114 C CE2 . TYR B 1 40  ? -13.843 -3.782  5.792   1.00 46.53  ? 40   TYR B CE2 1 
ATOM   1115 C CZ  . TYR B 1 40  ? -15.074 -3.896  6.412   1.00 45.93  ? 40   TYR B CZ  1 
ATOM   1116 O OH  . TYR B 1 40  ? -16.229 -3.603  5.733   1.00 53.41  ? 40   TYR B OH  1 
ATOM   1117 N N   . PHE B 1 41  ? -10.720 -7.855  7.794   1.00 44.01  ? 41   PHE B N   1 
ATOM   1118 C CA  . PHE B 1 41  ? -10.818 -9.095  7.000   1.00 39.30  ? 41   PHE B CA  1 
ATOM   1119 C C   . PHE B 1 41  ? -11.394 -10.219 7.870   1.00 37.11  ? 41   PHE B C   1 
ATOM   1120 O O   . PHE B 1 41  ? -12.360 -10.876 7.462   1.00 36.08  ? 41   PHE B O   1 
ATOM   1121 C CB  . PHE B 1 41  ? -9.429  -9.517  6.454   1.00 39.80  ? 41   PHE B CB  1 
ATOM   1122 C CG  . PHE B 1 41  ? -9.472  -10.681 5.491   1.00 37.57  ? 41   PHE B CG  1 
ATOM   1123 C CD1 . PHE B 1 41  ? -9.926  -10.503 4.211   1.00 36.88  ? 41   PHE B CD1 1 
ATOM   1124 C CD2 . PHE B 1 41  ? -9.016  -11.957 5.864   1.00 39.13  ? 41   PHE B CD2 1 
ATOM   1125 C CE1 . PHE B 1 41  ? -9.960  -11.559 3.320   1.00 34.02  ? 41   PHE B CE1 1 
ATOM   1126 C CE2 . PHE B 1 41  ? -9.037  -13.018 4.961   1.00 35.33  ? 41   PHE B CE2 1 
ATOM   1127 C CZ  . PHE B 1 41  ? -9.514  -12.810 3.683   1.00 33.31  ? 41   PHE B CZ  1 
ATOM   1128 N N   . GLU B 1 42  ? -10.763 -10.442 9.028   1.00 39.86  ? 42   GLU B N   1 
ATOM   1129 C CA  . GLU B 1 42  ? -11.216 -11.466 10.001  1.00 49.69  ? 42   GLU B CA  1 
ATOM   1130 C C   . GLU B 1 42  ? -12.667 -11.213 10.510  1.00 54.04  ? 42   GLU B C   1 
ATOM   1131 O O   . GLU B 1 42  ? -13.482 -12.152 10.635  1.00 46.07  ? 42   GLU B O   1 
ATOM   1132 C CB  . GLU B 1 42  ? -10.249 -11.581 11.166  1.00 49.37  ? 42   GLU B CB  1 
ATOM   1133 C CG  . GLU B 1 42  ? -8.805  -11.932 10.785  1.00 54.47  ? 42   GLU B CG  1 
ATOM   1134 C CD  . GLU B 1 42  ? -8.441  -13.423 10.861  1.00 57.23  ? 42   GLU B CD  1 
ATOM   1135 O OE1 . GLU B 1 42  ? -9.308  -14.254 11.214  1.00 56.52  ? 42   GLU B OE1 1 
ATOM   1136 O OE2 . GLU B 1 42  ? -7.260  -13.768 10.574  1.00 50.81  ? 42   GLU B OE2 1 
ATOM   1137 N N   . GLU B 1 43  ? -13.007 -9.941  10.746  1.00 57.91  ? 43   GLU B N   1 
ATOM   1138 C CA  . GLU B 1 43  ? -14.377 -9.588  11.119  1.00 57.51  ? 43   GLU B CA  1 
ATOM   1139 C C   . GLU B 1 43  ? -15.304 -10.041 10.018  1.00 50.66  ? 43   GLU B C   1 
ATOM   1140 O O   . GLU B 1 43  ? -16.175 -10.864 10.251  1.00 44.39  ? 43   GLU B O   1 
ATOM   1141 C CB  . GLU B 1 43  ? -14.537 -8.070  11.377  1.00 65.11  ? 43   GLU B CB  1 
ATOM   1142 C CG  . GLU B 1 43  ? -15.981 -7.632  11.685  1.00 71.01  ? 43   GLU B CG  1 
ATOM   1143 C CD  . GLU B 1 43  ? -16.217 -6.121  11.566  1.00 71.62  ? 43   GLU B CD  1 
ATOM   1144 O OE1 . GLU B 1 43  ? -15.401 -5.343  12.105  1.00 70.38  ? 43   GLU B OE1 1 
ATOM   1145 O OE2 . GLU B 1 43  ? -17.220 -5.711  10.935  1.00 72.02  ? 43   GLU B OE2 1 
ATOM   1146 N N   . LEU B 1 44  ? -15.105 -9.500  8.813   1.00 52.22  ? 44   LEU B N   1 
ATOM   1147 C CA  . LEU B 1 44  ? -15.858 -9.899  7.603   1.00 50.75  ? 44   LEU B CA  1 
ATOM   1148 C C   . LEU B 1 44  ? -15.946 -11.408 7.376   1.00 47.19  ? 44   LEU B C   1 
ATOM   1149 O O   . LEU B 1 44  ? -16.962 -11.882 6.893   1.00 44.57  ? 44   LEU B O   1 
ATOM   1150 C CB  . LEU B 1 44  ? -15.215 -9.307  6.363   1.00 56.77  ? 44   LEU B CB  1 
ATOM   1151 C CG  . LEU B 1 44  ? -15.501 -7.847  6.085   1.00 60.47  ? 44   LEU B CG  1 
ATOM   1152 C CD1 . LEU B 1 44  ? -14.370 -7.263  5.238   1.00 58.97  ? 44   LEU B CD1 1 
ATOM   1153 C CD2 . LEU B 1 44  ? -16.857 -7.726  5.386   1.00 59.64  ? 44   LEU B CD2 1 
ATOM   1154 N N   . ALA B 1 45  ? -14.882 -12.145 7.701   1.00 45.54  ? 45   ALA B N   1 
ATOM   1155 C CA  . ALA B 1 45  ? -14.892 -13.624 7.571   1.00 45.31  ? 45   ALA B CA  1 
ATOM   1156 C C   . ALA B 1 45  ? -15.996 -14.267 8.460   1.00 51.11  ? 45   ALA B C   1 
ATOM   1157 O O   . ALA B 1 45  ? -16.705 -15.175 8.026   1.00 47.17  ? 45   ALA B O   1 
ATOM   1158 C CB  . ALA B 1 45  ? -13.522 -14.197 7.893   1.00 38.69  ? 45   ALA B CB  1 
ATOM   1159 N N   . GLY B 1 46  ? -16.148 -13.783 9.697   1.00 57.97  ? 46   GLY B N   1 
ATOM   1160 C CA  . GLY B 1 46  ? -17.325 -14.132 10.538  1.00 58.31  ? 46   GLY B CA  1 
ATOM   1161 C C   . GLY B 1 46  ? -18.654 -13.714 9.906   1.00 56.66  ? 46   GLY B C   1 
ATOM   1162 O O   . GLY B 1 46  ? -19.560 -14.522 9.719   1.00 60.43  ? 46   GLY B O   1 
ATOM   1163 N N   . GLN B 1 47  ? -18.753 -12.444 9.552   1.00 59.77  ? 47   GLN B N   1 
ATOM   1164 C CA  . GLN B 1 47  ? -19.956 -11.891 8.927   1.00 64.05  ? 47   GLN B CA  1 
ATOM   1165 C C   . GLN B 1 47  ? -20.459 -12.726 7.742   1.00 66.90  ? 47   GLN B C   1 
ATOM   1166 O O   . GLN B 1 47  ? -21.580 -13.199 7.803   1.00 60.42  ? 47   GLN B O   1 
ATOM   1167 C CB  . GLN B 1 47  ? -19.691 -10.442 8.498   1.00 72.39  ? 47   GLN B CB  1 
ATOM   1168 C CG  . GLN B 1 47  ? -20.868 -9.475  8.523   1.00 70.61  ? 47   GLN B CG  1 
ATOM   1169 C CD  . GLN B 1 47  ? -20.379 -8.027  8.618   1.00 76.22  ? 47   GLN B CD  1 
ATOM   1170 O OE1 . GLN B 1 47  ? -19.754 -7.631  9.620   1.00 72.54  ? 47   GLN B OE1 1 
ATOM   1171 N NE2 . GLN B 1 47  ? -20.639 -7.233  7.568   1.00 71.75  ? 47   GLN B NE2 1 
ATOM   1172 N N   . TYR B 1 48  ? -19.640 -12.919 6.691   1.00 69.17  ? 48   TYR B N   1 
ATOM   1173 C CA  . TYR B 1 48  ? -20.059 -13.693 5.489   1.00 63.32  ? 48   TYR B CA  1 
ATOM   1174 C C   . TYR B 1 48  ? -19.599 -15.165 5.536   1.00 63.34  ? 48   TYR B C   1 
ATOM   1175 O O   . TYR B 1 48  ? -18.415 -15.497 5.380   1.00 57.72  ? 48   TYR B O   1 
ATOM   1176 C CB  . TYR B 1 48  ? -19.573 -13.040 4.199   1.00 64.38  ? 48   TYR B CB  1 
ATOM   1177 C CG  . TYR B 1 48  ? -20.215 -11.703 3.887   1.00 64.00  ? 48   TYR B CG  1 
ATOM   1178 C CD1 . TYR B 1 48  ? -20.045 -10.602 4.739   1.00 63.49  ? 48   TYR B CD1 1 
ATOM   1179 C CD2 . TYR B 1 48  ? -20.976 -11.524 2.728   1.00 63.65  ? 48   TYR B CD2 1 
ATOM   1180 C CE1 . TYR B 1 48  ? -20.627 -9.371  4.458   1.00 59.94  ? 48   TYR B CE1 1 
ATOM   1181 C CE2 . TYR B 1 48  ? -21.555 -10.297 2.436   1.00 64.65  ? 48   TYR B CE2 1 
ATOM   1182 C CZ  . TYR B 1 48  ? -21.377 -9.223  3.304   1.00 66.77  ? 48   TYR B CZ  1 
ATOM   1183 O OH  . TYR B 1 48  ? -21.960 -8.003  3.013   1.00 76.13  ? 48   TYR B OH  1 
ATOM   1184 N N   . ASN B 1 49  ? -20.564 -16.050 5.710   1.00 55.18  ? 49   ASN B N   1 
ATOM   1185 C CA  . ASN B 1 49  ? -20.265 -17.424 6.070   1.00 58.30  ? 49   ASN B CA  1 
ATOM   1186 C C   . ASN B 1 49  ? -20.226 -18.334 4.837   1.00 52.84  ? 49   ASN B C   1 
ATOM   1187 O O   . ASN B 1 49  ? -19.770 -19.478 4.938   1.00 50.66  ? 49   ASN B O   1 
ATOM   1188 C CB  . ASN B 1 49  ? -21.237 -17.970 7.170   1.00 63.77  ? 49   ASN B CB  1 
ATOM   1189 C CG  . ASN B 1 49  ? -22.693 -17.505 6.989   1.00 59.89  ? 49   ASN B CG  1 
ATOM   1190 O OD1 . ASN B 1 49  ? -23.076 -16.418 7.441   1.00 57.76  ? 49   ASN B OD1 1 
ATOM   1191 N ND2 . ASN B 1 49  ? -23.507 -18.334 6.336   1.00 61.50  ? 49   ASN B ND2 1 
ATOM   1192 N N   . ASN B 1 50  ? -20.688 -17.821 3.696   1.00 50.05  ? 50   ASN B N   1 
ATOM   1193 C CA  . ASN B 1 50  ? -20.801 -18.609 2.464   1.00 49.32  ? 50   ASN B CA  1 
ATOM   1194 C C   . ASN B 1 50  ? -19.639 -18.280 1.512   1.00 43.27  ? 50   ASN B C   1 
ATOM   1195 O O   . ASN B 1 50  ? -19.695 -18.597 0.332   1.00 48.21  ? 50   ASN B O   1 
ATOM   1196 C CB  . ASN B 1 50  ? -22.154 -18.354 1.738   1.00 48.13  ? 50   ASN B CB  1 
ATOM   1197 C CG  . ASN B 1 50  ? -23.362 -18.940 2.464   1.00 54.63  ? 50   ASN B CG  1 
ATOM   1198 O OD1 . ASN B 1 50  ? -24.477 -18.423 2.346   1.00 66.26  ? 50   ASN B OD1 1 
ATOM   1199 N ND2 . ASN B 1 50  ? -23.156 -20.016 3.200   1.00 55.29  ? 50   ASN B ND2 1 
ATOM   1200 N N   . ILE B 1 51  ? -18.606 -17.632 2.032   1.00 43.18  ? 51   ILE B N   1 
ATOM   1201 C CA  . ILE B 1 51  ? -17.442 -17.299 1.260   1.00 36.61  ? 51   ILE B CA  1 
ATOM   1202 C C   . ILE B 1 51  ? -16.346 -17.858 2.075   1.00 37.94  ? 51   ILE B C   1 
ATOM   1203 O O   . ILE B 1 51  ? -16.426 -17.807 3.289   1.00 37.03  ? 51   ILE B O   1 
ATOM   1204 C CB  . ILE B 1 51  ? -17.296 -15.784 1.113   1.00 41.27  ? 51   ILE B CB  1 
ATOM   1205 C CG1 . ILE B 1 51  ? -18.487 -15.212 0.335   1.00 41.11  ? 51   ILE B CG1 1 
ATOM   1206 C CG2 . ILE B 1 51  ? -15.950 -15.436 0.464   1.00 41.23  ? 51   ILE B CG2 1 
ATOM   1207 C CD1 . ILE B 1 51  ? -18.563 -13.706 0.372   1.00 44.86  ? 51   ILE B CD1 1 
ATOM   1208 N N   . LYS B 1 52  ? -15.319 -18.429 1.445   1.00 33.95  ? 52   LYS B N   1 
ATOM   1209 C CA  . LYS B 1 52  ? -14.192 -18.964 2.203   1.00 29.80  ? 52   LYS B CA  1 
ATOM   1210 C C   . LYS B 1 52  ? -13.230 -17.853 2.171   1.00 30.20  ? 52   LYS B C   1 
ATOM   1211 O O   . LYS B 1 52  ? -12.909 -17.362 1.086   1.00 29.48  ? 52   LYS B O   1 
ATOM   1212 C CB  . LYS B 1 52  ? -13.488 -20.146 1.524   1.00 33.85  ? 52   LYS B CB  1 
ATOM   1213 C CG  . LYS B 1 52  ? -14.215 -21.443 1.646   1.00 40.39  ? 52   LYS B CG  1 
ATOM   1214 C CD  . LYS B 1 52  ? -14.101 -22.034 3.029   1.00 48.44  ? 52   LYS B CD  1 
ATOM   1215 C CE  . LYS B 1 52  ? -15.021 -23.242 3.062   1.00 58.50  ? 52   LYS B CE  1 
ATOM   1216 N NZ  . LYS B 1 52  ? -15.025 -23.913 4.386   1.00 66.18  ? 52   LYS B NZ  1 
ATOM   1217 N N   . PHE B 1 53  ? -12.691 -17.517 3.328   1.00 29.87  ? 53   PHE B N   1 
ATOM   1218 C CA  . PHE B 1 53  ? -11.771 -16.428 3.449   1.00 29.47  ? 53   PHE B CA  1 
ATOM   1219 C C   . PHE B 1 53  ? -10.463 -17.071 3.744   1.00 27.82  ? 53   PHE B C   1 
ATOM   1220 O O   . PHE B 1 53  ? -10.415 -17.903 4.625   1.00 29.29  ? 53   PHE B O   1 
ATOM   1221 C CB  . PHE B 1 53  ? -12.195 -15.508 4.587   1.00 30.19  ? 53   PHE B CB  1 
ATOM   1222 C CG  . PHE B 1 53  ? -13.319 -14.589 4.240   1.00 32.03  ? 53   PHE B CG  1 
ATOM   1223 C CD1 . PHE B 1 53  ? -14.623 -15.053 4.202   1.00 34.13  ? 53   PHE B CD1 1 
ATOM   1224 C CD2 . PHE B 1 53  ? -13.086 -13.242 4.040   1.00 33.00  ? 53   PHE B CD2 1 
ATOM   1225 C CE1 . PHE B 1 53  ? -15.674 -14.198 3.865   1.00 34.70  ? 53   PHE B CE1 1 
ATOM   1226 C CE2 . PHE B 1 53  ? -14.111 -12.388 3.738   1.00 33.54  ? 53   PHE B CE2 1 
ATOM   1227 C CZ  . PHE B 1 53  ? -15.402 -12.875 3.621   1.00 35.14  ? 53   PHE B CZ  1 
ATOM   1228 N N   . VAL B 1 54  ? -9.391  -16.669 3.038   1.00 27.23  ? 54   VAL B N   1 
ATOM   1229 C CA  . VAL B 1 54  ? -8.043  -17.244 3.135   1.00 26.10  ? 54   VAL B CA  1 
ATOM   1230 C C   . VAL B 1 54  ? -6.952  -16.179 3.366   1.00 26.93  ? 54   VAL B C   1 
ATOM   1231 O O   . VAL B 1 54  ? -6.945  -15.175 2.715   1.00 30.38  ? 54   VAL B O   1 
ATOM   1232 C CB  . VAL B 1 54  ? -7.698  -18.013 1.820   1.00 28.97  ? 54   VAL B CB  1 
ATOM   1233 C CG1 . VAL B 1 54  ? -6.260  -18.541 1.781   1.00 31.14  ? 54   VAL B CG1 1 
ATOM   1234 C CG2 . VAL B 1 54  ? -8.706  -19.125 1.620   1.00 29.40  ? 54   VAL B CG2 1 
ATOM   1235 N N   . LYS B 1 55  ? -6.012  -16.448 4.251   1.00 27.34  ? 55   LYS B N   1 
ATOM   1236 C CA  . LYS B 1 55  ? -4.787  -15.707 4.371   1.00 28.63  ? 55   LYS B CA  1 
ATOM   1237 C C   . LYS B 1 55  ? -3.592  -16.480 3.895   1.00 25.58  ? 55   LYS B C   1 
ATOM   1238 O O   . LYS B 1 55  ? -3.341  -17.605 4.343   1.00 24.59  ? 55   LYS B O   1 
ATOM   1239 C CB  . LYS B 1 55  ? -4.582  -15.345 5.853   1.00 31.92  ? 55   LYS B CB  1 
ATOM   1240 C CG  . LYS B 1 55  ? -5.594  -14.340 6.342   1.00 37.84  ? 55   LYS B CG  1 
ATOM   1241 C CD  . LYS B 1 55  ? -5.299  -14.018 7.806   1.00 39.66  ? 55   LYS B CD  1 
ATOM   1242 C CE  . LYS B 1 55  ? -5.563  -12.556 8.129   1.00 45.17  ? 55   LYS B CE  1 
ATOM   1243 N NZ  . LYS B 1 55  ? -4.367  -11.994 8.810   1.00 48.96  ? 55   LYS B NZ  1 
ATOM   1244 N N   . VAL B 1 56  ? -2.775  -15.824 3.070   1.00 24.17  ? 56   VAL B N   1 
ATOM   1245 C CA  . VAL B 1 56  ? -1.558  -16.358 2.509   1.00 26.67  ? 56   VAL B CA  1 
ATOM   1246 C C   . VAL B 1 56  ? -0.497  -15.409 3.017   1.00 30.14  ? 56   VAL B C   1 
ATOM   1247 O O   . VAL B 1 56  ? -0.589  -14.243 2.792   1.00 28.01  ? 56   VAL B O   1 
ATOM   1248 C CB  . VAL B 1 56  ? -1.616  -16.350 0.952   1.00 27.86  ? 56   VAL B CB  1 
ATOM   1249 C CG1 . VAL B 1 56  ? -0.270  -16.673 0.335   1.00 30.74  ? 56   VAL B CG1 1 
ATOM   1250 C CG2 . VAL B 1 56  ? -2.693  -17.317 0.460   1.00 29.60  ? 56   VAL B CG2 1 
ATOM   1251 N N   . ASP B 1 57  ? 0.456   -15.930 3.777   1.00 29.95  ? 57   ASP B N   1 
ATOM   1252 C CA  . ASP B 1 57  ? 1.629   -15.218 4.215   1.00 31.19  ? 57   ASP B CA  1 
ATOM   1253 C C   . ASP B 1 57  ? 2.681   -15.209 3.129   1.00 34.96  ? 57   ASP B C   1 
ATOM   1254 O O   . ASP B 1 57  ? 3.204   -16.255 2.769   1.00 36.75  ? 57   ASP B O   1 
ATOM   1255 C CB  . ASP B 1 57  ? 2.171   -15.972 5.441   1.00 35.38  ? 57   ASP B CB  1 
ATOM   1256 C CG  . ASP B 1 57  ? 3.413   -15.344 6.044   1.00 37.13  ? 57   ASP B CG  1 
ATOM   1257 O OD1 . ASP B 1 57  ? 3.939   -14.326 5.513   1.00 35.58  ? 57   ASP B OD1 1 
ATOM   1258 O OD2 . ASP B 1 57  ? 3.855   -15.914 7.068   1.00 39.00  ? 57   ASP B OD2 1 
ATOM   1259 N N   . VAL B 1 58  ? 3.029   -14.015 2.640   1.00 34.56  ? 58   VAL B N   1 
ATOM   1260 C CA  . VAL B 1 58  ? 3.908   -13.873 1.502   1.00 31.42  ? 58   VAL B CA  1 
ATOM   1261 C C   . VAL B 1 58  ? 5.348   -14.305 1.814   1.00 34.79  ? 58   VAL B C   1 
ATOM   1262 O O   . VAL B 1 58  ? 6.064   -14.795 0.945   1.00 33.03  ? 58   VAL B O   1 
ATOM   1263 C CB  . VAL B 1 58  ? 3.883   -12.421 0.970   1.00 30.91  ? 58   VAL B CB  1 
ATOM   1264 C CG1 . VAL B 1 58  ? 2.460   -11.976 0.614   1.00 28.39  ? 58   VAL B CG1 1 
ATOM   1265 C CG2 . VAL B 1 58  ? 4.509   -11.472 1.975   1.00 28.80  ? 58   VAL B CG2 1 
ATOM   1266 N N   . ASP B 1 59  ? 5.757   -14.167 3.063   1.00 34.82  ? 59   ASP B N   1 
ATOM   1267 C CA  . ASP B 1 59  ? 7.054   -14.654 3.492   1.00 39.95  ? 59   ASP B CA  1 
ATOM   1268 C C   . ASP B 1 59  ? 7.168   -16.208 3.519   1.00 42.32  ? 59   ASP B C   1 
ATOM   1269 O O   . ASP B 1 59  ? 8.268   -16.733 3.689   1.00 41.43  ? 59   ASP B O   1 
ATOM   1270 C CB  . ASP B 1 59  ? 7.327   -14.179 4.919   1.00 40.43  ? 59   ASP B CB  1 
ATOM   1271 C CG  . ASP B 1 59  ? 7.391   -12.636 5.054   1.00 45.05  ? 59   ASP B CG  1 
ATOM   1272 O OD1 . ASP B 1 59  ? 7.629   -11.930 4.034   1.00 40.76  ? 59   ASP B OD1 1 
ATOM   1273 O OD2 . ASP B 1 59  ? 7.206   -12.159 6.206   1.00 43.88  ? 59   ASP B OD2 1 
ATOM   1274 N N   . GLN B 1 60  ? 6.038   -16.911 3.465   1.00 38.54  ? 60   GLN B N   1 
ATOM   1275 C CA  . GLN B 1 60  ? 6.031   -18.368 3.499   1.00 40.73  ? 60   GLN B CA  1 
ATOM   1276 C C   . GLN B 1 60  ? 5.465   -18.985 2.196   1.00 38.17  ? 60   GLN B C   1 
ATOM   1277 O O   . GLN B 1 60  ? 5.415   -20.203 2.075   1.00 33.45  ? 60   GLN B O   1 
ATOM   1278 C CB  . GLN B 1 60  ? 5.232   -18.825 4.714   1.00 46.54  ? 60   GLN B CB  1 
ATOM   1279 C CG  . GLN B 1 60  ? 5.847   -18.443 6.066   1.00 55.43  ? 60   GLN B CG  1 
ATOM   1280 C CD  . GLN B 1 60  ? 7.374   -18.693 6.185   1.00 70.77  ? 60   GLN B CD  1 
ATOM   1281 O OE1 . GLN B 1 60  ? 8.149   -17.769 6.489   1.00 82.41  ? 60   GLN B OE1 1 
ATOM   1282 N NE2 . GLN B 1 60  ? 7.808   -19.944 5.967   1.00 75.68  ? 60   GLN B NE2 1 
ATOM   1283 N N   . ALA B 1 61  ? 5.084   -18.148 1.227   1.00 34.10  ? 61   ALA B N   1 
ATOM   1284 C CA  . ALA B 1 61  ? 4.232   -18.579 0.114   1.00 32.58  ? 61   ALA B CA  1 
ATOM   1285 C C   . ALA B 1 61  ? 4.739   -18.111 -1.241  1.00 32.42  ? 61   ALA B C   1 
ATOM   1286 O O   . ALA B 1 61  ? 3.959   -17.631 -2.046  1.00 33.20  ? 61   ALA B O   1 
ATOM   1287 C CB  . ALA B 1 61  ? 2.808   -18.152 0.330   1.00 30.24  ? 61   ALA B CB  1 
ATOM   1288 N N   . GLU B 1 62  ? 6.049   -18.289 -1.484  1.00 33.88  ? 62   GLU B N   1 
ATOM   1289 C CA  . GLU B 1 62  ? 6.711   -17.743 -2.678  1.00 35.77  ? 62   GLU B CA  1 
ATOM   1290 C C   . GLU B 1 62  ? 6.038   -18.235 -3.949  1.00 35.08  ? 62   GLU B C   1 
ATOM   1291 O O   . GLU B 1 62  ? 5.654   -17.425 -4.804  1.00 36.56  ? 62   GLU B O   1 
ATOM   1292 C CB  . GLU B 1 62  ? 8.208   -18.104 -2.725  1.00 38.46  ? 62   GLU B CB  1 
ATOM   1293 N N   . GLU B 1 63  ? 5.853   -19.555 -4.050  1.00 34.70  ? 63   GLU B N   1 
ATOM   1294 C CA  . GLU B 1 63  ? 5.298   -20.141 -5.281  1.00 36.64  ? 63   GLU B CA  1 
ATOM   1295 C C   . GLU B 1 63  ? 3.914   -19.592 -5.503  1.00 29.93  ? 63   GLU B C   1 
ATOM   1296 O O   . GLU B 1 63  ? 3.492   -19.365 -6.668  1.00 32.24  ? 63   GLU B O   1 
ATOM   1297 C CB  . GLU B 1 63  ? 5.336   -21.712 -5.315  1.00 39.62  ? 63   GLU B CB  1 
ATOM   1298 C CG  . GLU B 1 63  ? 5.251   -22.406 -3.946  1.00 45.96  ? 63   GLU B CG  1 
ATOM   1299 C CD  . GLU B 1 63  ? 4.740   -23.865 -3.959  1.00 49.72  ? 63   GLU B CD  1 
ATOM   1300 O OE1 . GLU B 1 63  ? 4.904   -24.536 -5.053  1.00 49.39  ? 63   GLU B OE1 1 
ATOM   1301 O OE2 . GLU B 1 63  ? 4.205   -24.323 -2.878  1.00 33.18  ? 63   GLU B OE2 1 
ATOM   1302 N N   . ILE B 1 64  ? 3.146   -19.396 -4.416  1.00 30.25  ? 64   ILE B N   1 
ATOM   1303 C CA  . ILE B 1 64  ? 1.825   -18.804 -4.630  1.00 28.34  ? 64   ILE B CA  1 
ATOM   1304 C C   . ILE B 1 64  ? 2.016   -17.322 -5.151  1.00 26.89  ? 64   ILE B C   1 
ATOM   1305 O O   . ILE B 1 64  ? 1.367   -16.878 -6.153  1.00 26.60  ? 64   ILE B O   1 
ATOM   1306 C CB  . ILE B 1 64  ? 0.925   -18.847 -3.375  1.00 26.76  ? 64   ILE B CB  1 
ATOM   1307 C CG1 . ILE B 1 64  ? 0.522   -20.289 -2.993  1.00 27.23  ? 64   ILE B CG1 1 
ATOM   1308 C CG2 . ILE B 1 64  ? -0.318  -18.060 -3.659  1.00 24.94  ? 64   ILE B CG2 1 
ATOM   1309 C CD1 . ILE B 1 64  ? -0.252  -20.396 -1.679  1.00 25.94  ? 64   ILE B CD1 1 
ATOM   1310 N N   . CYS B 1 65  ? 2.907   -16.582 -4.480  1.00 27.32  ? 65   CYS B N   1 
ATOM   1311 C CA  . CYS B 1 65  ? 3.096   -15.166 -4.829  1.00 27.38  ? 65   CYS B CA  1 
ATOM   1312 C C   . CYS B 1 65  ? 3.505   -15.061 -6.320  1.00 27.42  ? 65   CYS B C   1 
ATOM   1313 O O   . CYS B 1 65  ? 2.949   -14.174 -7.057  1.00 23.13  ? 65   CYS B O   1 
ATOM   1314 C CB  . CYS B 1 65  ? 4.058   -14.519 -3.848  1.00 27.73  ? 65   CYS B CB  1 
ATOM   1315 S SG  . CYS B 1 65  ? 3.261   -14.223 -2.238  1.00 31.62  ? 65   CYS B SG  1 
ATOM   1316 N N   . VAL B 1 66  ? 4.307   -16.048 -6.797  1.00 28.42  ? 66   VAL B N   1 
ATOM   1317 C CA  . VAL B 1 66  ? 4.663   -16.093 -8.226  1.00 28.72  ? 66   VAL B CA  1 
ATOM   1318 C C   . VAL B 1 66  ? 3.500   -16.357 -9.126  1.00 29.66  ? 66   VAL B C   1 
ATOM   1319 O O   . VAL B 1 66  ? 3.287   -15.611 -10.054 1.00 29.23  ? 66   VAL B O   1 
ATOM   1320 C CB  . VAL B 1 66  ? 5.772   -17.103 -8.574  1.00 34.52  ? 66   VAL B CB  1 
ATOM   1321 C CG1 . VAL B 1 66  ? 6.120   -16.996 -10.085 1.00 36.08  ? 66   VAL B CG1 1 
ATOM   1322 C CG2 . VAL B 1 66  ? 6.994   -16.864 -7.717  1.00 35.11  ? 66   VAL B CG2 1 
ATOM   1323 N N   . ASN B 1 67  ? 2.717   -17.399 -8.873  1.00 31.29  ? 67   ASN B N   1 
ATOM   1324 C CA  . ASN B 1 67  ? 1.589   -17.742 -9.777  1.00 35.93  ? 67   ASN B CA  1 
ATOM   1325 C C   . ASN B 1 67  ? 0.535   -16.649 -9.842  1.00 31.33  ? 67   ASN B C   1 
ATOM   1326 O O   . ASN B 1 67  ? -0.202  -16.460 -10.859 1.00 33.88  ? 67   ASN B O   1 
ATOM   1327 C CB  . ASN B 1 67  ? 0.899   -19.062 -9.294  1.00 41.77  ? 67   ASN B CB  1 
ATOM   1328 C CG  . ASN B 1 67  ? 0.507   -19.993 -10.436 1.00 53.49  ? 67   ASN B CG  1 
ATOM   1329 O OD1 . ASN B 1 67  ? 1.334   -20.814 -10.899 1.00 55.50  ? 67   ASN B OD1 1 
ATOM   1330 N ND2 . ASN B 1 67  ? -0.761  -19.900 -10.882 1.00 57.06  ? 67   ASN B ND2 1 
ATOM   1331 N N   . TYR B 1 68  ? 0.413   -15.946 -8.714  1.00 29.79  ? 68   TYR B N   1 
ATOM   1332 C CA  . TYR B 1 68  ? -0.565  -14.894 -8.582  1.00 25.78  ? 68   TYR B CA  1 
ATOM   1333 C C   . TYR B 1 68  ? -0.039  -13.503 -8.901  1.00 26.19  ? 68   TYR B C   1 
ATOM   1334 O O   . TYR B 1 68  ? -0.833  -12.566 -8.952  1.00 27.94  ? 68   TYR B O   1 
ATOM   1335 C CB  . TYR B 1 68  ? -1.200  -14.909 -7.190  1.00 25.53  ? 68   TYR B CB  1 
ATOM   1336 C CG  . TYR B 1 68  ? -2.290  -15.939 -6.995  1.00 25.57  ? 68   TYR B CG  1 
ATOM   1337 C CD1 . TYR B 1 68  ? -2.001  -17.315 -6.952  1.00 23.55  ? 68   TYR B CD1 1 
ATOM   1338 C CD2 . TYR B 1 68  ? -3.611  -15.536 -6.769  1.00 27.50  ? 68   TYR B CD2 1 
ATOM   1339 C CE1 . TYR B 1 68  ? -2.989  -18.253 -6.713  1.00 23.19  ? 68   TYR B CE1 1 
ATOM   1340 C CE2 . TYR B 1 68  ? -4.592  -16.464 -6.541  1.00 26.06  ? 68   TYR B CE2 1 
ATOM   1341 C CZ  . TYR B 1 68  ? -4.270  -17.811 -6.505  1.00 25.82  ? 68   TYR B CZ  1 
ATOM   1342 O OH  . TYR B 1 68  ? -5.292  -18.723 -6.344  1.00 27.97  ? 68   TYR B OH  1 
ATOM   1343 N N   A LYS B 1 69  ? 1.271   -13.393 -9.119  0.50 27.62  ? 69   LYS B N   1 
ATOM   1344 N N   B LYS B 1 69  ? 1.259   -13.378 -9.168  0.50 29.20  ? 69   LYS B N   1 
ATOM   1345 C CA  A LYS B 1 69  ? 1.928   -12.108 -9.392  0.50 30.75  ? 69   LYS B CA  1 
ATOM   1346 C CA  B LYS B 1 69  ? 1.877   -12.069 -9.435  0.50 33.71  ? 69   LYS B CA  1 
ATOM   1347 C C   A LYS B 1 69  ? 1.688   -11.109 -8.248  0.50 29.59  ? 69   LYS B C   1 
ATOM   1348 C C   B LYS B 1 69  ? 1.641   -11.107 -8.247  0.50 31.15  ? 69   LYS B C   1 
ATOM   1349 O O   A LYS B 1 69  ? 1.408   -9.949  -8.498  0.50 27.70  ? 69   LYS B O   1 
ATOM   1350 O O   B LYS B 1 69  ? 1.290   -9.958  -8.470  0.50 28.93  ? 69   LYS B O   1 
ATOM   1351 C CB  A LYS B 1 69  ? 1.449   -11.505 -10.721 0.50 29.46  ? 69   LYS B CB  1 
ATOM   1352 C CB  B LYS B 1 69  ? 1.316   -11.398 -10.718 0.50 34.93  ? 69   LYS B CB  1 
ATOM   1353 C CG  A LYS B 1 69  ? 1.730   -12.431 -11.878 0.50 29.71  ? 69   LYS B CG  1 
ATOM   1354 C CG  B LYS B 1 69  ? 1.604   -12.109 -12.032 0.50 37.52  ? 69   LYS B CG  1 
ATOM   1355 C CD  A LYS B 1 69  ? 2.889   -13.311 -11.450 0.50 27.20  ? 69   LYS B CD  1 
ATOM   1356 C CD  B LYS B 1 69  ? 1.638   -11.151 -13.225 0.50 37.24  ? 69   LYS B CD  1 
ATOM   1357 C CE  A LYS B 1 69  ? 4.217   -12.640 -11.620 0.50 25.63  ? 69   LYS B CE  1 
ATOM   1358 C CE  B LYS B 1 69  ? 0.330   -11.178 -13.975 0.50 37.70  ? 69   LYS B CE  1 
ATOM   1359 N NZ  A LYS B 1 69  ? 5.165   -13.463 -10.878 0.50 24.41  ? 69   LYS B NZ  1 
ATOM   1360 N NZ  B LYS B 1 69  ? -0.385  -12.461 -13.696 0.50 35.61  ? 69   LYS B NZ  1 
ATOM   1361 N N   . VAL B 1 70  ? 1.800   -11.588 -7.009  1.00 30.04  ? 70   VAL B N   1 
ATOM   1362 C CA  . VAL B 1 70  ? 1.611   -10.733 -5.846  1.00 28.42  ? 70   VAL B CA  1 
ATOM   1363 C C   . VAL B 1 70  ? 2.948   -10.211 -5.484  1.00 27.08  ? 70   VAL B C   1 
ATOM   1364 O O   . VAL B 1 70  ? 3.823   -10.979 -5.216  1.00 26.50  ? 70   VAL B O   1 
ATOM   1365 C CB  . VAL B 1 70  ? 0.949   -11.424 -4.656  1.00 29.74  ? 70   VAL B CB  1 
ATOM   1366 C CG1 . VAL B 1 70  ? 1.058   -10.506 -3.416  1.00 31.67  ? 70   VAL B CG1 1 
ATOM   1367 C CG2 . VAL B 1 70  ? -0.501  -11.688 -4.983  1.00 27.92  ? 70   VAL B CG2 1 
ATOM   1368 N N   . ARG B 1 71  ? 3.116   -8.884  -5.574  1.00 25.40  ? 71   ARG B N   1 
ATOM   1369 C CA  . ARG B 1 71  ? 4.327   -8.178  -5.124  1.00 26.73  ? 71   ARG B CA  1 
ATOM   1370 C C   . ARG B 1 71  ? 4.043   -7.054  -4.111  1.00 27.13  ? 71   ARG B C   1 
ATOM   1371 O O   . ARG B 1 71  ? 4.937   -6.255  -3.806  1.00 31.13  ? 71   ARG B O   1 
ATOM   1372 C CB  . ARG B 1 71  ? 5.069   -7.574  -6.320  1.00 28.24  ? 71   ARG B CB  1 
ATOM   1373 C CG  . ARG B 1 71  ? 5.246   -8.506  -7.489  1.00 32.62  ? 71   ARG B CG  1 
ATOM   1374 C CD  . ARG B 1 71  ? 6.284   -7.981  -8.486  1.00 36.33  ? 71   ARG B CD  1 
ATOM   1375 N NE  . ARG B 1 71  ? 6.468   -8.874  -9.634  1.00 38.65  ? 71   ARG B NE  1 
ATOM   1376 C CZ  . ARG B 1 71  ? 5.568   -9.067  -10.610 1.00 43.37  ? 71   ARG B CZ  1 
ATOM   1377 N NH1 . ARG B 1 71  ? 4.388   -8.459  -10.605 1.00 43.48  ? 71   ARG B NH1 1 
ATOM   1378 N NH2 . ARG B 1 71  ? 5.848   -9.917  -11.604 1.00 48.29  ? 71   ARG B NH2 1 
ATOM   1379 N N   . SER B 1 72  ? 2.826   -6.994  -3.582  1.00 26.14  ? 72   SER B N   1 
ATOM   1380 C CA  . SER B 1 72  ? 2.497   -5.922  -2.673  1.00 26.39  ? 72   SER B CA  1 
ATOM   1381 C C   . SER B 1 72  ? 1.440   -6.422  -1.761  1.00 27.88  ? 72   SER B C   1 
ATOM   1382 O O   . SER B 1 72  ? 0.643   -7.317  -2.118  1.00 28.53  ? 72   SER B O   1 
ATOM   1383 C CB  . SER B 1 72  ? 1.960   -4.725  -3.413  1.00 20.69  ? 72   SER B CB  1 
ATOM   1384 O OG  . SER B 1 72  ? 0.693   -5.053  -4.007  1.00 24.33  ? 72   SER B OG  1 
ATOM   1385 N N   . MET B 1 73  ? 1.463   -5.874  -0.555  1.00 32.83  ? 73   MET B N   1 
ATOM   1386 C CA  . MET B 1 73  ? 0.488   -6.235  0.433   1.00 33.82  ? 73   MET B CA  1 
ATOM   1387 C C   . MET B 1 73  ? 0.013   -5.064  1.298   1.00 35.18  ? 73   MET B C   1 
ATOM   1388 O O   . MET B 1 73  ? 0.744   -4.137  1.558   1.00 33.47  ? 73   MET B O   1 
ATOM   1389 C CB  . MET B 1 73  ? 0.924   -7.433  1.271   1.00 37.92  ? 73   MET B CB  1 
ATOM   1390 C CG  . MET B 1 73  ? 2.373   -7.812  1.323   1.00 38.79  ? 73   MET B CG  1 
ATOM   1391 S SD  . MET B 1 73  ? 3.354   -8.327  -0.121  1.00 36.55  ? 73   MET B SD  1 
ATOM   1392 C CE  . MET B 1 73  ? 4.874   -7.902  0.702   1.00 39.51  ? 73   MET B CE  1 
ATOM   1393 N N   . PRO B 1 74  ? -1.237  -5.131  1.732   1.00 35.99  ? 74   PRO B N   1 
ATOM   1394 C CA  . PRO B 1 74  ? -2.113  -6.272  1.494   1.00 34.46  ? 74   PRO B CA  1 
ATOM   1395 C C   . PRO B 1 74  ? -2.721  -6.295  0.092   1.00 30.26  ? 74   PRO B C   1 
ATOM   1396 O O   . PRO B 1 74  ? -3.078  -5.241  -0.420  1.00 26.82  ? 74   PRO B O   1 
ATOM   1397 C CB  . PRO B 1 74  ? -3.228  -6.077  2.525   1.00 38.82  ? 74   PRO B CB  1 
ATOM   1398 C CG  . PRO B 1 74  ? -3.242  -4.607  2.782   1.00 35.45  ? 74   PRO B CG  1 
ATOM   1399 C CD  . PRO B 1 74  ? -1.823  -4.163  2.684   1.00 37.56  ? 74   PRO B CD  1 
ATOM   1400 N N   . THR B 1 75  ? -2.870  -7.504  -0.497  1.00 29.72  ? 75   THR B N   1 
ATOM   1401 C CA  . THR B 1 75  ? -3.544  -7.657  -1.800  1.00 25.77  ? 75   THR B CA  1 
ATOM   1402 C C   . THR B 1 75  ? -4.659  -8.611  -1.617  1.00 23.13  ? 75   THR B C   1 
ATOM   1403 O O   . THR B 1 75  ? -4.452  -9.682  -1.089  1.00 21.02  ? 75   THR B O   1 
ATOM   1404 C CB  . THR B 1 75  ? -2.574  -8.189  -2.881  1.00 24.13  ? 75   THR B CB  1 
ATOM   1405 O OG1 . THR B 1 75  ? -1.488  -7.258  -3.094  1.00 23.26  ? 75   THR B OG1 1 
ATOM   1406 C CG2 . THR B 1 75  ? -3.271  -8.508  -4.213  1.00 25.09  ? 75   THR B CG2 1 
ATOM   1407 N N   . PHE B 1 76  ? -5.851  -8.226  -2.026  1.00 25.10  ? 76   PHE B N   1 
ATOM   1408 C CA  . PHE B 1 76  ? -7.012  -9.079  -1.886  1.00 27.17  ? 76   PHE B CA  1 
ATOM   1409 C C   . PHE B 1 76  ? -7.441  -9.539  -3.259  1.00 27.48  ? 76   PHE B C   1 
ATOM   1410 O O   . PHE B 1 76  ? -7.498  -8.712  -4.174  1.00 24.71  ? 76   PHE B O   1 
ATOM   1411 C CB  . PHE B 1 76  ? -8.197  -8.353  -1.181  1.00 30.05  ? 76   PHE B CB  1 
ATOM   1412 C CG  . PHE B 1 76  ? -7.835  -7.818  0.161   1.00 32.88  ? 76   PHE B CG  1 
ATOM   1413 C CD1 . PHE B 1 76  ? -7.257  -6.541  0.291   1.00 33.95  ? 76   PHE B CD1 1 
ATOM   1414 C CD2 . PHE B 1 76  ? -7.995  -8.588  1.283   1.00 32.34  ? 76   PHE B CD2 1 
ATOM   1415 C CE1 . PHE B 1 76  ? -6.876  -6.054  1.537   1.00 34.88  ? 76   PHE B CE1 1 
ATOM   1416 C CE2 . PHE B 1 76  ? -7.594  -8.118  2.540   1.00 35.31  ? 76   PHE B CE2 1 
ATOM   1417 C CZ  . PHE B 1 76  ? -7.021  -6.853  2.667   1.00 36.63  ? 76   PHE B CZ  1 
ATOM   1418 N N   . VAL B 1 77  ? -7.778  -10.836 -3.369  1.00 25.32  ? 77   VAL B N   1 
ATOM   1419 C CA  . VAL B 1 77  ? -8.144  -11.465 -4.634  1.00 24.78  ? 77   VAL B CA  1 
ATOM   1420 C C   . VAL B 1 77  ? -9.414  -12.249 -4.516  1.00 22.51  ? 77   VAL B C   1 
ATOM   1421 O O   . VAL B 1 77  ? -9.583  -13.079 -3.599  1.00 22.21  ? 77   VAL B O   1 
ATOM   1422 C CB  . VAL B 1 77  ? -7.034  -12.434 -5.083  1.00 22.56  ? 77   VAL B CB  1 
ATOM   1423 C CG1 . VAL B 1 77  ? -7.474  -13.164 -6.364  1.00 23.06  ? 77   VAL B CG1 1 
ATOM   1424 C CG2 . VAL B 1 77  ? -5.738  -11.692 -5.160  1.00 21.88  ? 77   VAL B CG2 1 
ATOM   1425 N N   . LEU B 1 78  ? -10.346 -11.977 -5.426  1.00 24.31  ? 78   LEU B N   1 
ATOM   1426 C CA  . LEU B 1 78  ? -11.577 -12.710 -5.497  1.00 24.36  ? 78   LEU B CA  1 
ATOM   1427 C C   . LEU B 1 78  ? -11.575 -13.762 -6.609  1.00 24.99  ? 78   LEU B C   1 
ATOM   1428 O O   . LEU B 1 78  ? -11.421 -13.464 -7.789  1.00 24.24  ? 78   LEU B O   1 
ATOM   1429 C CB  . LEU B 1 78  ? -12.770 -11.761 -5.623  1.00 25.52  ? 78   LEU B CB  1 
ATOM   1430 C CG  . LEU B 1 78  ? -14.097 -12.403 -5.880  1.00 27.93  ? 78   LEU B CG  1 
ATOM   1431 C CD1 . LEU B 1 78  ? -14.582 -13.222 -4.678  1.00 30.66  ? 78   LEU B CD1 1 
ATOM   1432 C CD2 . LEU B 1 78  ? -15.085 -11.269 -6.277  1.00 33.96  ? 78   LEU B CD2 1 
ATOM   1433 N N   . VAL B 1 79  ? -11.775 -15.011 -6.191  1.00 29.26  ? 79   VAL B N   1 
ATOM   1434 C CA  . VAL B 1 79  ? -11.835 -16.187 -7.086  1.00 25.51  ? 79   VAL B CA  1 
ATOM   1435 C C   . VAL B 1 79  ? -13.241 -16.763 -6.985  1.00 26.22  ? 79   VAL B C   1 
ATOM   1436 O O   . VAL B 1 79  ? -13.714 -17.067 -5.895  1.00 33.00  ? 79   VAL B O   1 
ATOM   1437 C CB  . VAL B 1 79  ? -10.782 -17.233 -6.684  1.00 24.63  ? 79   VAL B CB  1 
ATOM   1438 C CG1 . VAL B 1 79  ? -10.888 -18.485 -7.542  1.00 27.26  ? 79   VAL B CG1 1 
ATOM   1439 C CG2 . VAL B 1 79  ? -9.381  -16.665 -6.783  1.00 24.28  ? 79   VAL B CG2 1 
ATOM   1440 N N   . LYS B 1 80  ? -13.933 -16.888 -8.101  1.00 23.91  ? 80   LYS B N   1 
ATOM   1441 C CA  . LYS B 1 80  ? -15.245 -17.482 -8.092  1.00 28.35  ? 80   LYS B CA  1 
ATOM   1442 C C   . LYS B 1 80  ? -15.330 -18.537 -9.146  1.00 26.89  ? 80   LYS B C   1 
ATOM   1443 O O   . LYS B 1 80  ? -14.908 -18.275 -10.266 1.00 27.44  ? 80   LYS B O   1 
ATOM   1444 C CB  . LYS B 1 80  ? -16.310 -16.414 -8.393  1.00 33.01  ? 80   LYS B CB  1 
ATOM   1445 C CG  . LYS B 1 80  ? -17.720 -16.938 -8.369  1.00 42.04  ? 80   LYS B CG  1 
ATOM   1446 C CD  . LYS B 1 80  ? -18.743 -15.809 -8.321  1.00 50.94  ? 80   LYS B CD  1 
ATOM   1447 C CE  . LYS B 1 80  ? -19.945 -16.173 -9.180  1.00 59.51  ? 80   LYS B CE  1 
ATOM   1448 N NZ  . LYS B 1 80  ? -20.569 -17.442 -8.685  1.00 66.45  ? 80   LYS B NZ  1 
ATOM   1449 N N   . ASP B 1 81  ? -15.909 -19.704 -8.827  1.00 27.08  ? 81   ASP B N   1 
ATOM   1450 C CA  . ASP B 1 81  ? -15.985 -20.845 -9.783  1.00 27.91  ? 81   ASP B CA  1 
ATOM   1451 C C   . ASP B 1 81  ? -14.625 -21.119 -10.436 1.00 26.65  ? 81   ASP B C   1 
ATOM   1452 O O   . ASP B 1 81  ? -14.550 -21.353 -11.644 1.00 26.31  ? 81   ASP B O   1 
ATOM   1453 C CB  . ASP B 1 81  ? -17.005 -20.586 -10.895 1.00 30.24  ? 81   ASP B CB  1 
ATOM   1454 C CG  . ASP B 1 81  ? -18.408 -20.328 -10.351 1.00 34.84  ? 81   ASP B CG  1 
ATOM   1455 O OD1 . ASP B 1 81  ? -18.829 -21.096 -9.458  1.00 33.18  ? 81   ASP B OD1 1 
ATOM   1456 O OD2 . ASP B 1 81  ? -19.034 -19.335 -10.823 1.00 35.49  ? 81   ASP B OD2 1 
ATOM   1457 N N   . GLY B 1 82  ? -13.580 -21.009 -9.619  1.00 26.46  ? 82   GLY B N   1 
ATOM   1458 C CA  . GLY B 1 82  ? -12.214 -21.312 -10.019 1.00 28.90  ? 82   GLY B CA  1 
ATOM   1459 C C   . GLY B 1 82  ? -11.525 -20.288 -10.893 1.00 27.10  ? 82   GLY B C   1 
ATOM   1460 O O   . GLY B 1 82  ? -10.435 -20.539 -11.358 1.00 25.73  ? 82   GLY B O   1 
ATOM   1461 N N   . ILE B 1 83  ? -12.157 -19.142 -11.122 1.00 24.20  ? 83   ILE B N   1 
ATOM   1462 C CA  . ILE B 1 83  ? -11.568 -18.121 -11.954 1.00 25.44  ? 83   ILE B CA  1 
ATOM   1463 C C   . ILE B 1 83  ? -11.391 -16.823 -11.135 1.00 25.88  ? 83   ILE B C   1 
ATOM   1464 O O   . ILE B 1 83  ? -12.321 -16.404 -10.398 1.00 25.01  ? 83   ILE B O   1 
ATOM   1465 C CB  . ILE B 1 83  ? -12.445 -17.883 -13.185 1.00 24.06  ? 83   ILE B CB  1 
ATOM   1466 C CG1 . ILE B 1 83  ? -12.544 -19.202 -13.971 1.00 26.27  ? 83   ILE B CG1 1 
ATOM   1467 C CG2 . ILE B 1 83  ? -11.878 -16.753 -14.058 1.00 25.18  ? 83   ILE B CG2 1 
ATOM   1468 C CD1 . ILE B 1 83  ? -13.459 -19.100 -15.142 1.00 29.17  ? 83   ILE B CD1 1 
ATOM   1469 N N   . GLU B 1 84  ? -10.206 -16.237 -11.236 1.00 26.65  ? 84   GLU B N   1 
ATOM   1470 C CA  . GLU B 1 84  ? -9.976  -14.955 -10.564 1.00 26.74  ? 84   GLU B CA  1 
ATOM   1471 C C   . GLU B 1 84  ? -10.875 -13.886 -11.231 1.00 30.02  ? 84   GLU B C   1 
ATOM   1472 O O   . GLU B 1 84  ? -10.856 -13.703 -12.444 1.00 32.57  ? 84   GLU B O   1 
ATOM   1473 C CB  . GLU B 1 84  ? -8.525  -14.562 -10.590 1.00 24.67  ? 84   GLU B CB  1 
ATOM   1474 C CG  . GLU B 1 84  ? -8.342  -13.130 -10.077 1.00 25.19  ? 84   GLU B CG  1 
ATOM   1475 C CD  . GLU B 1 84  ? -6.948  -12.725 -9.917  1.00 23.67  ? 84   GLU B CD  1 
ATOM   1476 O OE1 . GLU B 1 84  ? -6.036  -13.579 -9.697  1.00 26.29  ? 84   GLU B OE1 1 
ATOM   1477 O OE2 . GLU B 1 84  ? -6.729  -11.498 -10.051 1.00 29.52  ? 84   GLU B OE2 1 
ATOM   1478 N N   . GLN B 1 85  ? -11.706 -13.256 -10.415 1.00 33.44  ? 85   GLN B N   1 
ATOM   1479 C CA  . GLN B 1 85  ? -12.672 -12.235 -10.855 1.00 32.62  ? 85   GLN B CA  1 
ATOM   1480 C C   . GLN B 1 85  ? -12.134 -10.786 -10.738 1.00 33.24  ? 85   GLN B C   1 
ATOM   1481 O O   . GLN B 1 85  ? -12.396 -9.947  -11.600 1.00 32.85  ? 85   GLN B O   1 
ATOM   1482 C CB  . GLN B 1 85  ? -13.946 -12.370 -10.029 1.00 34.30  ? 85   GLN B CB  1 
ATOM   1483 C CG  . GLN B 1 85  ? -14.706 -13.707 -10.185 1.00 42.19  ? 85   GLN B CG  1 
ATOM   1484 C CD  . GLN B 1 85  ? -14.900 -14.175 -11.634 1.00 49.43  ? 85   GLN B CD  1 
ATOM   1485 O OE1 . GLN B 1 85  ? -14.623 -15.362 -11.982 1.00 46.91  ? 85   GLN B OE1 1 
ATOM   1486 N NE2 . GLN B 1 85  ? -15.370 -13.252 -12.495 1.00 52.35  ? 85   GLN B NE2 1 
ATOM   1487 N N   . LYS B 1 86  ? -11.341 -10.521 -9.705  1.00 31.69  ? 86   LYS B N   1 
ATOM   1488 C CA  . LYS B 1 86  ? -11.063 -9.177  -9.225  1.00 33.45  ? 86   LYS B CA  1 
ATOM   1489 C C   . LYS B 1 86  ? -9.969  -9.260  -8.195  1.00 28.95  ? 86   LYS B C   1 
ATOM   1490 O O   . LYS B 1 86  ? -9.870  -10.218 -7.445  1.00 27.16  ? 86   LYS B O   1 
ATOM   1491 C CB  . LYS B 1 86  ? -12.301 -8.644  -8.461  1.00 41.21  ? 86   LYS B CB  1 
ATOM   1492 C CG  . LYS B 1 86  ? -12.824 -7.259  -8.803  1.00 52.15  ? 86   LYS B CG  1 
ATOM   1493 C CD  . LYS B 1 86  ? -13.658 -6.703  -7.646  1.00 58.98  ? 86   LYS B CD  1 
ATOM   1494 C CE  . LYS B 1 86  ? -15.015 -6.137  -8.088  1.00 69.92  ? 86   LYS B CE  1 
ATOM   1495 N NZ  . LYS B 1 86  ? -15.886 -5.788  -6.915  1.00 67.26  ? 86   LYS B NZ  1 
ATOM   1496 N N   . ARG B 1 87  ? -9.223  -8.182  -8.086  1.00 26.01  ? 87   ARG B N   1 
ATOM   1497 C CA  . ARG B 1 87  ? -8.165  -8.057  -7.119  1.00 28.16  ? 87   ARG B CA  1 
ATOM   1498 C C   . ARG B 1 87  ? -7.929  -6.537  -6.876  1.00 30.23  ? 87   ARG B C   1 
ATOM   1499 O O   . ARG B 1 87  ? -8.323  -5.721  -7.735  1.00 27.19  ? 87   ARG B O   1 
ATOM   1500 C CB  . ARG B 1 87  ? -6.974  -8.710  -7.745  1.00 30.71  ? 87   ARG B CB  1 
ATOM   1501 C CG  . ARG B 1 87  ? -5.625  -8.155  -7.518  1.00 32.43  ? 87   ARG B CG  1 
ATOM   1502 C CD  . ARG B 1 87  ? -4.685  -8.660  -8.560  1.00 31.17  ? 87   ARG B CD  1 
ATOM   1503 N NE  . ARG B 1 87  ? -4.593  -10.131 -8.719  1.00 30.36  ? 87   ARG B NE  1 
ATOM   1504 C CZ  . ARG B 1 87  ? -3.478  -10.854 -8.604  1.00 23.00  ? 87   ARG B CZ  1 
ATOM   1505 N NH1 . ARG B 1 87  ? -2.322  -10.318 -8.302  1.00 23.72  ? 87   ARG B NH1 1 
ATOM   1506 N NH2 . ARG B 1 87  ? -3.505  -12.170 -8.807  1.00 24.30  ? 87   ARG B NH2 1 
ATOM   1507 N N   . PHE B 1 88  ? -7.299  -6.210  -5.740  1.00 26.93  ? 88   PHE B N   1 
ATOM   1508 C CA  . PHE B 1 88  ? -6.853  -4.860  -5.452  1.00 28.37  ? 88   PHE B CA  1 
ATOM   1509 C C   . PHE B 1 88  ? -5.840  -4.949  -4.356  1.00 28.84  ? 88   PHE B C   1 
ATOM   1510 O O   . PHE B 1 88  ? -5.819  -5.925  -3.568  1.00 24.79  ? 88   PHE B O   1 
ATOM   1511 C CB  . PHE B 1 88  ? -8.056  -3.931  -5.091  1.00 31.46  ? 88   PHE B CB  1 
ATOM   1512 C CG  . PHE B 1 88  ? -8.568  -4.107  -3.700  1.00 29.13  ? 88   PHE B CG  1 
ATOM   1513 C CD1 . PHE B 1 88  ? -7.992  -3.394  -2.667  1.00 27.40  ? 88   PHE B CD1 1 
ATOM   1514 C CD2 . PHE B 1 88  ? -9.680  -4.906  -3.435  1.00 29.63  ? 88   PHE B CD2 1 
ATOM   1515 C CE1 . PHE B 1 88  ? -8.430  -3.524  -1.397  1.00 30.11  ? 88   PHE B CE1 1 
ATOM   1516 C CE2 . PHE B 1 88  ? -10.108 -5.064  -2.134  1.00 29.56  ? 88   PHE B CE2 1 
ATOM   1517 C CZ  . PHE B 1 88  ? -9.486  -4.355  -1.114  1.00 29.60  ? 88   PHE B CZ  1 
ATOM   1518 N N   . SER B 1 89  ? -4.948  -3.971  -4.315  1.00 28.87  ? 89   SER B N   1 
ATOM   1519 C CA  . SER B 1 89  ? -3.980  -3.894  -3.285  1.00 27.38  ? 89   SER B CA  1 
ATOM   1520 C C   . SER B 1 89  ? -4.252  -2.678  -2.400  1.00 34.03  ? 89   SER B C   1 
ATOM   1521 O O   . SER B 1 89  ? -4.794  -1.645  -2.828  1.00 34.81  ? 89   SER B O   1 
ATOM   1522 C CB  . SER B 1 89  ? -2.569  -3.726  -3.817  1.00 27.72  ? 89   SER B CB  1 
ATOM   1523 O OG  . SER B 1 89  ? -2.119  -4.715  -4.670  1.00 27.35  ? 89   SER B OG  1 
ATOM   1524 N N   . GLY B 1 90  ? -3.820  -2.772  -1.158  1.00 35.73  ? 90   GLY B N   1 
ATOM   1525 C CA  . GLY B 1 90  ? -4.009  -1.664  -0.248  1.00 37.63  ? 90   GLY B CA  1 
ATOM   1526 C C   . GLY B 1 90  ? -5.062  -1.901  0.805   1.00 37.19  ? 90   GLY B C   1 
ATOM   1527 O O   . GLY B 1 90  ? -6.024  -2.637  0.613   1.00 32.83  ? 90   GLY B O   1 
ATOM   1528 N N   . ALA B 1 91  ? -4.866  -1.243  1.936   1.00 41.87  ? 91   ALA B N   1 
ATOM   1529 C CA  . ALA B 1 91  ? -5.795  -1.351  3.062   1.00 39.66  ? 91   ALA B CA  1 
ATOM   1530 C C   . ALA B 1 91  ? -6.914  -0.392  2.853   1.00 44.68  ? 91   ALA B C   1 
ATOM   1531 O O   . ALA B 1 91  ? -6.906  0.687   3.455   1.00 51.88  ? 91   ALA B O   1 
ATOM   1532 C CB  . ALA B 1 91  ? -5.080  -1.045  4.356   1.00 37.33  ? 91   ALA B CB  1 
ATOM   1533 N N   . ASP B 1 92  ? -7.868  -0.762  1.995   1.00 43.11  ? 92   ASP B N   1 
ATOM   1534 C CA  . ASP B 1 92  ? -9.042  0.039   1.761   1.00 43.23  ? 92   ASP B CA  1 
ATOM   1535 C C   . ASP B 1 92  ? -10.248 -0.781  2.104   1.00 48.38  ? 92   ASP B C   1 
ATOM   1536 O O   . ASP B 1 92  ? -10.673 -1.660  1.321   1.00 49.93  ? 92   ASP B O   1 
ATOM   1537 C CB  . ASP B 1 92  ? -9.161  0.540   0.313   1.00 46.55  ? 92   ASP B CB  1 
ATOM   1538 C CG  . ASP B 1 92  ? -10.547 1.188   0.018   1.00 53.18  ? 92   ASP B CG  1 
ATOM   1539 O OD1 . ASP B 1 92  ? -11.492 0.988   0.804   1.00 64.78  ? 92   ASP B OD1 1 
ATOM   1540 O OD2 . ASP B 1 92  ? -10.724 1.899   -0.993  1.00 54.75  ? 92   ASP B OD2 1 
ATOM   1541 N N   . ARG B 1 93  ? -10.869 -0.406  3.227   1.00 49.04  ? 93   ARG B N   1 
ATOM   1542 C CA  . ARG B 1 93  ? -11.836 -1.225  3.886   1.00 46.40  ? 93   ARG B CA  1 
ATOM   1543 C C   . ARG B 1 93  ? -13.058 -1.248  3.051   1.00 50.15  ? 93   ARG B C   1 
ATOM   1544 O O   . ARG B 1 93  ? -13.806 -2.220  3.098   1.00 55.25  ? 93   ARG B O   1 
ATOM   1545 C CB  . ARG B 1 93  ? -12.130 -0.693  5.284   1.00 49.80  ? 93   ARG B CB  1 
ATOM   1546 C CG  . ARG B 1 93  ? -10.918 -0.638  6.208   1.00 49.51  ? 93   ARG B CG  1 
ATOM   1547 C CD  . ARG B 1 93  ? -11.342 -0.694  7.676   1.00 48.19  ? 93   ARG B CD  1 
ATOM   1548 N NE  . ARG B 1 93  ? -10.221 -1.090  8.531   1.00 48.37  ? 93   ARG B NE  1 
ATOM   1549 C CZ  . ARG B 1 93  ? -10.360 -1.585  9.753   1.00 47.51  ? 93   ARG B CZ  1 
ATOM   1550 N NH1 . ARG B 1 93  ? -11.575 -1.722  10.269  1.00 58.98  ? 93   ARG B NH1 1 
ATOM   1551 N NH2 . ARG B 1 93  ? -9.300  -1.929  10.470  1.00 45.45  ? 93   ARG B NH2 1 
ATOM   1552 N N   . ASN B 1 94  ? -13.254 -0.188  2.259   1.00 55.48  ? 94   ASN B N   1 
ATOM   1553 C CA  . ASN B 1 94  ? -14.479 -0.037  1.471   1.00 58.82  ? 94   ASN B CA  1 
ATOM   1554 C C   . ASN B 1 94  ? -14.429 -0.925  0.246   1.00 50.32  ? 94   ASN B C   1 
ATOM   1555 O O   . ASN B 1 94  ? -15.406 -1.595  -0.059  1.00 50.64  ? 94   ASN B O   1 
ATOM   1556 C CB  . ASN B 1 94  ? -14.848 1.455   1.193   1.00 70.71  ? 94   ASN B CB  1 
ATOM   1557 C CG  . ASN B 1 94  ? -14.465 1.981   -0.201  1.00 82.31  ? 94   ASN B CG  1 
ATOM   1558 O OD1 . ASN B 1 94  ? -13.726 1.366   -0.971  1.00 97.69  ? 94   ASN B OD1 1 
ATOM   1559 N ND2 . ASN B 1 94  ? -14.970 3.178   -0.508  1.00 88.14  ? 94   ASN B ND2 1 
ATOM   1560 N N   . ALA B 1 95  ? -13.278 -0.941  -0.412  1.00 49.44  ? 95   ALA B N   1 
ATOM   1561 C CA  . ALA B 1 95  ? -12.988 -1.846  -1.528  1.00 46.73  ? 95   ALA B CA  1 
ATOM   1562 C C   . ALA B 1 95  ? -13.199 -3.306  -1.113  1.00 40.56  ? 95   ALA B C   1 
ATOM   1563 O O   . ALA B 1 95  ? -13.743 -4.127  -1.877  1.00 39.34  ? 95   ALA B O   1 
ATOM   1564 C CB  . ALA B 1 95  ? -11.564 -1.611  -1.993  1.00 43.34  ? 95   ALA B CB  1 
ATOM   1565 N N   . LEU B 1 96  ? -12.762 -3.623  0.100   1.00 39.89  ? 96   LEU B N   1 
ATOM   1566 C CA  . LEU B 1 96  ? -12.912 -4.990  0.615   1.00 42.34  ? 96   LEU B CA  1 
ATOM   1567 C C   . LEU B 1 96  ? -14.373 -5.383  0.850   1.00 46.80  ? 96   LEU B C   1 
ATOM   1568 O O   . LEU B 1 96  ? -14.754 -6.556  0.684   1.00 41.70  ? 96   LEU B O   1 
ATOM   1569 C CB  . LEU B 1 96  ? -12.060 -5.205  1.880   1.00 42.21  ? 96   LEU B CB  1 
ATOM   1570 C CG  . LEU B 1 96  ? -12.120 -6.631  2.493   1.00 42.92  ? 96   LEU B CG  1 
ATOM   1571 C CD1 . LEU B 1 96  ? -11.542 -7.658  1.523   1.00 40.45  ? 96   LEU B CD1 1 
ATOM   1572 C CD2 . LEU B 1 96  ? -11.364 -6.697  3.804   1.00 43.51  ? 96   LEU B CD2 1 
ATOM   1573 N N   . LYS B 1 97  ? -15.196 -4.392  1.228   1.00 47.48  ? 97   LYS B N   1 
ATOM   1574 C CA  . LYS B 1 97  ? -16.611 -4.600  1.470   1.00 39.45  ? 97   LYS B CA  1 
ATOM   1575 C C   . LYS B 1 97  ? -17.311 -4.802  0.162   1.00 43.14  ? 97   LYS B C   1 
ATOM   1576 O O   . LYS B 1 97  ? -18.121 -5.719  0.032   1.00 47.58  ? 97   LYS B O   1 
ATOM   1577 C CB  . LYS B 1 97  ? -17.254 -3.408  2.226   1.00 42.52  ? 97   LYS B CB  1 
ATOM   1578 N N   . GLN B 1 98  ? -17.010 -3.961  -0.813  1.00 43.89  ? 98   GLN B N   1 
ATOM   1579 C CA  . GLN B 1 98  ? -17.592 -4.119  -2.134  1.00 50.00  ? 98   GLN B CA  1 
ATOM   1580 C C   . GLN B 1 98  ? -17.283 -5.540  -2.585  1.00 47.48  ? 98   GLN B C   1 
ATOM   1581 O O   . GLN B 1 98  ? -18.206 -6.331  -2.835  1.00 45.55  ? 98   GLN B O   1 
ATOM   1582 C CB  . GLN B 1 98  ? -17.033 -3.099  -3.146  1.00 62.86  ? 98   GLN B CB  1 
ATOM   1583 C CG  . GLN B 1 98  ? -17.177 -1.616  -2.762  1.00 75.16  ? 98   GLN B CG  1 
ATOM   1584 C CD  . GLN B 1 98  ? -16.107 -0.684  -3.379  1.00 82.03  ? 98   GLN B CD  1 
ATOM   1585 O OE1 . GLN B 1 98  ? -15.511 -0.995  -4.422  1.00 85.37  ? 98   GLN B OE1 1 
ATOM   1586 N NE2 . GLN B 1 98  ? -15.881 0.482   -2.737  1.00 75.63  ? 98   GLN B NE2 1 
ATOM   1587 N N   . MET B 1 99  ? -15.995 -5.871  -2.674  1.00 47.30  ? 99   MET B N   1 
ATOM   1588 C CA  . MET B 1 99  ? -15.550 -7.246  -3.089  1.00 43.84  ? 99   MET B CA  1 
ATOM   1589 C C   . MET B 1 99  ? -16.363 -8.355  -2.388  1.00 44.38  ? 99   MET B C   1 
ATOM   1590 O O   . MET B 1 99  ? -16.957 -9.221  -3.034  1.00 48.74  ? 99   MET B O   1 
ATOM   1591 C CB  . MET B 1 99  ? -14.049 -7.442  -2.807  1.00 42.65  ? 99   MET B CB  1 
ATOM   1592 C CG  . MET B 1 99  ? -13.501 -8.825  -3.228  1.00 42.84  ? 99   MET B CG  1 
ATOM   1593 S SD  . MET B 1 99  ? -11.711 -9.012  -2.967  1.00 34.96  ? 99   MET B SD  1 
ATOM   1594 C CE  . MET B 1 99  ? -11.068 -8.161  -4.438  1.00 36.12  ? 99   MET B CE  1 
ATOM   1595 N N   . VAL B 1 100 ? -16.424 -8.286  -1.064  1.00 47.57  ? 100  VAL B N   1 
ATOM   1596 C CA  . VAL B 1 100 ? -17.144 -9.281  -0.280  1.00 49.80  ? 100  VAL B CA  1 
ATOM   1597 C C   . VAL B 1 100 ? -18.646 -9.244  -0.570  1.00 56.35  ? 100  VAL B C   1 
ATOM   1598 O O   . VAL B 1 100 ? -19.272 -10.294 -0.771  1.00 45.63  ? 100  VAL B O   1 
ATOM   1599 C CB  . VAL B 1 100 ? -16.870 -9.105  1.223   1.00 49.02  ? 100  VAL B CB  1 
ATOM   1600 C CG1 . VAL B 1 100 ? -17.694 -10.096 2.018   1.00 53.66  ? 100  VAL B CG1 1 
ATOM   1601 C CG2 . VAL B 1 100 ? -15.380 -9.275  1.515   1.00 45.70  ? 100  VAL B CG2 1 
ATOM   1602 N N   . GLU B 1 101 ? -19.215 -8.042  -0.624  1.00 63.43  ? 101  GLU B N   1 
ATOM   1603 C CA  . GLU B 1 101 ? -20.626 -7.884  -1.000  1.00 71.19  ? 101  GLU B CA  1 
ATOM   1604 C C   . GLU B 1 101 ? -20.887 -8.323  -2.440  1.00 66.24  ? 101  GLU B C   1 
ATOM   1605 O O   . GLU B 1 101 ? -21.848 -9.050  -2.680  1.00 69.04  ? 101  GLU B O   1 
ATOM   1606 C CB  . GLU B 1 101 ? -21.129 -6.428  -0.817  1.00 83.63  ? 101  GLU B CB  1 
ATOM   1607 C CG  . GLU B 1 101 ? -21.525 -6.030  0.606   1.00 87.93  ? 101  GLU B CG  1 
ATOM   1608 C CD  . GLU B 1 101 ? -21.561 -4.516  0.813   1.00 99.07  ? 101  GLU B CD  1 
ATOM   1609 O OE1 . GLU B 1 101 ? -21.727 -3.761  -0.181  1.00 99.50  ? 101  GLU B OE1 1 
ATOM   1610 O OE2 . GLU B 1 101 ? -21.407 -4.080  1.979   1.00 105.47 ? 101  GLU B OE2 1 
ATOM   1611 N N   . THR B 1 102 ? -20.065 -7.876  -3.394  1.00 62.63  ? 102  THR B N   1 
ATOM   1612 C CA  . THR B 1 102 ? -20.339 -8.152  -4.812  1.00 62.77  ? 102  THR B CA  1 
ATOM   1613 C C   . THR B 1 102 ? -19.705 -9.470  -5.245  1.00 66.16  ? 102  THR B C   1 
ATOM   1614 O O   . THR B 1 102 ? -19.288 -9.608  -6.398  1.00 66.68  ? 102  THR B O   1 
ATOM   1615 C CB  . THR B 1 102 ? -19.823 -7.051  -5.796  1.00 68.27  ? 102  THR B CB  1 
ATOM   1616 O OG1 . THR B 1 102 ? -18.405 -6.875  -5.647  1.00 71.42  ? 102  THR B OG1 1 
ATOM   1617 C CG2 . THR B 1 102 ? -20.553 -5.704  -5.642  1.00 65.44  ? 102  THR B CG2 1 
ATOM   1618 N N   . ALA B 1 103 ? -19.624 -10.449 -4.354  1.00 59.87  ? 103  ALA B N   1 
ATOM   1619 C CA  . ALA B 1 103 ? -19.187 -11.757 -4.796  1.00 63.27  ? 103  ALA B CA  1 
ATOM   1620 C C   . ALA B 1 103 ? -20.092 -12.322 -5.887  1.00 80.58  ? 103  ALA B C   1 
ATOM   1621 O O   . ALA B 1 103 ? -19.798 -13.411 -6.384  1.00 93.24  ? 103  ALA B O   1 
ATOM   1622 C CB  . ALA B 1 103 ? -19.088 -12.724 -3.630  1.00 57.03  ? 103  ALA B CB  1 
ATOM   1623 N N   . HIS B 1 104 ? -21.174 -11.603 -6.262  1.00 87.85  ? 104  HIS B N   1 
ATOM   1624 C CA  . HIS B 1 104 ? -22.071 -12.021 -7.359  1.00 87.06  ? 104  HIS B CA  1 
ATOM   1625 C C   . HIS B 1 104 ? -22.710 -13.290 -6.828  1.00 87.69  ? 104  HIS B C   1 
ATOM   1626 O O   . HIS B 1 104 ? -23.180 -14.157 -7.570  1.00 82.95  ? 104  HIS B O   1 
ATOM   1627 C CB  . HIS B 1 104 ? -21.232 -12.314 -8.610  1.00 87.10  ? 104  HIS B CB  1 
ATOM   1628 C CG  . HIS B 1 104 ? -21.897 -11.976 -9.901  1.00 94.31  ? 104  HIS B CG  1 
ATOM   1629 N ND1 . HIS B 1 104 ? -21.185 -11.792 -11.066 1.00 99.38  ? 104  HIS B ND1 1 
ATOM   1630 C CD2 . HIS B 1 104 ? -23.199 -11.793 -10.221 1.00 100.92 ? 104  HIS B CD2 1 
ATOM   1631 C CE1 . HIS B 1 104 ? -22.019 -11.514 -12.050 1.00 106.76 ? 104  HIS B CE1 1 
ATOM   1632 N NE2 . HIS B 1 104 ? -23.248 -11.511 -11.565 1.00 105.18 ? 104  HIS B NE2 1 
ATOM   1633 N N   . HIS B 1 105 ? -22.746 -13.335 -5.500  1.00 89.71  ? 105  HIS B N   1 
ATOM   1634 C CA  . HIS B 1 105 ? -22.387 -14.525 -4.751  1.00 86.79  ? 105  HIS B CA  1 
ATOM   1635 C C   . HIS B 1 105 ? -22.500 -15.825 -5.516  1.00 87.37  ? 105  HIS B C   1 
ATOM   1636 O O   . HIS B 1 105 ? -21.730 -16.746 -5.248  1.00 80.72  ? 105  HIS B O   1 
ATOM   1637 C CB  . HIS B 1 105 ? -23.151 -14.629 -3.443  1.00 90.56  ? 105  HIS B CB  1 
ATOM   1638 C CG  . HIS B 1 105 ? -22.460 -15.487 -2.435  1.00 90.86  ? 105  HIS B CG  1 
ATOM   1639 N ND1 . HIS B 1 105 ? -22.129 -16.801 -2.685  1.00 87.56  ? 105  HIS B ND1 1 
ATOM   1640 C CD2 . HIS B 1 105 ? -22.017 -15.216 -1.185  1.00 97.57  ? 105  HIS B CD2 1 
ATOM   1641 C CE1 . HIS B 1 105 ? -21.526 -17.309 -1.628  1.00 91.41  ? 105  HIS B CE1 1 
ATOM   1642 N NE2 . HIS B 1 105 ? -21.444 -16.367 -0.704  1.00 97.09  ? 105  HIS B NE2 1 
HETATM 1643 O O   . HOH C 2 .   ? 4.764   21.660  8.942   1.00 40.20  ? 2001 HOH A O   1 
HETATM 1644 O O   . HOH C 2 .   ? 6.197   19.291  8.010   1.00 20.52  ? 2002 HOH A O   1 
HETATM 1645 O O   . HOH C 2 .   ? 1.325   14.348  11.674  1.00 38.05  ? 2003 HOH A O   1 
HETATM 1646 O O   . HOH C 2 .   ? -0.845  15.941  10.104  1.00 39.73  ? 2004 HOH A O   1 
HETATM 1647 O O   . HOH C 2 .   ? -2.730  6.703   4.437   1.00 49.09  ? 2005 HOH A O   1 
HETATM 1648 O O   . HOH C 2 .   ? -0.630  8.542   6.285   1.00 35.33  ? 2006 HOH A O   1 
HETATM 1649 O O   . HOH C 2 .   ? -2.228  11.111  2.956   1.00 41.83  ? 2007 HOH A O   1 
HETATM 1650 O O   . HOH C 2 .   ? -3.929  14.899  -7.666  1.00 33.46  ? 2008 HOH A O   1 
HETATM 1651 O O   . HOH C 2 .   ? -5.436  17.594  -8.352  1.00 31.38  ? 2009 HOH A O   1 
HETATM 1652 O O   . HOH C 2 .   ? -1.623  26.390  -6.883  1.00 38.33  ? 2010 HOH A O   1 
HETATM 1653 O O   . HOH C 2 .   ? -0.802  23.429  -9.962  1.00 34.92  ? 2011 HOH A O   1 
HETATM 1654 O O   . HOH C 2 .   ? -6.787  22.582  -5.824  1.00 40.62  ? 2012 HOH A O   1 
HETATM 1655 O O   . HOH C 2 .   ? -1.037  24.829  -0.047  1.00 20.55  ? 2013 HOH A O   1 
HETATM 1656 O O   . HOH C 2 .   ? -3.321  24.530  0.493   1.00 32.42  ? 2014 HOH A O   1 
HETATM 1657 O O   . HOH C 2 .   ? 6.444   1.982   1.955   1.00 47.03  ? 2015 HOH A O   1 
HETATM 1658 O O   . HOH C 2 .   ? 3.867   21.336  -8.224  1.00 28.68  ? 2016 HOH A O   1 
HETATM 1659 O O   . HOH C 2 .   ? 0.387   28.451  -6.686  1.00 48.35  ? 2017 HOH A O   1 
HETATM 1660 O O   . HOH C 2 .   ? 9.399   29.274  -2.205  1.00 48.78  ? 2018 HOH A O   1 
HETATM 1661 O O   . HOH C 2 .   ? 9.784   25.259  -2.547  1.00 33.40  ? 2019 HOH A O   1 
HETATM 1662 O O   . HOH C 2 .   ? 9.637   28.001  4.426   1.00 45.97  ? 2020 HOH A O   1 
HETATM 1663 O O   . HOH C 2 .   ? 10.249  25.418  4.578   1.00 46.87  ? 2021 HOH A O   1 
HETATM 1664 O O   . HOH C 2 .   ? -7.981  8.378   -9.540  1.00 42.83  ? 2022 HOH A O   1 
HETATM 1665 O O   . HOH C 2 .   ? 6.008   6.425   3.410   1.00 29.96  ? 2023 HOH A O   1 
HETATM 1666 O O   . HOH C 2 .   ? 3.539   1.713   2.842   1.00 43.03  ? 2024 HOH A O   1 
HETATM 1667 O O   . HOH C 2 .   ? -2.648  3.907   -1.501  1.00 32.89  ? 2025 HOH A O   1 
HETATM 1668 O O   . HOH C 2 .   ? 7.051   -0.598  0.874   1.00 50.86  ? 2026 HOH A O   1 
HETATM 1669 O O   . HOH C 2 .   ? 11.232  -0.216  -0.968  1.00 36.46  ? 2027 HOH A O   1 
HETATM 1670 O O   . HOH C 2 .   ? 7.446   18.026  -11.234 1.00 47.93  ? 2028 HOH A O   1 
HETATM 1671 O O   . HOH C 2 .   ? 11.303  14.630  -16.549 1.00 49.56  ? 2029 HOH A O   1 
HETATM 1672 O O   . HOH C 2 .   ? 5.111   -1.289  7.389   1.00 39.93  ? 2030 HOH A O   1 
HETATM 1673 O O   . HOH C 2 .   ? 7.390   3.933   2.887   1.00 30.80  ? 2031 HOH A O   1 
HETATM 1674 O O   . HOH C 2 .   ? 10.480  3.472   9.984   1.00 24.71  ? 2032 HOH A O   1 
HETATM 1675 O O   . HOH C 2 .   ? 5.615   14.608  12.621  1.00 34.08  ? 2033 HOH A O   1 
HETATM 1676 O O   . HOH C 2 .   ? 8.304   19.575  9.758   1.00 22.40  ? 2034 HOH A O   1 
HETATM 1677 O O   . HOH C 2 .   ? 8.579   19.265  16.775  1.00 25.31  ? 2035 HOH A O   1 
HETATM 1678 O O   . HOH C 2 .   ? 13.814  26.560  5.541   1.00 43.55  ? 2036 HOH A O   1 
HETATM 1679 O O   . HOH C 2 .   ? 16.895  23.947  5.425   1.00 40.21  ? 2037 HOH A O   1 
HETATM 1680 O O   . HOH C 2 .   ? 1.591   23.847  7.166   1.00 38.10  ? 2038 HOH A O   1 
HETATM 1681 O O   . HOH C 2 .   ? -5.809  5.307   -0.703  1.00 39.42  ? 2039 HOH A O   1 
HETATM 1682 O O   . HOH C 2 .   ? -2.777  7.376   -9.338  1.00 54.09  ? 2040 HOH A O   1 
HETATM 1683 O O   . HOH C 2 .   ? -5.148  0.809   -4.503  1.00 46.36  ? 2041 HOH A O   1 
HETATM 1684 O O   . HOH C 2 .   ? -6.727  10.159  -7.853  1.00 47.09  ? 2042 HOH A O   1 
HETATM 1685 O O   . HOH C 2 .   ? -6.078  13.986  -9.318  1.00 35.64  ? 2043 HOH A O   1 
HETATM 1686 O O   . HOH C 2 .   ? 4.249   20.947  -10.775 1.00 49.52  ? 2044 HOH A O   1 
HETATM 1687 O O   . HOH C 2 .   ? 1.936   17.076  -16.667 1.00 33.46  ? 2045 HOH A O   1 
HETATM 1688 O O   . HOH C 2 .   ? 8.637   20.914  -8.603  1.00 39.81  ? 2046 HOH A O   1 
HETATM 1689 O O   . HOH C 2 .   ? 10.202  8.960   -10.112 1.00 38.14  ? 2047 HOH A O   1 
HETATM 1690 O O   . HOH C 2 .   ? 8.865   7.122   -8.873  1.00 18.12  ? 2048 HOH A O   1 
HETATM 1691 O O   . HOH C 2 .   ? 9.280   18.442  -9.658  1.00 41.88  ? 2049 HOH A O   1 
HETATM 1692 O O   . HOH C 2 .   ? 15.602  15.017  -9.692  1.00 35.54  ? 2050 HOH A O   1 
HETATM 1693 O O   . HOH C 2 .   ? 18.949  10.933  -0.437  1.00 38.99  ? 2051 HOH A O   1 
HETATM 1694 O O   . HOH C 2 .   ? 17.055  13.642  -8.430  1.00 42.61  ? 2052 HOH A O   1 
HETATM 1695 O O   . HOH C 2 .   ? 8.972   15.845  -12.660 1.00 45.31  ? 2053 HOH A O   1 
HETATM 1696 O O   . HOH C 2 .   ? 18.048  20.395  7.035   1.00 47.73  ? 2054 HOH A O   1 
HETATM 1697 O O   . HOH D 2 .   ? -9.633  -17.044 11.935  1.00 43.35  ? 2001 HOH B O   1 
HETATM 1698 O O   . HOH D 2 .   ? -7.792  -18.406 11.688  1.00 46.33  ? 2002 HOH B O   1 
HETATM 1699 O O   . HOH D 2 .   ? -0.751  -17.420 7.544   1.00 40.95  ? 2003 HOH B O   1 
HETATM 1700 O O   . HOH D 2 .   ? -6.717  -15.901 11.425  1.00 53.18  ? 2004 HOH B O   1 
HETATM 1701 O O   . HOH D 2 .   ? 4.558   -20.750 9.324   1.00 54.63  ? 2005 HOH B O   1 
HETATM 1702 O O   . HOH D 2 .   ? 1.212   -29.034 -1.230  1.00 31.85  ? 2006 HOH B O   1 
HETATM 1703 O O   . HOH D 2 .   ? 0.101   -22.362 7.558   1.00 45.20  ? 2007 HOH B O   1 
HETATM 1704 O O   . HOH D 2 .   ? -0.606  -18.476 5.311   1.00 34.24  ? 2008 HOH B O   1 
HETATM 1705 O O   . HOH D 2 .   ? -0.509  -24.761 3.216   1.00 26.47  ? 2009 HOH B O   1 
HETATM 1706 O O   . HOH D 2 .   ? 3.760   -21.246 -1.881  1.00 28.56  ? 2010 HOH B O   1 
HETATM 1707 O O   . HOH D 2 .   ? 3.272   -18.588 7.424   1.00 45.82  ? 2011 HOH B O   1 
HETATM 1708 O O   . HOH D 2 .   ? 4.803   -23.736 2.099   1.00 47.21  ? 2012 HOH B O   1 
HETATM 1709 O O   . HOH D 2 .   ? 2.302   -26.877 -3.494  1.00 40.01  ? 2013 HOH B O   1 
HETATM 1710 O O   . HOH D 2 .   ? -3.427  -30.245 -4.707  1.00 36.96  ? 2014 HOH B O   1 
HETATM 1711 O O   . HOH D 2 .   ? -1.223  -26.006 -8.293  1.00 41.44  ? 2015 HOH B O   1 
HETATM 1712 O O   . HOH D 2 .   ? -6.477  -27.693 -0.163  1.00 38.16  ? 2016 HOH B O   1 
HETATM 1713 O O   . HOH D 2 .   ? -4.566  -21.204 -7.161  1.00 26.99  ? 2017 HOH B O   1 
HETATM 1714 O O   . HOH D 2 .   ? -1.994  -22.963 -10.157 1.00 47.02  ? 2018 HOH B O   1 
HETATM 1715 O O   . HOH D 2 .   ? -13.311 -21.245 -6.796  1.00 28.75  ? 2019 HOH B O   1 
HETATM 1716 O O   . HOH D 2 .   ? -14.616 -24.638 -8.950  1.00 40.07  ? 2020 HOH B O   1 
HETATM 1717 O O   . HOH D 2 .   ? -1.229  -8.643  8.386   1.00 38.90  ? 2021 HOH B O   1 
HETATM 1718 O O   . HOH D 2 .   ? 4.669   -12.126 7.204   1.00 38.00  ? 2022 HOH B O   1 
HETATM 1719 O O   . HOH D 2 .   ? -7.750  -0.625  7.368   1.00 41.63  ? 2023 HOH B O   1 
HETATM 1720 O O   . HOH D 2 .   ? -15.471 0.025   7.153   1.00 50.14  ? 2024 HOH B O   1 
HETATM 1721 O O   . HOH D 2 .   ? -21.608 -15.542 2.274   1.00 42.95  ? 2025 HOH B O   1 
HETATM 1722 O O   . HOH D 2 .   ? -2.559  -14.240 10.454  1.00 44.11  ? 2026 HOH B O   1 
HETATM 1723 O O   . HOH D 2 .   ? 7.784   -19.458 0.535   1.00 52.65  ? 2027 HOH B O   1 
HETATM 1724 O O   . HOH D 2 .   ? 6.482   -21.613 -1.622  1.00 42.03  ? 2028 HOH B O   1 
HETATM 1725 O O   . HOH D 2 .   ? 3.468   -20.589 -9.568  1.00 44.93  ? 2029 HOH B O   1 
HETATM 1726 O O   . HOH D 2 .   ? 3.826   -27.220 -6.032  1.00 46.10  ? 2030 HOH B O   1 
HETATM 1727 O O   . HOH D 2 .   ? -1.330  -14.960 -12.851 1.00 30.86  ? 2031 HOH B O   1 
HETATM 1728 O O   . HOH D 2 .   ? 1.029   -6.975  -6.553  1.00 28.76  ? 2032 HOH B O   1 
HETATM 1729 O O   . HOH D 2 .   ? 6.399   -12.751 -8.860  1.00 43.34  ? 2033 HOH B O   1 
HETATM 1730 O O   . HOH D 2 .   ? 5.761   -10.618 -2.378  1.00 45.02  ? 2034 HOH B O   1 
HETATM 1731 O O   . HOH D 2 .   ? -15.885 -21.886 -14.170 1.00 27.70  ? 2035 HOH B O   1 
HETATM 1732 O O   . HOH D 2 .   ? -8.234  -16.735 -13.367 1.00 24.72  ? 2036 HOH B O   1 
HETATM 1733 O O   . HOH D 2 .   ? -8.060  -9.837  -11.587 1.00 32.57  ? 2037 HOH B O   1 
HETATM 1734 O O   . HOH D 2 .   ? -8.777  -14.229 -14.558 1.00 40.16  ? 2038 HOH B O   1 
HETATM 1735 O O   . HOH D 2 .   ? -8.983  -6.770  -10.869 1.00 38.44  ? 2039 HOH B O   1 
HETATM 1736 O O   . HOH D 2 .   ? -1.375  -7.418  -7.580  1.00 35.91  ? 2040 HOH B O   1 
HETATM 1737 O O   . HOH D 2 .   ? -5.456  -1.977  -6.443  1.00 26.56  ? 2041 HOH B O   1 
HETATM 1738 O O   . HOH D 2 .   ? -3.248  -5.599  -7.174  1.00 36.24  ? 2042 HOH B O   1 
HETATM 1739 O O   . HOH D 2 .   ? -9.326  1.901   5.025   1.00 41.63  ? 2043 HOH B O   1 
HETATM 1740 O O   . HOH D 2 .   ? -10.881 -2.961  13.549  1.00 48.68  ? 2044 HOH B O   1 
HETATM 1741 O O   . HOH D 2 .   ? -14.535 2.514   3.657   1.00 54.05  ? 2045 HOH B O   1 
# 
